data_3TVC
# 
_entry.id   3TVC 
# 
_audit_conform.dict_name       mmcif_pdbx.dic 
_audit_conform.dict_version    5.379 
_audit_conform.dict_location   http://mmcif.pdb.org/dictionaries/ascii/mmcif_pdbx.dic 
# 
loop_
_database_2.database_id 
_database_2.database_code 
_database_2.pdbx_database_accession 
_database_2.pdbx_DOI 
PDB   3TVC         pdb_00003tvc 10.2210/pdb3tvc/pdb 
RCSB  RCSB067965   ?            ?                   
WWPDB D_1000067965 ?            ?                   
# 
loop_
_pdbx_database_related.db_name 
_pdbx_database_related.db_id 
_pdbx_database_related.details 
_pdbx_database_related.content_type 
PDB 3QJ2 . unspecified 
PDB 1XUC . unspecified 
PDB 3KEC . unspecified 
PDB 3TS4 . unspecified 
PDB 3TSK . unspecified 
PDB 3TT4 . unspecified 
# 
_pdbx_database_status.status_code                     REL 
_pdbx_database_status.entry_id                        3TVC 
_pdbx_database_status.recvd_initial_deposition_date   2011-09-20 
_pdbx_database_status.deposit_site                    RCSB 
_pdbx_database_status.process_site                    RCSB 
_pdbx_database_status.status_code_sf                  REL 
_pdbx_database_status.status_code_mr                  ? 
_pdbx_database_status.SG_entry                        ? 
_pdbx_database_status.status_code_cs                  ? 
_pdbx_database_status.methods_development_category    ? 
_pdbx_database_status.pdb_format_compatible           Y 
_pdbx_database_status.status_code_nmr_data            ? 
# 
loop_
_audit_author.name 
_audit_author.pdbx_ordinal 
'Stura, E.A.'           1 
'Dive, V.'              2 
'Devel, L.'             3 
'Czarny, B.'            4 
'Beau, F.'              5 
'Vera, L.'              6 
'Cassar-Lajeunesse, E.' 7 
# 
_citation.id                        primary 
_citation.title                     
;Simple pseudo-dipeptides with a P2' glutamate: a novel inhibitor family of matrix metalloproteases and other metzincins.
;
_citation.journal_abbrev            J.Biol.Chem. 
_citation.journal_volume            287 
_citation.page_first                26647 
_citation.page_last                 26656 
_citation.year                      2012 
_citation.journal_id_ASTM           JBCHA3 
_citation.country                   US 
_citation.journal_id_ISSN           0021-9258 
_citation.journal_id_CSD            0071 
_citation.book_publisher            ? 
_citation.pdbx_database_id_PubMed   22689580 
_citation.pdbx_database_id_DOI      10.1074/jbc.M112.380782 
# 
loop_
_citation_author.citation_id 
_citation_author.name 
_citation_author.ordinal 
_citation_author.identifier_ORCID 
primary 'Devel, L.'             1 ? 
primary 'Beau, F.'              2 ? 
primary 'Amoura, M.'            3 ? 
primary 'Vera, L.'              4 ? 
primary 'Cassar-Lajeunesse, E.' 5 ? 
primary 'Garcia, S.'            6 ? 
primary 'Czarny, B.'            7 ? 
primary 'Stura, E.A.'           8 ? 
primary 'Dive, V.'              9 ? 
# 
_cell.entry_id           3TVC 
_cell.length_a           60.303 
_cell.length_b           85.160 
_cell.length_c           40.916 
_cell.angle_alpha        90.00 
_cell.angle_beta         90.00 
_cell.angle_gamma        90.00 
_cell.Z_PDB              4 
_cell.pdbx_unique_axis   ? 
_cell.length_a_esd       ? 
_cell.length_b_esd       ? 
_cell.length_c_esd       ? 
_cell.angle_alpha_esd    ? 
_cell.angle_beta_esd     ? 
_cell.angle_gamma_esd    ? 
# 
_symmetry.entry_id                         3TVC 
_symmetry.space_group_name_H-M             'P 21 21 2' 
_symmetry.pdbx_full_space_group_name_H-M   ? 
_symmetry.cell_setting                     ? 
_symmetry.Int_Tables_number                18 
_symmetry.space_group_name_Hall            ? 
# 
loop_
_entity.id 
_entity.type 
_entity.src_method 
_entity.pdbx_description 
_entity.formula_weight 
_entity.pdbx_number_of_molecules 
_entity.pdbx_ec 
_entity.pdbx_mutation 
_entity.pdbx_fragment 
_entity.details 
1 polymer     man 'Collagenase 3'                                                    19024.166 1   3.4.24.- ? 
'MMP-13 catalytic subunit (UNP residues 104-272)' ? 
2 non-polymer syn 'ZINC ION'                                                         65.409    2   ?        ? ? ? 
3 non-polymer syn 'CALCIUM ION'                                                      40.078    3   ?        ? ? ? 
4 non-polymer syn "N~2~-[3-(1,1':4',1''-terphenyl-4-yl)propanoyl]-L-alpha-glutamine" 430.496   1   ?        ? ? ? 
5 non-polymer syn 'DI(HYDROXYETHYL)ETHER'                                            106.120   3   ?        ? ? ? 
6 water       nat water                                                              18.015    105 ?        ? ? ? 
# 
_entity_name_com.entity_id   1 
_entity_name_com.name        'Matrix metalloproteinase-13, MMP-13' 
# 
_entity_poly.entity_id                      1 
_entity_poly.type                           'polypeptide(L)' 
_entity_poly.nstd_linkage                   no 
_entity_poly.nstd_monomer                   no 
_entity_poly.pdbx_seq_one_letter_code       
;YNVFPRTLKWSKMNLTYRIVNYTPDMTHSEVEKAFKKAFKVWSDVTPLNFTRLHDGIADIMISFGIKEHGDFYPFDGPSG
LLAHAFPPGPNYGGDAHFDDDETWTSSSKGYNLFLVAAHEFGHSLGLDHSKDPGALMFPIYTYTGKSHFMLPDDDVQGIQ
SLYGPGDED
;
_entity_poly.pdbx_seq_one_letter_code_can   
;YNVFPRTLKWSKMNLTYRIVNYTPDMTHSEVEKAFKKAFKVWSDVTPLNFTRLHDGIADIMISFGIKEHGDFYPFDGPSG
LLAHAFPPGPNYGGDAHFDDDETWTSSSKGYNLFLVAAHEFGHSLGLDHSKDPGALMFPIYTYTGKSHFMLPDDDVQGIQ
SLYGPGDED
;
_entity_poly.pdbx_strand_id                 A 
_entity_poly.pdbx_target_identifier         ? 
# 
loop_
_entity_poly_seq.entity_id 
_entity_poly_seq.num 
_entity_poly_seq.mon_id 
_entity_poly_seq.hetero 
1 1   TYR n 
1 2   ASN n 
1 3   VAL n 
1 4   PHE n 
1 5   PRO n 
1 6   ARG n 
1 7   THR n 
1 8   LEU n 
1 9   LYS n 
1 10  TRP n 
1 11  SER n 
1 12  LYS n 
1 13  MET n 
1 14  ASN n 
1 15  LEU n 
1 16  THR n 
1 17  TYR n 
1 18  ARG n 
1 19  ILE n 
1 20  VAL n 
1 21  ASN n 
1 22  TYR n 
1 23  THR n 
1 24  PRO n 
1 25  ASP n 
1 26  MET n 
1 27  THR n 
1 28  HIS n 
1 29  SER n 
1 30  GLU n 
1 31  VAL n 
1 32  GLU n 
1 33  LYS n 
1 34  ALA n 
1 35  PHE n 
1 36  LYS n 
1 37  LYS n 
1 38  ALA n 
1 39  PHE n 
1 40  LYS n 
1 41  VAL n 
1 42  TRP n 
1 43  SER n 
1 44  ASP n 
1 45  VAL n 
1 46  THR n 
1 47  PRO n 
1 48  LEU n 
1 49  ASN n 
1 50  PHE n 
1 51  THR n 
1 52  ARG n 
1 53  LEU n 
1 54  HIS n 
1 55  ASP n 
1 56  GLY n 
1 57  ILE n 
1 58  ALA n 
1 59  ASP n 
1 60  ILE n 
1 61  MET n 
1 62  ILE n 
1 63  SER n 
1 64  PHE n 
1 65  GLY n 
1 66  ILE n 
1 67  LYS n 
1 68  GLU n 
1 69  HIS n 
1 70  GLY n 
1 71  ASP n 
1 72  PHE n 
1 73  TYR n 
1 74  PRO n 
1 75  PHE n 
1 76  ASP n 
1 77  GLY n 
1 78  PRO n 
1 79  SER n 
1 80  GLY n 
1 81  LEU n 
1 82  LEU n 
1 83  ALA n 
1 84  HIS n 
1 85  ALA n 
1 86  PHE n 
1 87  PRO n 
1 88  PRO n 
1 89  GLY n 
1 90  PRO n 
1 91  ASN n 
1 92  TYR n 
1 93  GLY n 
1 94  GLY n 
1 95  ASP n 
1 96  ALA n 
1 97  HIS n 
1 98  PHE n 
1 99  ASP n 
1 100 ASP n 
1 101 ASP n 
1 102 GLU n 
1 103 THR n 
1 104 TRP n 
1 105 THR n 
1 106 SER n 
1 107 SER n 
1 108 SER n 
1 109 LYS n 
1 110 GLY n 
1 111 TYR n 
1 112 ASN n 
1 113 LEU n 
1 114 PHE n 
1 115 LEU n 
1 116 VAL n 
1 117 ALA n 
1 118 ALA n 
1 119 HIS n 
1 120 GLU n 
1 121 PHE n 
1 122 GLY n 
1 123 HIS n 
1 124 SER n 
1 125 LEU n 
1 126 GLY n 
1 127 LEU n 
1 128 ASP n 
1 129 HIS n 
1 130 SER n 
1 131 LYS n 
1 132 ASP n 
1 133 PRO n 
1 134 GLY n 
1 135 ALA n 
1 136 LEU n 
1 137 MET n 
1 138 PHE n 
1 139 PRO n 
1 140 ILE n 
1 141 TYR n 
1 142 THR n 
1 143 TYR n 
1 144 THR n 
1 145 GLY n 
1 146 LYS n 
1 147 SER n 
1 148 HIS n 
1 149 PHE n 
1 150 MET n 
1 151 LEU n 
1 152 PRO n 
1 153 ASP n 
1 154 ASP n 
1 155 ASP n 
1 156 VAL n 
1 157 GLN n 
1 158 GLY n 
1 159 ILE n 
1 160 GLN n 
1 161 SER n 
1 162 LEU n 
1 163 TYR n 
1 164 GLY n 
1 165 PRO n 
1 166 GLY n 
1 167 ASP n 
1 168 GLU n 
1 169 ASP n 
# 
_entity_src_gen.entity_id                          1 
_entity_src_gen.pdbx_src_id                        1 
_entity_src_gen.pdbx_alt_source_flag               sample 
_entity_src_gen.pdbx_seq_type                      ? 
_entity_src_gen.pdbx_beg_seq_num                   ? 
_entity_src_gen.pdbx_end_seq_num                   ? 
_entity_src_gen.gene_src_common_name               human 
_entity_src_gen.gene_src_genus                     ? 
_entity_src_gen.pdbx_gene_src_gene                 MMP13 
_entity_src_gen.gene_src_species                   ? 
_entity_src_gen.gene_src_strain                    ? 
_entity_src_gen.gene_src_tissue                    ? 
_entity_src_gen.gene_src_tissue_fraction           ? 
_entity_src_gen.gene_src_details                   'Expressed as Pro-MMP13' 
_entity_src_gen.pdbx_gene_src_fragment             ? 
_entity_src_gen.pdbx_gene_src_scientific_name      'Homo sapiens' 
_entity_src_gen.pdbx_gene_src_ncbi_taxonomy_id     9606 
_entity_src_gen.pdbx_gene_src_variant              ? 
_entity_src_gen.pdbx_gene_src_cell_line            ? 
_entity_src_gen.pdbx_gene_src_atcc                 ? 
_entity_src_gen.pdbx_gene_src_organ                ? 
_entity_src_gen.pdbx_gene_src_organelle            ? 
_entity_src_gen.pdbx_gene_src_cell                 ? 
_entity_src_gen.pdbx_gene_src_cellular_location    ? 
_entity_src_gen.host_org_common_name               ? 
_entity_src_gen.pdbx_host_org_scientific_name      'Escherichia coli' 
_entity_src_gen.pdbx_host_org_ncbi_taxonomy_id     562 
_entity_src_gen.host_org_genus                     ? 
_entity_src_gen.pdbx_host_org_gene                 ? 
_entity_src_gen.pdbx_host_org_organ                ? 
_entity_src_gen.host_org_species                   ? 
_entity_src_gen.pdbx_host_org_tissue               ? 
_entity_src_gen.pdbx_host_org_tissue_fraction      ? 
_entity_src_gen.pdbx_host_org_strain               BL21 
_entity_src_gen.pdbx_host_org_variant              ? 
_entity_src_gen.pdbx_host_org_cell_line            ? 
_entity_src_gen.pdbx_host_org_atcc                 ? 
_entity_src_gen.pdbx_host_org_culture_collection   ? 
_entity_src_gen.pdbx_host_org_cell                 ? 
_entity_src_gen.pdbx_host_org_organelle            ? 
_entity_src_gen.pdbx_host_org_cellular_location    ? 
_entity_src_gen.pdbx_host_org_vector_type          PET24A 
_entity_src_gen.pdbx_host_org_vector               ? 
_entity_src_gen.host_org_details                   ? 
_entity_src_gen.expression_system_id               ? 
_entity_src_gen.plasmid_name                       ? 
_entity_src_gen.plasmid_details                    ? 
_entity_src_gen.pdbx_description                   ? 
# 
_struct_ref.id                         1 
_struct_ref.db_name                    UNP 
_struct_ref.db_code                    MMP13_HUMAN 
_struct_ref.pdbx_db_accession          P45452 
_struct_ref.entity_id                  1 
_struct_ref.pdbx_seq_one_letter_code   
;YNVFPRTLKWSKMNLTYRIVNYTPDMTHSEVEKAFKKAFKVWSDVTPLNFTRLHDGIADIMISFGIKEHGDFYPFDGPSG
LLAHAFPPGPNYGGDAHFDDDETWTSSSKGYNLFLVAAHEFGHSLGLDHSKDPGALMFPIYTYTGKSHFMLPDDDVQGIQ
SLYGPGDED
;
_struct_ref.pdbx_align_begin           104 
_struct_ref.pdbx_db_isoform            ? 
# 
_struct_ref_seq.align_id                      1 
_struct_ref_seq.ref_id                        1 
_struct_ref_seq.pdbx_PDB_id_code              3TVC 
_struct_ref_seq.pdbx_strand_id                A 
_struct_ref_seq.seq_align_beg                 1 
_struct_ref_seq.pdbx_seq_align_beg_ins_code   ? 
_struct_ref_seq.seq_align_end                 169 
_struct_ref_seq.pdbx_seq_align_end_ins_code   ? 
_struct_ref_seq.pdbx_db_accession             P45452 
_struct_ref_seq.db_align_beg                  104 
_struct_ref_seq.pdbx_db_align_beg_ins_code    ? 
_struct_ref_seq.db_align_end                  272 
_struct_ref_seq.pdbx_db_align_end_ins_code    ? 
_struct_ref_seq.pdbx_auth_seq_align_beg       104 
_struct_ref_seq.pdbx_auth_seq_align_end       272 
# 
loop_
_chem_comp.id 
_chem_comp.type 
_chem_comp.mon_nstd_flag 
_chem_comp.name 
_chem_comp.pdbx_synonyms 
_chem_comp.formula 
_chem_comp.formula_weight 
ALA 'L-peptide linking' y ALANINE                                                            ? 'C3 H7 N O2'     89.093  
ARG 'L-peptide linking' y ARGININE                                                           ? 'C6 H15 N4 O2 1' 175.209 
ASN 'L-peptide linking' y ASPARAGINE                                                         ? 'C4 H8 N2 O3'    132.118 
ASP 'L-peptide linking' y 'ASPARTIC ACID'                                                    ? 'C4 H7 N O4'     133.103 
CA  non-polymer         . 'CALCIUM ION'                                                      ? 'Ca 2'           40.078  
E3P non-polymer         . "N~2~-[3-(1,1':4',1''-terphenyl-4-yl)propanoyl]-L-alpha-glutamine" ? 'C26 H26 N2 O4'  430.496 
GLN 'L-peptide linking' y GLUTAMINE                                                          ? 'C5 H10 N2 O3'   146.144 
GLU 'L-peptide linking' y 'GLUTAMIC ACID'                                                    ? 'C5 H9 N O4'     147.129 
GLY 'peptide linking'   y GLYCINE                                                            ? 'C2 H5 N O2'     75.067  
HIS 'L-peptide linking' y HISTIDINE                                                          ? 'C6 H10 N3 O2 1' 156.162 
HOH non-polymer         . WATER                                                              ? 'H2 O'           18.015  
ILE 'L-peptide linking' y ISOLEUCINE                                                         ? 'C6 H13 N O2'    131.173 
LEU 'L-peptide linking' y LEUCINE                                                            ? 'C6 H13 N O2'    131.173 
LYS 'L-peptide linking' y LYSINE                                                             ? 'C6 H15 N2 O2 1' 147.195 
MET 'L-peptide linking' y METHIONINE                                                         ? 'C5 H11 N O2 S'  149.211 
PEG non-polymer         . 'DI(HYDROXYETHYL)ETHER'                                            ? 'C4 H10 O3'      106.120 
PHE 'L-peptide linking' y PHENYLALANINE                                                      ? 'C9 H11 N O2'    165.189 
PRO 'L-peptide linking' y PROLINE                                                            ? 'C5 H9 N O2'     115.130 
SER 'L-peptide linking' y SERINE                                                             ? 'C3 H7 N O3'     105.093 
THR 'L-peptide linking' y THREONINE                                                          ? 'C4 H9 N O3'     119.119 
TRP 'L-peptide linking' y TRYPTOPHAN                                                         ? 'C11 H12 N2 O2'  204.225 
TYR 'L-peptide linking' y TYROSINE                                                           ? 'C9 H11 N O3'    181.189 
VAL 'L-peptide linking' y VALINE                                                             ? 'C5 H11 N O2'    117.146 
ZN  non-polymer         . 'ZINC ION'                                                         ? 'Zn 2'           65.409  
# 
_exptl.entry_id          3TVC 
_exptl.method            'X-RAY DIFFRACTION' 
_exptl.crystals_number   1 
# 
_exptl_crystal.id                    1 
_exptl_crystal.density_meas          ? 
_exptl_crystal.density_Matthews      2.76 
_exptl_crystal.density_percent_sol   55.45 
_exptl_crystal.description           ? 
_exptl_crystal.F_000                 ? 
_exptl_crystal.preparation           ? 
# 
_exptl_crystal_grow.crystal_id      1 
_exptl_crystal_grow.method          'VAPOR DIFFUSION, SITTING DROP' 
_exptl_crystal_grow.temp            293 
_exptl_crystal_grow.temp_details    ? 
_exptl_crystal_grow.pH              5.5 
_exptl_crystal_grow.pdbx_details    
;PROTEIN-INHIBITOR SOLUTION: MMP13 AT 20 MG/ML CO-CRYSTALLIZED WITH E3P AT 1.1 MILLI-M. RESERVOIR SOLUTION: 17.5% PEG 20K, 0.1 M MES, 0.02 M NACL. CRYOPROTECTANT: 5% DIETHYLENE GLYCOL, 5% ETHYLENE GLYCOL, 5% MPD, 5% PROPYLENE GLYCOL, 5% DMSO, 5% GLYCEROL, 0.005 M 3-(-PYRIDINIO)-1-PROPANESULFONATE, 10% PEG 20K, 0.033 M SODIUM ACETATE, 0.033 M ADA, 0.033 M  BICINE, PH 5.5, VAPOR DIFFUSION, SITTING DROP, TEMPERATURE 293K
;
_exptl_crystal_grow.pdbx_pH_range   ? 
# 
_diffrn.id                     1 
_diffrn.ambient_temp           100 
_diffrn.ambient_temp_details   ? 
_diffrn.crystal_id             1 
# 
_diffrn_detector.diffrn_id              1 
_diffrn_detector.detector               CCD 
_diffrn_detector.type                   'ADSC QUANTUM 315r' 
_diffrn_detector.pdbx_collection_date   2011-06-13 
_diffrn_detector.details                'bent cylindrical mirror' 
# 
_diffrn_radiation.diffrn_id                        1 
_diffrn_radiation.wavelength_id                    1 
_diffrn_radiation.pdbx_monochromatic_or_laue_m_l   M 
_diffrn_radiation.monochromator                    
'horizontally diffracting Si (111) monochromator and Pt coated mirrors in Kirkpatrick-Baez geometry for focusing' 
_diffrn_radiation.pdbx_diffrn_protocol             'SINGLE WAVELENGTH' 
_diffrn_radiation.pdbx_scattering_type             x-ray 
# 
_diffrn_radiation_wavelength.id           1 
_diffrn_radiation_wavelength.wavelength   0.972420 
_diffrn_radiation_wavelength.wt           1.0 
# 
_diffrn_source.diffrn_id                   1 
_diffrn_source.source                      SYNCHROTRON 
_diffrn_source.type                        'ESRF BEAMLINE ID23-1' 
_diffrn_source.pdbx_synchrotron_site       ESRF 
_diffrn_source.pdbx_synchrotron_beamline   ID23-1 
_diffrn_source.pdbx_wavelength             ? 
_diffrn_source.pdbx_wavelength_list        0.972420 
# 
_reflns.entry_id                     3TVC 
_reflns.observed_criterion_sigma_I   0.0 
_reflns.observed_criterion_sigma_F   0.0 
_reflns.d_resolution_low             85.1 
_reflns.d_resolution_high            2.43 
_reflns.number_obs                   8151 
_reflns.number_all                   8412 
_reflns.percent_possible_obs         96.9 
_reflns.pdbx_Rmerge_I_obs            0.29 
_reflns.pdbx_Rsym_value              0.31 
_reflns.pdbx_netI_over_sigmaI        10.6 
_reflns.B_iso_Wilson_estimate        35.49 
_reflns.pdbx_redundancy              7.21 
_reflns.R_free_details               ? 
_reflns.limit_h_max                  ? 
_reflns.limit_h_min                  ? 
_reflns.limit_k_max                  ? 
_reflns.limit_k_min                  ? 
_reflns.limit_l_max                  ? 
_reflns.limit_l_min                  ? 
_reflns.observed_criterion_F_max     ? 
_reflns.observed_criterion_F_min     ? 
_reflns.pdbx_chi_squared             ? 
_reflns.pdbx_scaling_rejects         ? 
_reflns.pdbx_ordinal                 1 
_reflns.pdbx_diffrn_id               1 
# 
loop_
_reflns_shell.d_res_high 
_reflns_shell.d_res_low 
_reflns_shell.percent_possible_all 
_reflns_shell.Rmerge_I_obs 
_reflns_shell.pdbx_Rsym_value 
_reflns_shell.meanI_over_sigI_obs 
_reflns_shell.pdbx_redundancy 
_reflns_shell.percent_possible_obs 
_reflns_shell.number_unique_all 
_reflns_shell.number_measured_all 
_reflns_shell.number_measured_obs 
_reflns_shell.number_unique_obs 
_reflns_shell.pdbx_chi_squared 
_reflns_shell.pdbx_ordinal 
_reflns_shell.pdbx_diffrn_id 
2.43 2.59 87.4 1.399 1.29  2.81  6.63 ? 1231 ? ? ? ? 1 1 
6.81 85.1 98.0 0.79  0.07  24.27 6.23 ? 436  ? ? ? ? 2 1 
4.84 6.81 99.3 0.139 0.129 19.12 6.91 ? 717  ? ? ? ? 3 1 
3.96 4.84 99.0 0.156 0.145 19.14 7.23 ? 893  ? ? ? ? 4 1 
3.43 3.96 99.0 0.237 0.221 14.48 7.40 ? 1031 ? ? ? ? 5 1 
3.07 3.43 98.9 0.401 0.374 9.95  7.45 ? 1163 ? ? ? ? 6 1 
2.80 3.07 98.8 0.648 0.604 6.67  7.52 ? 1285 ? ? ? ? 7 1 
2.59 2.80 98.4 0.963 0.898 4.72  7.58 ? 1395 ? ? ? ? 8 1 
# 
_refine.entry_id                                 3TVC 
_refine.ls_number_reflns_obs                     8127 
_refine.ls_number_reflns_all                     8377 
_refine.pdbx_ls_sigma_I                          0.0 
_refine.pdbx_ls_sigma_F                          1.34 
_refine.pdbx_data_cutoff_high_absF               ? 
_refine.pdbx_data_cutoff_low_absF                ? 
_refine.pdbx_data_cutoff_high_rms_absF           ? 
_refine.ls_d_res_low                             40.916 
_refine.ls_d_res_high                            2.430 
_refine.ls_percent_reflns_obs                    97.02 
_refine.ls_R_factor_obs                          0.1654 
_refine.ls_R_factor_all                          ? 
_refine.ls_R_factor_R_work                       0.1622 
_refine.ls_R_factor_R_free                       0.2341 
_refine.ls_R_factor_R_free_error                 ? 
_refine.ls_R_factor_R_free_error_details         ? 
_refine.ls_percent_reflns_R_free                 4.54 
_refine.ls_number_reflns_R_free                  369 
_refine.ls_number_parameters                     ? 
_refine.ls_number_restraints                     ? 
_refine.occupancy_min                            ? 
_refine.occupancy_max                            ? 
_refine.correlation_coeff_Fo_to_Fc               ? 
_refine.correlation_coeff_Fo_to_Fc_free          ? 
_refine.B_iso_mean                               24.782 
_refine.aniso_B[1][1]                            -2.7543 
_refine.aniso_B[2][2]                            1.2548 
_refine.aniso_B[3][3]                            1.4995 
_refine.aniso_B[1][2]                            0.0000 
_refine.aniso_B[1][3]                            0.0000 
_refine.aniso_B[2][3]                            -0.0000 
_refine.solvent_model_details                    'FLAT BULK SOLVENT MODEL' 
_refine.solvent_model_param_ksol                 0.370 
_refine.solvent_model_param_bsol                 41.386 
_refine.pdbx_solvent_vdw_probe_radii             0.90 
_refine.pdbx_solvent_ion_probe_radii             ? 
_refine.pdbx_solvent_shrinkage_radii             0.61 
_refine.pdbx_ls_cross_valid_method               THROUGHOUT 
_refine.details                                  ? 
_refine.pdbx_starting_model                      '3QJ2 catalytic domain only (Chain A)' 
_refine.pdbx_method_to_determine_struct          'MOLECULAR REPLACEMENT' 
_refine.pdbx_isotropic_thermal_model             Isotropic 
_refine.pdbx_stereochemistry_target_values       ML 
_refine.pdbx_stereochem_target_val_spec_case     ? 
_refine.pdbx_R_Free_selection_details            RANDOM 
_refine.pdbx_overall_ESU_R_Free                  ? 
_refine.overall_SU_ML                            0.65 
_refine.pdbx_overall_phase_error                 23.78 
_refine.overall_SU_B                             ? 
_refine.overall_SU_R_Cruickshank_DPI             ? 
_refine.ls_redundancy_reflns_obs                 ? 
_refine.B_iso_min                                ? 
_refine.B_iso_max                                ? 
_refine.overall_SU_R_free                        ? 
_refine.ls_wR_factor_R_free                      ? 
_refine.ls_wR_factor_R_work                      ? 
_refine.overall_FOM_free_R_set                   ? 
_refine.overall_FOM_work_R_set                   ? 
_refine.pdbx_diffrn_id                           1 
_refine.pdbx_refine_id                           'X-RAY DIFFRACTION' 
_refine.pdbx_overall_ESU_R                       ? 
_refine.pdbx_TLS_residual_ADP_flag               ? 
_refine.pdbx_overall_SU_R_free_Cruickshank_DPI   ? 
_refine.pdbx_overall_SU_R_Blow_DPI               ? 
_refine.pdbx_overall_SU_R_free_Blow_DPI          ? 
# 
_refine_hist.pdbx_refine_id                   'X-RAY DIFFRACTION' 
_refine_hist.cycle_id                         LAST 
_refine_hist.pdbx_number_atoms_protein        1347 
_refine_hist.pdbx_number_atoms_nucleic_acid   0 
_refine_hist.pdbx_number_atoms_ligand         58 
_refine_hist.number_atoms_solvent             105 
_refine_hist.number_atoms_total               1510 
_refine_hist.d_res_high                       2.430 
_refine_hist.d_res_low                        40.916 
# 
loop_
_refine_ls_restr.type 
_refine_ls_restr.dev_ideal 
_refine_ls_restr.dev_ideal_target 
_refine_ls_restr.weight 
_refine_ls_restr.number 
_refine_ls_restr.pdbx_restraint_function 
_refine_ls_restr.pdbx_refine_id 
f_bond_d           0.008  ? ? 1480 ? 'X-RAY DIFFRACTION' 
f_angle_d          1.121  ? ? 2005 ? 'X-RAY DIFFRACTION' 
f_dihedral_angle_d 21.949 ? ? 525  ? 'X-RAY DIFFRACTION' 
f_chiral_restr     0.083  ? ? 194  ? 'X-RAY DIFFRACTION' 
f_plane_restr      0.006  ? ? 262  ? 'X-RAY DIFFRACTION' 
# 
loop_
_refine_ls_shell.pdbx_total_number_of_bins_used 
_refine_ls_shell.d_res_high 
_refine_ls_shell.d_res_low 
_refine_ls_shell.number_reflns_R_work 
_refine_ls_shell.R_factor_R_work 
_refine_ls_shell.percent_reflns_obs 
_refine_ls_shell.R_factor_R_free 
_refine_ls_shell.R_factor_R_free_error 
_refine_ls_shell.percent_reflns_R_free 
_refine_ls_shell.number_reflns_R_free 
_refine_ls_shell.number_reflns_all 
_refine_ls_shell.R_factor_all 
_refine_ls_shell.number_reflns_obs 
_refine_ls_shell.redundancy_reflns_obs 
_refine_ls_shell.pdbx_refine_id 
. 2.4304 2.7820  2389 0.2217 93.00 0.3270 . . 122 . . . . 'X-RAY DIFFRACTION' 
. 2.7820 3.5047  2627 0.1599 99.00 0.2376 . . 122 . . . . 'X-RAY DIFFRACTION' 
. 3.5047 40.9215 2742 0.1433 99.00 0.1965 . . 125 . . . . 'X-RAY DIFFRACTION' 
# 
_struct.entry_id                  3TVC 
_struct.title                     'Human MMP13 in complex with L-glutamate motif inhibitor' 
_struct.pdbx_model_details        ? 
_struct.pdbx_CASP_flag            ? 
_struct.pdbx_model_type_details   ? 
# 
_struct_keywords.entry_id        3TVC 
_struct_keywords.pdbx_keywords   'HYDROLASE/HYDROLASE INHIBITOR' 
_struct_keywords.text            
'pseudo dipeptides, potent inhibitors, metzincin, Zinc metalloprotease, HYDROLASE-HYDROLASE INHIBITOR complex' 
# 
loop_
_struct_asym.id 
_struct_asym.pdbx_blank_PDB_chainid_flag 
_struct_asym.pdbx_modified 
_struct_asym.entity_id 
_struct_asym.details 
A N N 1 ? 
B N N 2 ? 
C N N 2 ? 
D N N 3 ? 
E N N 3 ? 
F N N 3 ? 
G N N 4 ? 
H N N 5 ? 
I N N 5 ? 
J N N 5 ? 
K N N 6 ? 
# 
_struct_biol.id        1 
_struct_biol.details   ? 
# 
loop_
_struct_conf.conf_type_id 
_struct_conf.id 
_struct_conf.pdbx_PDB_helix_id 
_struct_conf.beg_label_comp_id 
_struct_conf.beg_label_asym_id 
_struct_conf.beg_label_seq_id 
_struct_conf.pdbx_beg_PDB_ins_code 
_struct_conf.end_label_comp_id 
_struct_conf.end_label_asym_id 
_struct_conf.end_label_seq_id 
_struct_conf.pdbx_end_PDB_ins_code 
_struct_conf.beg_auth_comp_id 
_struct_conf.beg_auth_asym_id 
_struct_conf.beg_auth_seq_id 
_struct_conf.end_auth_comp_id 
_struct_conf.end_auth_asym_id 
_struct_conf.end_auth_seq_id 
_struct_conf.pdbx_PDB_helix_class 
_struct_conf.details 
_struct_conf.pdbx_PDB_helix_length 
HELX_P HELX_P1 1 PHE A 4   ? LEU A 8   ? PHE A 107 LEU A 111 5 ? 5  
HELX_P HELX_P2 2 THR A 27  ? ASP A 44  ? THR A 130 ASP A 147 1 ? 18 
HELX_P HELX_P3 3 LEU A 113 ? LEU A 125 ? LEU A 216 LEU A 228 1 ? 13 
HELX_P HELX_P4 4 PRO A 152 ? GLY A 164 ? PRO A 255 GLY A 267 1 ? 13 
# 
_struct_conf_type.id          HELX_P 
_struct_conf_type.criteria    ? 
_struct_conf_type.reference   ? 
# 
loop_
_struct_conn.id 
_struct_conn.conn_type_id 
_struct_conn.pdbx_leaving_atom_flag 
_struct_conn.pdbx_PDB_id 
_struct_conn.ptnr1_label_asym_id 
_struct_conn.ptnr1_label_comp_id 
_struct_conn.ptnr1_label_seq_id 
_struct_conn.ptnr1_label_atom_id 
_struct_conn.pdbx_ptnr1_label_alt_id 
_struct_conn.pdbx_ptnr1_PDB_ins_code 
_struct_conn.pdbx_ptnr1_standard_comp_id 
_struct_conn.ptnr1_symmetry 
_struct_conn.ptnr2_label_asym_id 
_struct_conn.ptnr2_label_comp_id 
_struct_conn.ptnr2_label_seq_id 
_struct_conn.ptnr2_label_atom_id 
_struct_conn.pdbx_ptnr2_label_alt_id 
_struct_conn.pdbx_ptnr2_PDB_ins_code 
_struct_conn.ptnr1_auth_asym_id 
_struct_conn.ptnr1_auth_comp_id 
_struct_conn.ptnr1_auth_seq_id 
_struct_conn.ptnr2_auth_asym_id 
_struct_conn.ptnr2_auth_comp_id 
_struct_conn.ptnr2_auth_seq_id 
_struct_conn.ptnr2_symmetry 
_struct_conn.pdbx_ptnr3_label_atom_id 
_struct_conn.pdbx_ptnr3_label_seq_id 
_struct_conn.pdbx_ptnr3_label_comp_id 
_struct_conn.pdbx_ptnr3_label_asym_id 
_struct_conn.pdbx_ptnr3_label_alt_id 
_struct_conn.pdbx_ptnr3_PDB_ins_code 
_struct_conn.details 
_struct_conn.pdbx_dist_value 
_struct_conn.pdbx_value_order 
_struct_conn.pdbx_role 
metalc1  metalc ? ? G E3P .   O7  ? ? ? 1_555 B ZN . ZN ? ? A E3P 1   A ZN 501 1_555 ? ? ? ? ? ? ? 2.197 ? ? 
metalc2  metalc ? ? G E3P .   O6  ? ? ? 1_555 B ZN . ZN ? ? A E3P 1   A ZN 501 1_555 ? ? ? ? ? ? ? 2.588 ? ? 
metalc3  metalc ? ? K HOH .   O   ? ? ? 1_555 F CA . CA ? ? A HOH 14  A CA 505 1_555 ? ? ? ? ? ? ? 2.536 ? ? 
metalc4  metalc ? ? K HOH .   O   ? ? ? 1_555 F CA . CA ? ? A HOH 63  A CA 505 1_555 ? ? ? ? ? ? ? 2.700 ? ? 
metalc5  metalc ? ? K HOH .   O   ? ? ? 1_555 D CA . CA ? ? A HOH 65  A CA 503 1_555 ? ? ? ? ? ? ? 2.764 ? ? 
metalc6  metalc ? ? A ASP 25  OD2 ? ? ? 1_555 D CA . CA ? ? A ASP 128 A CA 503 1_555 ? ? ? ? ? ? ? 2.660 ? ? 
metalc7  metalc ? ? A ASP 25  OD1 ? ? ? 1_555 D CA . CA ? ? A ASP 128 A CA 503 1_555 ? ? ? ? ? ? ? 3.037 ? ? 
metalc8  metalc ? ? A ASP 59  O   ? ? ? 1_555 F CA . CA ? ? A ASP 162 A CA 505 1_555 ? ? ? ? ? ? ? 2.474 ? ? 
metalc9  metalc ? ? A HIS 69  NE2 ? ? ? 1_555 C ZN . ZN ? ? A HIS 172 A ZN 502 1_555 ? ? ? ? ? ? ? 2.080 ? ? 
metalc10 metalc ? ? A ASP 71  OD2 ? ? ? 1_555 C ZN . ZN ? ? A ASP 174 A ZN 502 1_555 ? ? ? ? ? ? ? 2.179 ? ? 
metalc11 metalc ? ? A ASP 76  OD1 ? ? ? 1_555 E CA . CA ? ? A ASP 179 A CA 504 1_555 ? ? ? ? ? ? ? 2.418 ? ? 
metalc12 metalc ? ? A GLY 77  O   ? ? ? 1_555 E CA . CA ? ? A GLY 180 A CA 504 1_555 ? ? ? ? ? ? ? 2.441 ? ? 
metalc13 metalc ? ? A SER 79  O   ? ? ? 1_555 E CA . CA ? ? A SER 182 A CA 504 1_555 ? ? ? ? ? ? ? 2.473 ? ? 
metalc14 metalc ? ? A LEU 81  O   ? ? ? 1_555 E CA . CA ? ? A LEU 184 A CA 504 1_555 ? ? ? ? ? ? ? 2.414 ? ? 
metalc15 metalc ? ? A HIS 84  NE2 ? ? ? 1_555 C ZN . ZN ? ? A HIS 187 A ZN 502 1_555 ? ? ? ? ? ? ? 2.178 ? ? 
metalc16 metalc ? ? A ASN 91  O   ? ? ? 1_555 F CA . CA ? ? A ASN 194 A CA 505 1_555 ? ? ? ? ? ? ? 2.441 ? ? 
metalc17 metalc ? ? A GLY 93  O   ? ? ? 1_555 F CA . CA ? ? A GLY 196 A CA 505 1_555 ? ? ? ? ? ? ? 2.364 ? ? 
metalc18 metalc ? ? A ASP 95  OD1 ? ? ? 1_555 F CA . CA ? ? A ASP 198 A CA 505 1_555 ? ? ? ? ? ? ? 2.608 ? ? 
metalc19 metalc ? ? A HIS 97  ND1 ? ? ? 1_555 C ZN . ZN ? ? A HIS 200 A ZN 502 1_555 ? ? ? ? ? ? ? 2.148 ? ? 
metalc20 metalc ? ? A ASP 99  OD2 ? ? ? 1_555 E CA . CA ? ? A ASP 202 A CA 504 1_555 ? ? ? ? ? ? ? 2.513 ? ? 
metalc21 metalc ? ? A ASP 100 O   ? ? ? 1_555 D CA . CA ? ? A ASP 203 A CA 503 1_555 ? ? ? ? ? ? ? 2.665 ? ? 
metalc22 metalc ? ? A ASP 100 OD1 ? ? ? 1_555 D CA . CA ? ? A ASP 203 A CA 503 1_555 ? ? ? ? ? ? ? 2.766 ? ? 
metalc23 metalc ? ? A GLU 102 O   ? ? ? 1_555 D CA . CA ? ? A GLU 205 A CA 503 1_555 ? ? ? ? ? ? ? 2.764 ? ? 
metalc24 metalc ? ? A GLU 102 OE2 ? ? ? 1_555 E CA . CA ? ? A GLU 205 A CA 504 1_555 ? ? ? ? ? ? ? 2.321 ? ? 
metalc25 metalc ? ? A HIS 119 NE2 ? ? ? 1_555 B ZN . ZN ? ? A HIS 222 A ZN 501 1_555 ? ? ? ? ? ? ? 2.107 ? ? 
metalc26 metalc ? ? A HIS 123 NE2 ? ? ? 1_555 B ZN . ZN ? ? A HIS 226 A ZN 501 1_555 ? ? ? ? ? ? ? 2.214 ? ? 
metalc27 metalc ? ? A HIS 129 NE2 ? ? ? 1_555 B ZN . ZN ? ? A HIS 232 A ZN 501 1_555 ? ? ? ? ? ? ? 2.060 ? ? 
# 
_struct_conn_type.id          metalc 
_struct_conn_type.criteria    ? 
_struct_conn_type.reference   ? 
# 
loop_
_struct_sheet.id 
_struct_sheet.type 
_struct_sheet.number_strands 
_struct_sheet.details 
A ? 5 ? 
B ? 2 ? 
# 
loop_
_struct_sheet_order.sheet_id 
_struct_sheet_order.range_id_1 
_struct_sheet_order.range_id_2 
_struct_sheet_order.offset 
_struct_sheet_order.sense 
A 1 2 ? parallel      
A 2 3 ? parallel      
A 3 4 ? parallel      
A 4 5 ? anti-parallel 
B 1 2 ? parallel      
# 
loop_
_struct_sheet_range.sheet_id 
_struct_sheet_range.id 
_struct_sheet_range.beg_label_comp_id 
_struct_sheet_range.beg_label_asym_id 
_struct_sheet_range.beg_label_seq_id 
_struct_sheet_range.pdbx_beg_PDB_ins_code 
_struct_sheet_range.end_label_comp_id 
_struct_sheet_range.end_label_asym_id 
_struct_sheet_range.end_label_seq_id 
_struct_sheet_range.pdbx_end_PDB_ins_code 
_struct_sheet_range.beg_auth_comp_id 
_struct_sheet_range.beg_auth_asym_id 
_struct_sheet_range.beg_auth_seq_id 
_struct_sheet_range.end_auth_comp_id 
_struct_sheet_range.end_auth_asym_id 
_struct_sheet_range.end_auth_seq_id 
A 1 ASN A 49  ? ARG A 52  ? ASN A 152 ARG A 155 
A 2 ASN A 14  ? ILE A 19  ? ASN A 117 ILE A 122 
A 3 ILE A 60  ? GLY A 65  ? ILE A 163 GLY A 168 
A 4 ALA A 96  ? ASP A 99  ? ALA A 199 ASP A 202 
A 5 ALA A 83  ? ALA A 85  ? ALA A 186 ALA A 188 
B 1 TRP A 104 ? THR A 105 ? TRP A 207 THR A 208 
B 2 TYR A 111 ? ASN A 112 ? TYR A 214 ASN A 215 
# 
loop_
_pdbx_struct_sheet_hbond.sheet_id 
_pdbx_struct_sheet_hbond.range_id_1 
_pdbx_struct_sheet_hbond.range_id_2 
_pdbx_struct_sheet_hbond.range_1_label_atom_id 
_pdbx_struct_sheet_hbond.range_1_label_comp_id 
_pdbx_struct_sheet_hbond.range_1_label_asym_id 
_pdbx_struct_sheet_hbond.range_1_label_seq_id 
_pdbx_struct_sheet_hbond.range_1_PDB_ins_code 
_pdbx_struct_sheet_hbond.range_1_auth_atom_id 
_pdbx_struct_sheet_hbond.range_1_auth_comp_id 
_pdbx_struct_sheet_hbond.range_1_auth_asym_id 
_pdbx_struct_sheet_hbond.range_1_auth_seq_id 
_pdbx_struct_sheet_hbond.range_2_label_atom_id 
_pdbx_struct_sheet_hbond.range_2_label_comp_id 
_pdbx_struct_sheet_hbond.range_2_label_asym_id 
_pdbx_struct_sheet_hbond.range_2_label_seq_id 
_pdbx_struct_sheet_hbond.range_2_PDB_ins_code 
_pdbx_struct_sheet_hbond.range_2_auth_atom_id 
_pdbx_struct_sheet_hbond.range_2_auth_comp_id 
_pdbx_struct_sheet_hbond.range_2_auth_asym_id 
_pdbx_struct_sheet_hbond.range_2_auth_seq_id 
A 1 2 O ASN A 49  ? O ASN A 152 N LEU A 15  ? N LEU A 118 
A 2 3 N ARG A 18  ? N ARG A 121 O ILE A 62  ? O ILE A 165 
A 3 4 N SER A 63  ? N SER A 166 O PHE A 98  ? O PHE A 201 
A 4 5 O HIS A 97  ? O HIS A 200 N HIS A 84  ? N HIS A 187 
B 1 2 N THR A 105 ? N THR A 208 O TYR A 111 ? O TYR A 214 
# 
loop_
_struct_site.id 
_struct_site.pdbx_evidence_code 
_struct_site.pdbx_auth_asym_id 
_struct_site.pdbx_auth_comp_id 
_struct_site.pdbx_auth_seq_id 
_struct_site.pdbx_auth_ins_code 
_struct_site.pdbx_num_residues 
_struct_site.details 
AC1 Software A ZN  501 ? 4  'BINDING SITE FOR RESIDUE ZN A 501'  
AC2 Software A ZN  502 ? 4  'BINDING SITE FOR RESIDUE ZN A 502'  
AC3 Software A CA  503 ? 4  'BINDING SITE FOR RESIDUE CA A 503'  
AC4 Software A CA  504 ? 6  'BINDING SITE FOR RESIDUE CA A 504'  
AC5 Software A CA  505 ? 6  'BINDING SITE FOR RESIDUE CA A 505'  
AC6 Software A E3P 1   ? 18 'BINDING SITE FOR RESIDUE E3P A 1'   
AC7 Software A PEG 273 ? 5  'BINDING SITE FOR RESIDUE PEG A 273' 
AC8 Software A PEG 2   ? 5  'BINDING SITE FOR RESIDUE PEG A 2'   
AC9 Software A PEG 3   ? 6  'BINDING SITE FOR RESIDUE PEG A 3'   
# 
loop_
_struct_site_gen.id 
_struct_site_gen.site_id 
_struct_site_gen.pdbx_num_res 
_struct_site_gen.label_comp_id 
_struct_site_gen.label_asym_id 
_struct_site_gen.label_seq_id 
_struct_site_gen.pdbx_auth_ins_code 
_struct_site_gen.auth_comp_id 
_struct_site_gen.auth_asym_id 
_struct_site_gen.auth_seq_id 
_struct_site_gen.label_atom_id 
_struct_site_gen.label_alt_id 
_struct_site_gen.symmetry 
_struct_site_gen.details 
1  AC1 4  E3P G .   ? E3P A 1   . ? 1_555 ? 
2  AC1 4  HIS A 119 ? HIS A 222 . ? 1_555 ? 
3  AC1 4  HIS A 123 ? HIS A 226 . ? 1_555 ? 
4  AC1 4  HIS A 129 ? HIS A 232 . ? 1_555 ? 
5  AC2 4  HIS A 69  ? HIS A 172 . ? 1_555 ? 
6  AC2 4  ASP A 71  ? ASP A 174 . ? 1_555 ? 
7  AC2 4  HIS A 84  ? HIS A 187 . ? 1_555 ? 
8  AC2 4  HIS A 97  ? HIS A 200 . ? 1_555 ? 
9  AC3 4  HOH K .   ? HOH A 65  . ? 1_555 ? 
10 AC3 4  ASP A 25  ? ASP A 128 . ? 1_555 ? 
11 AC3 4  ASP A 100 ? ASP A 203 . ? 1_555 ? 
12 AC3 4  GLU A 102 ? GLU A 205 . ? 1_555 ? 
13 AC4 6  ASP A 76  ? ASP A 179 . ? 1_555 ? 
14 AC4 6  GLY A 77  ? GLY A 180 . ? 1_555 ? 
15 AC4 6  SER A 79  ? SER A 182 . ? 1_555 ? 
16 AC4 6  LEU A 81  ? LEU A 184 . ? 1_555 ? 
17 AC4 6  ASP A 99  ? ASP A 202 . ? 1_555 ? 
18 AC4 6  GLU A 102 ? GLU A 205 . ? 1_555 ? 
19 AC5 6  HOH K .   ? HOH A 14  . ? 1_555 ? 
20 AC5 6  HOH K .   ? HOH A 63  . ? 1_555 ? 
21 AC5 6  ASP A 59  ? ASP A 162 . ? 1_555 ? 
22 AC5 6  ASN A 91  ? ASN A 194 . ? 1_555 ? 
23 AC5 6  GLY A 93  ? GLY A 196 . ? 1_555 ? 
24 AC5 6  ASP A 95  ? ASP A 198 . ? 1_555 ? 
25 AC6 18 HOH K .   ? HOH A 58  . ? 1_555 ? 
26 AC6 18 HIS A 54  ? HIS A 157 . ? 4_445 ? 
27 AC6 18 LEU A 81  ? LEU A 184 . ? 1_555 ? 
28 AC6 18 LEU A 82  ? LEU A 185 . ? 1_555 ? 
29 AC6 18 ALA A 83  ? ALA A 186 . ? 1_555 ? 
30 AC6 18 LEU A 115 ? LEU A 218 . ? 1_555 ? 
31 AC6 18 HIS A 119 ? HIS A 222 . ? 1_555 ? 
32 AC6 18 GLU A 120 ? GLU A 223 . ? 1_555 ? 
33 AC6 18 HIS A 123 ? HIS A 226 . ? 1_555 ? 
34 AC6 18 HIS A 129 ? HIS A 232 . ? 1_555 ? 
35 AC6 18 LEU A 136 ? LEU A 239 . ? 1_555 ? 
36 AC6 18 PHE A 138 ? PHE A 241 . ? 1_555 ? 
37 AC6 18 PRO A 139 ? PRO A 242 . ? 1_555 ? 
38 AC6 18 ILE A 140 ? ILE A 243 . ? 1_555 ? 
39 AC6 18 TYR A 141 ? TYR A 244 . ? 1_555 ? 
40 AC6 18 THR A 142 ? THR A 245 . ? 1_555 ? 
41 AC6 18 THR A 144 ? THR A 247 . ? 1_555 ? 
42 AC6 18 ZN  B .   ? ZN  A 501 . ? 1_555 ? 
43 AC7 5  ASN A 14  ? ASN A 117 . ? 4_445 ? 
44 AC7 5  ASN A 49  ? ASN A 152 . ? 4_445 ? 
45 AC7 5  THR A 51  ? THR A 154 . ? 4_445 ? 
46 AC7 5  LYS A 109 ? LYS A 212 . ? 1_555 ? 
47 AC7 5  GLY A 110 ? GLY A 213 . ? 1_555 ? 
48 AC8 5  HOH K .   ? HOH A 76  . ? 1_555 ? 
49 AC8 5  LYS A 40  ? LYS A 143 . ? 1_555 ? 
50 AC8 5  VAL A 41  ? VAL A 144 . ? 1_555 ? 
51 AC8 5  ASP A 44  ? ASP A 147 . ? 1_555 ? 
52 AC8 5  PHE A 149 ? PHE A 252 . ? 1_555 ? 
53 AC9 6  ARG A 6   ? ARG A 109 . ? 2_545 ? 
54 AC9 6  LYS A 9   ? LYS A 112 . ? 1_555 ? 
55 AC9 6  TRP A 10  ? TRP A 113 . ? 1_555 ? 
56 AC9 6  SER A 11  ? SER A 114 . ? 1_555 ? 
57 AC9 6  PRO A 88  ? PRO A 191 . ? 1_555 ? 
58 AC9 6  GLY A 89  ? GLY A 192 . ? 1_555 ? 
# 
_atom_sites.entry_id                    3TVC 
_atom_sites.fract_transf_matrix[1][1]   -0.01639609 
_atom_sites.fract_transf_matrix[1][2]   -0.00075656 
_atom_sites.fract_transf_matrix[1][3]   0.00236468 
_atom_sites.fract_transf_matrix[2][1]   -0.00111474 
_atom_sites.fract_transf_matrix[2][2]   -0.00640560 
_atom_sites.fract_transf_matrix[2][3]   -0.00977874 
_atom_sites.fract_transf_matrix[3][1]   0.00282955 
_atom_sites.fract_transf_matrix[3][2]   -0.02045334 
_atom_sites.fract_transf_matrix[3][3]   0.01307547 
_atom_sites.fract_transf_vector[1]      -0.024285 
_atom_sites.fract_transf_vector[2]      -0.308619 
_atom_sites.fract_transf_vector[3]      0.062993 
# 
loop_
_atom_type.symbol 
C  
CA 
N  
O  
S  
ZN 
# 
loop_
_atom_site.group_PDB 
_atom_site.id 
_atom_site.type_symbol 
_atom_site.label_atom_id 
_atom_site.label_alt_id 
_atom_site.label_comp_id 
_atom_site.label_asym_id 
_atom_site.label_entity_id 
_atom_site.label_seq_id 
_atom_site.pdbx_PDB_ins_code 
_atom_site.Cartn_x 
_atom_site.Cartn_y 
_atom_site.Cartn_z 
_atom_site.occupancy 
_atom_site.B_iso_or_equiv 
_atom_site.pdbx_formal_charge 
_atom_site.auth_seq_id 
_atom_site.auth_comp_id 
_atom_site.auth_asym_id 
_atom_site.auth_atom_id 
_atom_site.pdbx_PDB_model_num 
ATOM   1    N  N   . TYR A 1 1   ? 11.806  -11.853 5.339   1.00 35.83  ? 104 TYR A N   1 
ATOM   2    C  CA  . TYR A 1 1   ? 10.976  -10.673 5.572   1.00 29.73  ? 104 TYR A CA  1 
ATOM   3    C  C   . TYR A 1 1   ? 11.220  -10.115 6.970   1.00 30.27  ? 104 TYR A C   1 
ATOM   4    O  O   . TYR A 1 1   ? 11.839  -10.768 7.826   1.00 33.06  ? 104 TYR A O   1 
ATOM   5    C  CB  . TYR A 1 1   ? 9.501   -11.036 5.450   1.00 29.20  ? 104 TYR A CB  1 
ATOM   6    C  CG  . TYR A 1 1   ? 9.087   -12.022 6.510   1.00 30.46  ? 104 TYR A CG  1 
ATOM   7    C  CD1 . TYR A 1 1   ? 8.703   -11.590 7.777   1.00 28.87  ? 104 TYR A CD1 1 
ATOM   8    C  CD2 . TYR A 1 1   ? 9.118   -13.385 6.261   1.00 31.20  ? 104 TYR A CD2 1 
ATOM   9    C  CE1 . TYR A 1 1   ? 8.352   -12.488 8.753   1.00 29.46  ? 104 TYR A CE1 1 
ATOM   10   C  CE2 . TYR A 1 1   ? 8.759   -14.296 7.230   1.00 30.67  ? 104 TYR A CE2 1 
ATOM   11   C  CZ  . TYR A 1 1   ? 8.380   -13.839 8.468   1.00 31.25  ? 104 TYR A CZ  1 
ATOM   12   O  OH  . TYR A 1 1   ? 8.022   -14.738 9.424   1.00 27.85  ? 104 TYR A OH  1 
ATOM   13   N  N   . ASN A 1 2   ? 10.700  -8.921  7.209   1.00 28.98  ? 105 ASN A N   1 
ATOM   14   C  CA  . ASN A 1 2   ? 10.803  -8.297  8.523   1.00 30.10  ? 105 ASN A CA  1 
ATOM   15   C  C   . ASN A 1 2   ? 9.533   -7.548  8.911   1.00 24.99  ? 105 ASN A C   1 
ATOM   16   O  O   . ASN A 1 2   ? 8.877   -6.939  8.075   1.00 32.81  ? 105 ASN A O   1 
ATOM   17   C  CB  . ASN A 1 2   ? 12.004  -7.347  8.568   1.00 35.16  ? 105 ASN A CB  1 
ATOM   18   C  CG  . ASN A 1 2   ? 13.327  -8.072  8.443   1.00 39.32  ? 105 ASN A CG  1 
ATOM   19   O  OD1 . ASN A 1 2   ? 13.718  -8.829  9.339   1.00 37.04  ? 105 ASN A OD1 1 
ATOM   20   N  ND2 . ASN A 1 2   ? 14.027  -7.848  7.330   1.00 33.04  ? 105 ASN A ND2 1 
ATOM   21   N  N   . VAL A 1 3   ? 9.180   -7.597  10.181  1.00 25.75  ? 106 VAL A N   1 
ATOM   22   C  CA  . VAL A 1 3   ? 8.024   -6.849  10.641  1.00 24.89  ? 106 VAL A CA  1 
ATOM   23   C  C   . VAL A 1 3   ? 8.548   -5.625  11.358  1.00 28.54  ? 106 VAL A C   1 
ATOM   24   O  O   . VAL A 1 3   ? 9.734   -5.562  11.688  1.00 33.48  ? 106 VAL A O   1 
ATOM   25   C  CB  . VAL A 1 3   ? 7.105   -7.697  11.544  1.00 28.83  ? 106 VAL A CB  1 
ATOM   26   C  CG1 . VAL A 1 3   ? 6.702   -9.001  10.824  1.00 17.40  ? 106 VAL A CG1 1 
ATOM   27   C  CG2 . VAL A 1 3   ? 7.792   -8.007  12.857  1.00 27.38  ? 106 VAL A CG2 1 
ATOM   28   N  N   . PHE A 1 4   ? 7.687   -4.634  11.561  1.00 35.88  ? 107 PHE A N   1 
ATOM   29   C  CA  . PHE A 1 4   ? 8.100   -3.431  12.266  1.00 32.05  ? 107 PHE A CA  1 
ATOM   30   C  C   . PHE A 1 4   ? 8.368   -3.741  13.727  1.00 44.37  ? 107 PHE A C   1 
ATOM   31   O  O   . PHE A 1 4   ? 7.646   -4.537  14.337  1.00 48.13  ? 107 PHE A O   1 
ATOM   32   C  CB  . PHE A 1 4   ? 7.034   -2.348  12.160  1.00 35.28  ? 107 PHE A CB  1 
ATOM   33   C  CG  . PHE A 1 4   ? 7.031   -1.640  10.841  1.00 37.87  ? 107 PHE A CG  1 
ATOM   34   C  CD1 . PHE A 1 4   ? 8.174   -0.983  10.393  1.00 31.08  ? 107 PHE A CD1 1 
ATOM   35   C  CD2 . PHE A 1 4   ? 5.891   -1.631  10.047  1.00 25.06  ? 107 PHE A CD2 1 
ATOM   36   C  CE1 . PHE A 1 4   ? 8.182   -0.334  9.175   1.00 22.22  ? 107 PHE A CE1 1 
ATOM   37   C  CE2 . PHE A 1 4   ? 5.883   -0.976  8.840   1.00 21.39  ? 107 PHE A CE2 1 
ATOM   38   C  CZ  . PHE A 1 4   ? 7.033   -0.322  8.396   1.00 23.80  ? 107 PHE A CZ  1 
ATOM   39   N  N   . PRO A 1 5   ? 9.407   -3.106  14.293  1.00 53.17  ? 108 PRO A N   1 
ATOM   40   C  CA  . PRO A 1 5   ? 9.733   -3.195  15.720  1.00 53.17  ? 108 PRO A CA  1 
ATOM   41   C  C   . PRO A 1 5   ? 8.501   -2.915  16.583  1.00 52.25  ? 108 PRO A C   1 
ATOM   42   O  O   . PRO A 1 5   ? 7.689   -2.034  16.268  1.00 41.86  ? 108 PRO A O   1 
ATOM   43   C  CB  . PRO A 1 5   ? 10.770  -2.078  15.914  1.00 69.90  ? 108 PRO A CB  1 
ATOM   44   C  CG  . PRO A 1 5   ? 10.661  -1.210  14.677  1.00 55.38  ? 108 PRO A CG  1 
ATOM   45   C  CD  . PRO A 1 5   ? 10.305  -2.173  13.595  1.00 55.48  ? 108 PRO A CD  1 
ATOM   46   N  N   . ARG A 1 6   ? 8.377   -3.664  17.671  1.00 56.91  ? 109 ARG A N   1 
ATOM   47   C  CA  . ARG A 1 6   ? 7.195   -3.602  18.524  1.00 70.17  ? 109 ARG A CA  1 
ATOM   48   C  C   . ARG A 1 6   ? 6.055   -4.434  17.934  1.00 72.36  ? 109 ARG A C   1 
ATOM   49   O  O   . ARG A 1 6   ? 5.013   -4.611  18.571  1.00 75.87  ? 109 ARG A O   1 
ATOM   50   C  CB  . ARG A 1 6   ? 6.748   -2.151  18.759  1.00 71.14  ? 109 ARG A CB  1 
ATOM   51   C  CG  . ARG A 1 6   ? 7.433   -1.465  19.940  1.00 77.09  ? 109 ARG A CG  1 
ATOM   52   C  CD  . ARG A 1 6   ? 7.139   -2.203  21.251  1.00 73.70  ? 109 ARG A CD  1 
ATOM   53   N  NE  . ARG A 1 6   ? 6.793   -1.356  22.404  1.00 69.70  ? 109 ARG A NE  1 
ATOM   54   C  CZ  . ARG A 1 6   ? 6.817   -0.021  22.450  1.00 63.83  ? 109 ARG A CZ  1 
ATOM   55   N  NH1 . ARG A 1 6   ? 7.185   0.703   21.400  1.00 66.47  ? 109 ARG A NH1 1 
ATOM   56   N  NH2 . ARG A 1 6   ? 6.470   0.601   23.572  1.00 47.34  ? 109 ARG A NH2 1 
ATOM   57   N  N   . THR A 1 7   ? 6.263   -4.959  16.725  1.00 67.56  ? 110 THR A N   1 
ATOM   58   C  CA  . THR A 1 7   ? 5.231   -5.734  16.033  1.00 69.82  ? 110 THR A CA  1 
ATOM   59   C  C   . THR A 1 7   ? 3.900   -4.970  16.093  1.00 63.73  ? 110 THR A C   1 
ATOM   60   O  O   . THR A 1 7   ? 2.870   -5.488  16.539  1.00 60.88  ? 110 THR A O   1 
ATOM   61   C  CB  . THR A 1 7   ? 5.111   -7.193  16.596  1.00 63.96  ? 110 THR A CB  1 
ATOM   62   O  OG1 . THR A 1 7   ? 6.376   -7.858  16.483  1.00 49.15  ? 110 THR A OG1 1 
ATOM   63   C  CG2 . THR A 1 7   ? 4.050   -8.011  15.842  1.00 45.82  ? 110 THR A CG2 1 
ATOM   64   N  N   . LEU A 1 8   ? 3.955   -3.710  15.670  1.00 56.02  ? 111 LEU A N   1 
ATOM   65   C  CA  . LEU A 1 8   ? 2.762   -2.895  15.510  1.00 67.60  ? 111 LEU A CA  1 
ATOM   66   C  C   . LEU A 1 8   ? 1.813   -3.642  14.583  1.00 64.48  ? 111 LEU A C   1 
ATOM   67   O  O   . LEU A 1 8   ? 2.185   -3.935  13.436  1.00 44.32  ? 111 LEU A O   1 
ATOM   68   C  CB  . LEU A 1 8   ? 3.139   -1.561  14.863  1.00 52.01  ? 111 LEU A CB  1 
ATOM   69   C  CG  . LEU A 1 8   ? 4.269   -0.764  15.511  1.00 60.33  ? 111 LEU A CG  1 
ATOM   70   C  CD1 . LEU A 1 8   ? 5.416   -0.559  14.525  1.00 38.18  ? 111 LEU A CD1 1 
ATOM   71   C  CD2 . LEU A 1 8   ? 3.740   0.571   16.033  1.00 59.47  ? 111 LEU A CD2 1 
ATOM   72   N  N   . LYS A 1 9   ? 0.603   -3.963  15.051  1.00 43.09  ? 112 LYS A N   1 
ATOM   73   C  CA  . LYS A 1 9   ? -0.321  -4.686  14.181  1.00 36.39  ? 112 LYS A CA  1 
ATOM   74   C  C   . LYS A 1 9   ? -1.801  -4.443  14.428  1.00 34.62  ? 112 LYS A C   1 
ATOM   75   O  O   . LYS A 1 9   ? -2.225  -4.167  15.550  1.00 45.84  ? 112 LYS A O   1 
ATOM   76   C  CB  . LYS A 1 9   ? -0.004  -6.176  14.171  1.00 32.27  ? 112 LYS A CB  1 
ATOM   77   C  CG  . LYS A 1 9   ? -0.974  -7.026  14.911  1.00 35.02  ? 112 LYS A CG  1 
ATOM   78   C  CD  . LYS A 1 9   ? -0.526  -8.462  14.822  1.00 36.38  ? 112 LYS A CD  1 
ATOM   79   C  CE  . LYS A 1 9   ? -1.555  -9.394  15.425  1.00 54.50  ? 112 LYS A CE  1 
ATOM   80   N  NZ  . LYS A 1 9   ? -1.201  -10.816 15.156  1.00 46.75  ? 112 LYS A NZ  1 
ATOM   81   N  N   . TRP A 1 10  ? -2.573  -4.533  13.350  1.00 26.92  ? 113 TRP A N   1 
ATOM   82   C  CA  . TRP A 1 10  ? -4.015  -4.315  13.397  1.00 25.99  ? 113 TRP A CA  1 
ATOM   83   C  C   . TRP A 1 10  ? -4.701  -5.422  14.215  1.00 35.76  ? 113 TRP A C   1 
ATOM   84   O  O   . TRP A 1 10  ? -4.458  -6.620  14.002  1.00 30.88  ? 113 TRP A O   1 
ATOM   85   C  CB  . TRP A 1 10  ? -4.594  -4.241  11.976  1.00 19.19  ? 113 TRP A CB  1 
ATOM   86   C  CG  . TRP A 1 10  ? -4.088  -3.064  11.130  1.00 21.13  ? 113 TRP A CG  1 
ATOM   87   C  CD1 . TRP A 1 10  ? -3.116  -3.100  10.167  1.00 15.10  ? 113 TRP A CD1 1 
ATOM   88   C  CD2 . TRP A 1 10  ? -4.545  -1.695  11.186  1.00 19.04  ? 113 TRP A CD2 1 
ATOM   89   N  NE1 . TRP A 1 10  ? -2.947  -1.844  9.618   1.00 22.30  ? 113 TRP A NE1 1 
ATOM   90   C  CE2 . TRP A 1 10  ? -3.803  -0.965  10.232  1.00 16.48  ? 113 TRP A CE2 1 
ATOM   91   C  CE3 . TRP A 1 10  ? -5.497  -1.018  11.958  1.00 16.62  ? 113 TRP A CE3 1 
ATOM   92   C  CZ2 . TRP A 1 10  ? -3.987  0.408   10.032  1.00 18.09  ? 113 TRP A CZ2 1 
ATOM   93   C  CZ3 . TRP A 1 10  ? -5.680  0.339   11.755  1.00 16.90  ? 113 TRP A CZ3 1 
ATOM   94   C  CH2 . TRP A 1 10  ? -4.928  1.040   10.802  1.00 16.34  ? 113 TRP A CH2 1 
ATOM   95   N  N   . SER A 1 11  ? -5.546  -5.017  15.159  1.00 30.71  ? 114 SER A N   1 
ATOM   96   C  CA  . SER A 1 11  ? -6.246  -5.973  16.006  1.00 35.19  ? 114 SER A CA  1 
ATOM   97   C  C   . SER A 1 11  ? -7.550  -6.413  15.358  1.00 35.54  ? 114 SER A C   1 
ATOM   98   O  O   . SER A 1 11  ? -8.009  -7.537  15.565  1.00 40.29  ? 114 SER A O   1 
ATOM   99   C  CB  . SER A 1 11  ? -6.499  -5.391  17.399  1.00 37.62  ? 114 SER A CB  1 
ATOM   100  O  OG  . SER A 1 11  ? -7.097  -4.111  17.319  1.00 42.23  ? 114 SER A OG  1 
ATOM   101  N  N   . LYS A 1 12  ? -8.136  -5.537  14.552  1.00 30.87  ? 115 LYS A N   1 
ATOM   102  C  CA  . LYS A 1 12  ? -9.320  -5.910  13.786  1.00 33.96  ? 115 LYS A CA  1 
ATOM   103  C  C   . LYS A 1 12  ? -8.948  -6.354  12.364  1.00 28.41  ? 115 LYS A C   1 
ATOM   104  O  O   . LYS A 1 12  ? -7.984  -5.869  11.786  1.00 29.86  ? 115 LYS A O   1 
ATOM   105  C  CB  . LYS A 1 12  ? -10.304 -4.748  13.758  1.00 28.78  ? 115 LYS A CB  1 
ATOM   106  C  CG  . LYS A 1 12  ? -9.622  -3.412  13.619  1.00 38.30  ? 115 LYS A CG  1 
ATOM   107  C  CD  . LYS A 1 12  ? -10.624 -2.291  13.404  1.00 41.79  ? 115 LYS A CD  1 
ATOM   108  C  CE  . LYS A 1 12  ? -9.912  -0.988  13.049  1.00 36.91  ? 115 LYS A CE  1 
ATOM   109  N  NZ  . LYS A 1 12  ? -10.846 0.172   13.072  1.00 40.26  ? 115 LYS A NZ  1 
ATOM   110  N  N   A MET A 1 13  ? -9.723  -7.283  11.815  0.42 32.71  ? 116 MET A N   1 
ATOM   111  N  N   B MET A 1 13  ? -9.725  -7.285  11.816  0.58 32.74  ? 116 MET A N   1 
ATOM   112  C  CA  A MET A 1 13  ? -9.470  -7.795  10.472  0.42 29.71  ? 116 MET A CA  1 
ATOM   113  C  CA  B MET A 1 13  ? -9.479  -7.808  10.475  0.58 29.71  ? 116 MET A CA  1 
ATOM   114  C  C   A MET A 1 13  ? -10.250 -7.017  9.422   0.42 28.49  ? 116 MET A C   1 
ATOM   115  C  C   B MET A 1 13  ? -10.249 -7.019  9.425   0.58 28.49  ? 116 MET A C   1 
ATOM   116  O  O   A MET A 1 13  ? -9.925  -7.069  8.238   0.42 25.40  ? 116 MET A O   1 
ATOM   117  O  O   B MET A 1 13  ? -9.913  -7.064  8.244   0.58 25.37  ? 116 MET A O   1 
ATOM   118  C  CB  A MET A 1 13  ? -9.844  -9.275  10.383  0.42 30.65  ? 116 MET A CB  1 
ATOM   119  C  CB  B MET A 1 13  ? -9.883  -9.283  10.387  0.58 30.66  ? 116 MET A CB  1 
ATOM   120  C  CG  A MET A 1 13  ? -8.977  -10.199 11.216  0.42 31.15  ? 116 MET A CG  1 
ATOM   121  C  CG  B MET A 1 13  ? -11.398 -9.514  10.430  0.58 35.46  ? 116 MET A CG  1 
ATOM   122  S  SD  A MET A 1 13  ? -7.282  -10.261 10.612  0.42 28.97  ? 116 MET A SD  1 
ATOM   123  S  SD  B MET A 1 13  ? -11.902 -11.253 10.383  0.58 50.10  ? 116 MET A SD  1 
ATOM   124  C  CE  A MET A 1 13  ? -6.632  -11.655 11.531  0.42 23.38  ? 116 MET A CE  1 
ATOM   125  C  CE  B MET A 1 13  ? -12.194 -11.517 8.636   0.58 28.91  ? 116 MET A CE  1 
ATOM   126  N  N   . ASN A 1 14  ? -11.290 -6.309  9.856   1.00 23.76  ? 117 ASN A N   1 
ATOM   127  C  CA  . ASN A 1 14  ? -12.141 -5.568  8.923   1.00 27.91  ? 117 ASN A CA  1 
ATOM   128  C  C   . ASN A 1 14  ? -11.749 -4.111  8.819   1.00 18.75  ? 117 ASN A C   1 
ATOM   129  O  O   . ASN A 1 14  ? -12.191 -3.290  9.599   1.00 24.50  ? 117 ASN A O   1 
ATOM   130  C  CB  . ASN A 1 14  ? -13.626 -5.694  9.288   1.00 34.05  ? 117 ASN A CB  1 
ATOM   131  C  CG  . ASN A 1 14  ? -14.145 -7.120  9.151   1.00 46.97  ? 117 ASN A CG  1 
ATOM   132  O  OD1 . ASN A 1 14  ? -13.931 -7.780  8.131   1.00 53.32  ? 117 ASN A OD1 1 
ATOM   133  N  ND2 . ASN A 1 14  ? -14.828 -7.601  10.189  1.00 55.34  ? 117 ASN A ND2 1 
ATOM   134  N  N   . LEU A 1 15  ? -10.918 -3.792  7.836   1.00 21.79  ? 118 LEU A N   1 
ATOM   135  C  CA  . LEU A 1 15  ? -10.394 -2.435  7.726   1.00 19.85  ? 118 LEU A CA  1 
ATOM   136  C  C   . LEU A 1 15  ? -11.152 -1.612  6.681   1.00 16.19  ? 118 LEU A C   1 
ATOM   137  O  O   . LEU A 1 15  ? -11.677 -2.138  5.708   1.00 22.63  ? 118 LEU A O   1 
ATOM   138  C  CB  . LEU A 1 15  ? -8.899  -2.474  7.407   1.00 16.63  ? 118 LEU A CB  1 
ATOM   139  C  CG  . LEU A 1 15  ? -7.989  -3.120  8.448   1.00 22.91  ? 118 LEU A CG  1 
ATOM   140  C  CD1 . LEU A 1 15  ? -6.547  -3.214  7.945   1.00 18.18  ? 118 LEU A CD1 1 
ATOM   141  C  CD2 . LEU A 1 15  ? -8.035  -2.339  9.743   1.00 19.66  ? 118 LEU A CD2 1 
ATOM   142  N  N   . THR A 1 16  ? -11.187 -0.309  6.878   1.00 15.52  ? 119 THR A N   1 
ATOM   143  C  CA  . THR A 1 16  ? -11.826 0.578   5.930   1.00 15.09  ? 119 THR A CA  1 
ATOM   144  C  C   . THR A 1 16  ? -10.739 1.453   5.331   1.00 17.95  ? 119 THR A C   1 
ATOM   145  O  O   . THR A 1 16  ? -9.709  1.674   5.963   1.00 15.37  ? 119 THR A O   1 
ATOM   146  C  CB  . THR A 1 16  ? -12.876 1.474   6.630   1.00 19.69  ? 119 THR A CB  1 
ATOM   147  O  OG1 . THR A 1 16  ? -12.257 2.154   7.728   1.00 18.07  ? 119 THR A OG1 1 
ATOM   148  C  CG2 . THR A 1 16  ? -14.046 0.646   7.162   1.00 14.53  ? 119 THR A CG2 1 
ATOM   149  N  N   . TYR A 1 17  ? -10.973 1.959   4.122   1.00 19.35  ? 120 TYR A N   1 
ATOM   150  C  CA  . TYR A 1 17  ? -10.031 2.871   3.475   1.00 18.23  ? 120 TYR A CA  1 
ATOM   151  C  C   . TYR A 1 17  ? -10.802 3.933   2.732   1.00 21.72  ? 120 TYR A C   1 
ATOM   152  O  O   . TYR A 1 17  ? -12.013 3.819   2.556   1.00 21.55  ? 120 TYR A O   1 
ATOM   153  C  CB  . TYR A 1 17  ? -9.104  2.135   2.508   1.00 18.36  ? 120 TYR A CB  1 
ATOM   154  C  CG  . TYR A 1 17  ? -9.770  1.634   1.236   1.00 13.39  ? 120 TYR A CG  1 
ATOM   155  C  CD1 . TYR A 1 17  ? -9.840  2.434   0.107   1.00 16.60  ? 120 TYR A CD1 1 
ATOM   156  C  CD2 . TYR A 1 17  ? -10.297 0.361   1.159   1.00 13.79  ? 120 TYR A CD2 1 
ATOM   157  C  CE1 . TYR A 1 17  ? -10.424 1.993   -1.041  1.00 17.51  ? 120 TYR A CE1 1 
ATOM   158  C  CE2 . TYR A 1 17  ? -10.886 -0.097  0.000   1.00 16.77  ? 120 TYR A CE2 1 
ATOM   159  C  CZ  . TYR A 1 17  ? -10.944 0.724   -1.098  1.00 18.20  ? 120 TYR A CZ  1 
ATOM   160  O  OH  . TYR A 1 17  ? -11.520 0.283   -2.269  1.00 19.63  ? 120 TYR A OH  1 
ATOM   161  N  N   . ARG A 1 18  ? -10.097 4.979   2.320   1.00 19.84  ? 121 ARG A N   1 
ATOM   162  C  CA  . ARG A 1 18  ? -10.703 6.079   1.577   1.00 21.58  ? 121 ARG A CA  1 
ATOM   163  C  C   . ARG A 1 18  ? -9.614  6.861   0.855   1.00 21.32  ? 121 ARG A C   1 
ATOM   164  O  O   . ARG A 1 18  ? -8.582  7.191   1.423   1.00 19.43  ? 121 ARG A O   1 
ATOM   165  C  CB  . ARG A 1 18  ? -11.516 7.021   2.480   1.00 15.45  ? 121 ARG A CB  1 
ATOM   166  C  CG  . ARG A 1 18  ? -12.420 7.980   1.680   1.00 22.36  ? 121 ARG A CG  1 
ATOM   167  C  CD  . ARG A 1 18  ? -13.530 8.650   2.534   1.00 24.71  ? 121 ARG A CD  1 
ATOM   168  N  NE  . ARG A 1 18  ? -13.063 9.795   3.324   1.00 26.38  ? 121 ARG A NE  1 
ATOM   169  C  CZ  . ARG A 1 18  ? -12.787 11.008  2.829   1.00 32.04  ? 121 ARG A CZ  1 
ATOM   170  N  NH1 . ARG A 1 18  ? -12.917 11.259  1.530   1.00 20.49  ? 121 ARG A NH1 1 
ATOM   171  N  NH2 . ARG A 1 18  ? -12.364 11.979  3.634   1.00 22.95  ? 121 ARG A NH2 1 
ATOM   172  N  N   . ILE A 1 19  ? -9.856  7.125   -0.414  1.00 13.15  ? 122 ILE A N   1 
ATOM   173  C  CA  . ILE A 1 19  ? -8.979  7.953   -1.203  1.00 20.87  ? 122 ILE A CA  1 
ATOM   174  C  C   . ILE A 1 19  ? -9.453  9.402   -1.070  1.00 21.21  ? 122 ILE A C   1 
ATOM   175  O  O   . ILE A 1 19  ? -10.533 9.769   -1.521  1.00 21.86  ? 122 ILE A O   1 
ATOM   176  C  CB  . ILE A 1 19  ? -8.973  7.464   -2.664  1.00 15.76  ? 122 ILE A CB  1 
ATOM   177  C  CG1 . ILE A 1 19  ? -8.508  6.009   -2.702  1.00 10.78  ? 122 ILE A CG1 1 
ATOM   178  C  CG2 . ILE A 1 19  ? -8.091  8.342   -3.528  1.00 15.57  ? 122 ILE A CG2 1 
ATOM   179  C  CD1 . ILE A 1 19  ? -9.018  5.242   -3.918  1.00 26.26  ? 122 ILE A CD1 1 
ATOM   180  N  N   . VAL A 1 20  ? -8.633  10.210  -0.413  1.00 22.70  ? 123 VAL A N   1 
ATOM   181  C  CA  . VAL A 1 20  ? -8.975  11.581  -0.075  1.00 21.94  ? 123 VAL A CA  1 
ATOM   182  C  C   . VAL A 1 20  ? -8.916  12.547  -1.268  1.00 21.45  ? 123 VAL A C   1 
ATOM   183  O  O   . VAL A 1 20  ? -9.700  13.494  -1.355  1.00 24.07  ? 123 VAL A O   1 
ATOM   184  C  CB  . VAL A 1 20  ? -8.050  12.056  1.046   1.00 19.12  ? 123 VAL A CB  1 
ATOM   185  C  CG1 . VAL A 1 20  ? -8.338  13.499  1.412   1.00 14.14  ? 123 VAL A CG1 1 
ATOM   186  C  CG2 . VAL A 1 20  ? -8.232  11.139  2.238   1.00 16.50  ? 123 VAL A CG2 1 
ATOM   187  N  N   . ASN A 1 21  ? -7.978  12.313  -2.176  1.00 16.10  ? 124 ASN A N   1 
ATOM   188  C  CA  . ASN A 1 21  ? -7.873  13.102  -3.392  1.00 19.17  ? 124 ASN A CA  1 
ATOM   189  C  C   . ASN A 1 21  ? -7.188  12.281  -4.481  1.00 28.67  ? 124 ASN A C   1 
ATOM   190  O  O   . ASN A 1 21  ? -6.758  11.152  -4.230  1.00 20.72  ? 124 ASN A O   1 
ATOM   191  C  CB  . ASN A 1 21  ? -7.100  14.388  -3.133  1.00 22.98  ? 124 ASN A CB  1 
ATOM   192  C  CG  . ASN A 1 21  ? -5.628  14.144  -2.897  1.00 24.61  ? 124 ASN A CG  1 
ATOM   193  O  OD1 . ASN A 1 21  ? -5.232  13.114  -2.359  1.00 29.59  ? 124 ASN A OD1 1 
ATOM   194  N  ND2 . ASN A 1 21  ? -4.803  15.099  -3.303  1.00 31.88  ? 124 ASN A ND2 1 
ATOM   195  N  N   . TYR A 1 22  ? -7.071  12.840  -5.680  1.00 19.19  ? 125 TYR A N   1 
ATOM   196  C  CA  . TYR A 1 22  ? -6.620  12.046  -6.822  1.00 24.86  ? 125 TYR A CA  1 
ATOM   197  C  C   . TYR A 1 22  ? -5.491  12.665  -7.613  1.00 24.46  ? 125 TYR A C   1 
ATOM   198  O  O   . TYR A 1 22  ? -5.315  13.879  -7.632  1.00 38.34  ? 125 TYR A O   1 
ATOM   199  C  CB  . TYR A 1 22  ? -7.778  11.753  -7.777  1.00 27.96  ? 125 TYR A CB  1 
ATOM   200  C  CG  . TYR A 1 22  ? -8.900  10.961  -7.166  1.00 22.66  ? 125 TYR A CG  1 
ATOM   201  C  CD1 . TYR A 1 22  ? -8.915  9.577   -7.241  1.00 22.36  ? 125 TYR A CD1 1 
ATOM   202  C  CD2 . TYR A 1 22  ? -9.951  11.600  -6.515  1.00 31.00  ? 125 TYR A CD2 1 
ATOM   203  C  CE1 . TYR A 1 22  ? -9.956  8.842   -6.686  1.00 23.47  ? 125 TYR A CE1 1 
ATOM   204  C  CE2 . TYR A 1 22  ? -10.994 10.879  -5.948  1.00 25.22  ? 125 TYR A CE2 1 
ATOM   205  C  CZ  . TYR A 1 22  ? -10.990 9.500   -6.037  1.00 25.52  ? 125 TYR A CZ  1 
ATOM   206  O  OH  . TYR A 1 22  ? -12.011 8.772   -5.474  1.00 22.57  ? 125 TYR A OH  1 
ATOM   207  N  N   . THR A 1 23  ? -4.720  11.806  -8.265  1.00 24.73  ? 126 THR A N   1 
ATOM   208  C  CA  . THR A 1 23  ? -3.682  12.249  -9.171  1.00 21.10  ? 126 THR A CA  1 
ATOM   209  C  C   . THR A 1 23  ? -4.372  12.556  -10.496 1.00 30.81  ? 126 THR A C   1 
ATOM   210  O  O   . THR A 1 23  ? -5.284  11.827  -10.905 1.00 22.64  ? 126 THR A O   1 
ATOM   211  C  CB  . THR A 1 23  ? -2.607  11.149  -9.367  1.00 20.27  ? 126 THR A CB  1 
ATOM   212  O  OG1 . THR A 1 23  ? -1.622  11.568  -10.323 1.00 22.83  ? 126 THR A OG1 1 
ATOM   213  C  CG2 . THR A 1 23  ? -3.250  9.873   -9.871  1.00 29.53  ? 126 THR A CG2 1 
ATOM   214  N  N   . PRO A 1 24  ? -3.948  13.642  -11.162 1.00 20.82  ? 127 PRO A N   1 
ATOM   215  C  CA  . PRO A 1 24  ? -4.436  14.022  -12.491 1.00 23.44  ? 127 PRO A CA  1 
ATOM   216  C  C   . PRO A 1 24  ? -4.020  13.013  -13.575 1.00 32.07  ? 127 PRO A C   1 
ATOM   217  O  O   . PRO A 1 24  ? -4.648  12.958  -14.633 1.00 33.61  ? 127 PRO A O   1 
ATOM   218  C  CB  . PRO A 1 24  ? -3.708  15.341  -12.767 1.00 23.28  ? 127 PRO A CB  1 
ATOM   219  C  CG  . PRO A 1 24  ? -3.059  15.738  -11.481 1.00 18.51  ? 127 PRO A CG  1 
ATOM   220  C  CD  . PRO A 1 24  ? -2.836  14.494  -10.720 1.00 18.37  ? 127 PRO A CD  1 
ATOM   221  N  N   . ASP A 1 25  ? -2.984  12.221  -13.315 1.00 22.01  ? 128 ASP A N   1 
ATOM   222  C  CA  . ASP A 1 25  ? -2.401  11.369  -14.359 1.00 21.99  ? 128 ASP A CA  1 
ATOM   223  C  C   . ASP A 1 25  ? -3.293  10.251  -14.838 1.00 24.80  ? 128 ASP A C   1 
ATOM   224  O  O   . ASP A 1 25  ? -3.140  9.747   -15.946 1.00 30.56  ? 128 ASP A O   1 
ATOM   225  C  CB  . ASP A 1 25  ? -1.114  10.746  -13.857 1.00 26.96  ? 128 ASP A CB  1 
ATOM   226  C  CG  . ASP A 1 25  ? -0.100  11.774  -13.432 1.00 35.99  ? 128 ASP A CG  1 
ATOM   227  O  OD1 . ASP A 1 25  ? -0.267  12.972  -13.777 1.00 33.78  ? 128 ASP A OD1 1 
ATOM   228  O  OD2 . ASP A 1 25  ? 0.869   11.366  -12.755 1.00 38.86  ? 128 ASP A OD2 1 
ATOM   229  N  N   . MET A 1 26  ? -4.208  9.840   -13.983 1.00 28.03  ? 129 MET A N   1 
ATOM   230  C  CA  . MET A 1 26  ? -5.026  8.697   -14.269 1.00 18.78  ? 129 MET A CA  1 
ATOM   231  C  C   . MET A 1 26  ? -6.429  9.207   -14.037 1.00 25.26  ? 129 MET A C   1 
ATOM   232  O  O   . MET A 1 26  ? -6.588  10.246  -13.391 1.00 27.18  ? 129 MET A O   1 
ATOM   233  C  CB  . MET A 1 26  ? -4.670  7.561   -13.301 1.00 23.60  ? 129 MET A CB  1 
ATOM   234  C  CG  . MET A 1 26  ? -3.298  6.924   -13.571 1.00 26.88  ? 129 MET A CG  1 
ATOM   235  S  SD  . MET A 1 26  ? -2.727  5.750   -12.302 1.00 28.77  ? 129 MET A SD  1 
ATOM   236  C  CE  . MET A 1 26  ? -4.025  4.510   -12.379 1.00 29.00  ? 129 MET A CE  1 
ATOM   237  N  N   . THR A 1 27  ? -7.434  8.515   -14.579 1.00 20.59  ? 130 THR A N   1 
ATOM   238  C  CA  . THR A 1 27  ? -8.839  8.838   -14.291 1.00 30.74  ? 130 THR A CA  1 
ATOM   239  C  C   . THR A 1 27  ? -9.152  8.408   -12.867 1.00 23.03  ? 130 THR A C   1 
ATOM   240  O  O   . THR A 1 27  ? -8.442  7.565   -12.319 1.00 22.42  ? 130 THR A O   1 
ATOM   241  C  CB  . THR A 1 27  ? -9.800  8.097   -15.238 1.00 24.10  ? 130 THR A CB  1 
ATOM   242  O  OG1 . THR A 1 27  ? -9.747  6.691   -14.969 1.00 21.59  ? 130 THR A OG1 1 
ATOM   243  C  CG2 . THR A 1 27  ? -9.414  8.332   -16.687 1.00 18.75  ? 130 THR A CG2 1 
ATOM   244  N  N   . HIS A 1 28  ? -10.206 8.963   -12.269 1.00 26.09  ? 131 HIS A N   1 
ATOM   245  C  CA  . HIS A 1 28  ? -10.587 8.568   -10.906 1.00 25.48  ? 131 HIS A CA  1 
ATOM   246  C  C   . HIS A 1 28  ? -10.906 7.089   -10.842 1.00 26.18  ? 131 HIS A C   1 
ATOM   247  O  O   . HIS A 1 28  ? -10.505 6.394   -9.909  1.00 29.02  ? 131 HIS A O   1 
ATOM   248  C  CB  . HIS A 1 28  ? -11.798 9.352   -10.406 1.00 30.64  ? 131 HIS A CB  1 
ATOM   249  C  CG  . HIS A 1 28  ? -11.553 10.820  -10.285 1.00 40.66  ? 131 HIS A CG  1 
ATOM   250  N  ND1 . HIS A 1 28  ? -12.462 11.764  -10.712 1.00 46.83  ? 131 HIS A ND1 1 
ATOM   251  C  CD2 . HIS A 1 28  ? -10.491 11.510  -9.805  1.00 39.75  ? 131 HIS A CD2 1 
ATOM   252  C  CE1 . HIS A 1 28  ? -11.976 12.971  -10.486 1.00 50.41  ? 131 HIS A CE1 1 
ATOM   253  N  NE2 . HIS A 1 28  ? -10.782 12.846  -9.939  1.00 35.69  ? 131 HIS A NE2 1 
ATOM   254  N  N   . SER A 1 29  ? -11.646 6.617   -11.835 1.00 24.71  ? 132 SER A N   1 
ATOM   255  C  CA  . SER A 1 29  ? -12.002 5.214   -11.904 1.00 29.67  ? 132 SER A CA  1 
ATOM   256  C  C   . SER A 1 29  ? -10.734 4.358   -11.898 1.00 23.83  ? 132 SER A C   1 
ATOM   257  O  O   . SER A 1 29  ? -10.626 3.374   -11.151 1.00 26.30  ? 132 SER A O   1 
ATOM   258  C  CB  . SER A 1 29  ? -12.841 4.954   -13.156 1.00 33.48  ? 132 SER A CB  1 
ATOM   259  O  OG  . SER A 1 29  ? -13.356 3.637   -13.171 1.00 50.77  ? 132 SER A OG  1 
ATOM   260  N  N   . GLU A 1 30  ? -9.757  4.758   -12.704 1.00 20.76  ? 133 GLU A N   1 
ATOM   261  C  CA  . GLU A 1 30  ? -8.493  4.026   -12.801 1.00 21.93  ? 133 GLU A CA  1 
ATOM   262  C  C   . GLU A 1 30  ? -7.668  4.021   -11.494 1.00 26.67  ? 133 GLU A C   1 
ATOM   263  O  O   . GLU A 1 30  ? -7.069  2.992   -11.135 1.00 24.46  ? 133 GLU A O   1 
ATOM   264  C  CB  . GLU A 1 30  ? -7.671  4.546   -13.980 1.00 26.53  ? 133 GLU A CB  1 
ATOM   265  C  CG  . GLU A 1 30  ? -6.860  3.484   -14.702 1.00 49.48  ? 133 GLU A CG  1 
ATOM   266  C  CD  . GLU A 1 30  ? -7.721  2.362   -15.272 1.00 64.57  ? 133 GLU A CD  1 
ATOM   267  O  OE1 . GLU A 1 30  ? -8.966  2.509   -15.284 1.00 56.88  ? 133 GLU A OE1 1 
ATOM   268  O  OE2 . GLU A 1 30  ? -7.150  1.332   -15.707 1.00 65.24  ? 133 GLU A OE2 1 
ATOM   269  N  N   . VAL A 1 31  ? -7.650  5.156   -10.784 1.00 18.42  ? 134 VAL A N   1 
ATOM   270  C  CA  . VAL A 1 31  ? -6.977  5.252   -9.481  1.00 17.70  ? 134 VAL A CA  1 
ATOM   271  C  C   . VAL A 1 31  ? -7.660  4.394   -8.420  1.00 18.15  ? 134 VAL A C   1 
ATOM   272  O  O   . VAL A 1 31  ? -7.003  3.627   -7.703  1.00 18.77  ? 134 VAL A O   1 
ATOM   273  C  CB  . VAL A 1 31  ? -6.887  6.714   -8.976  1.00 24.14  ? 134 VAL A CB  1 
ATOM   274  C  CG1 . VAL A 1 31  ? -6.515  6.764   -7.506  1.00 13.62  ? 134 VAL A CG1 1 
ATOM   275  C  CG2 . VAL A 1 31  ? -5.888  7.511   -9.811  1.00 20.76  ? 134 VAL A CG2 1 
ATOM   276  N  N   . GLU A 1 32  ? -8.981  4.514   -8.331  1.00 24.39  ? 135 GLU A N   1 
ATOM   277  C  CA  . GLU A 1 32  ? -9.759  3.710   -7.394  1.00 23.14  ? 135 GLU A CA  1 
ATOM   278  C  C   . GLU A 1 32  ? -9.502  2.216   -7.573  1.00 20.66  ? 135 GLU A C   1 
ATOM   279  O  O   . GLU A 1 32  ? -9.413  1.484   -6.589  1.00 19.97  ? 135 GLU A O   1 
ATOM   280  C  CB  . GLU A 1 32  ? -11.245 4.015   -7.546  1.00 13.93  ? 135 GLU A CB  1 
ATOM   281  C  CG  . GLU A 1 32  ? -11.648 5.373   -7.019  1.00 24.80  ? 135 GLU A CG  1 
ATOM   282  C  CD  . GLU A 1 32  ? -12.023 5.374   -5.528  1.00 27.58  ? 135 GLU A CD  1 
ATOM   283  O  OE1 . GLU A 1 32  ? -11.894 4.329   -4.858  1.00 23.97  ? 135 GLU A OE1 1 
ATOM   284  O  OE2 . GLU A 1 32  ? -12.458 6.434   -5.022  1.00 34.13  ? 135 GLU A OE2 1 
ATOM   285  N  N   . LYS A 1 33  ? -9.380  1.778   -8.829  1.00 21.83  ? 136 LYS A N   1 
ATOM   286  C  CA  . LYS A 1 33  ? -9.225  0.357   -9.165  1.00 16.77  ? 136 LYS A CA  1 
ATOM   287  C  C   . LYS A 1 33  ? -7.820  -0.188  -8.847  1.00 24.67  ? 136 LYS A C   1 
ATOM   288  O  O   . LYS A 1 33  ? -7.679  -1.308  -8.333  1.00 19.42  ? 136 LYS A O   1 
ATOM   289  C  CB  . LYS A 1 33  ? -9.584  0.130   -10.639 1.00 27.69  ? 136 LYS A CB  1 
ATOM   290  C  CG  . LYS A 1 33  ? -8.842  -1.035  -11.285 1.00 40.00  ? 136 LYS A CG  1 
ATOM   291  C  CD  . LYS A 1 33  ? -8.662  -0.845  -12.794 1.00 54.61  ? 136 LYS A CD  1 
ATOM   292  C  CE  . LYS A 1 33  ? -9.671  -1.663  -13.615 1.00 65.35  ? 136 LYS A CE  1 
ATOM   293  N  NZ  . LYS A 1 33  ? -11.050 -1.064  -13.626 1.00 63.99  ? 136 LYS A NZ  1 
ATOM   294  N  N   . ALA A 1 34  ? -6.788  0.606   -9.145  1.00 24.28  ? 137 ALA A N   1 
ATOM   295  C  CA  . ALA A 1 34  ? -5.420  0.292   -8.709  1.00 22.97  ? 137 ALA A CA  1 
ATOM   296  C  C   . ALA A 1 34  ? -5.323  0.057   -7.192  1.00 17.60  ? 137 ALA A C   1 
ATOM   297  O  O   . ALA A 1 34  ? -4.758  -0.945  -6.735  1.00 15.68  ? 137 ALA A O   1 
ATOM   298  C  CB  . ALA A 1 34  ? -4.455  1.381   -9.142  1.00 10.27  ? 137 ALA A CB  1 
ATOM   299  N  N   . PHE A 1 35  ? -5.868  0.976   -6.406  1.00 18.74  ? 138 PHE A N   1 
ATOM   300  C  CA  . PHE A 1 35  ? -5.812  0.824   -4.955  1.00 20.91  ? 138 PHE A CA  1 
ATOM   301  C  C   . PHE A 1 35  ? -6.583  -0.402  -4.496  1.00 17.39  ? 138 PHE A C   1 
ATOM   302  O  O   . PHE A 1 35  ? -6.115  -1.175  -3.666  1.00 16.11  ? 138 PHE A O   1 
ATOM   303  C  CB  . PHE A 1 35  ? -6.315  2.077   -4.259  1.00 16.45  ? 138 PHE A CB  1 
ATOM   304  C  CG  . PHE A 1 35  ? -5.353  3.223   -4.329  1.00 22.60  ? 138 PHE A CG  1 
ATOM   305  C  CD1 . PHE A 1 35  ? -4.037  3.053   -3.946  1.00 20.19  ? 138 PHE A CD1 1 
ATOM   306  C  CD2 . PHE A 1 35  ? -5.766  4.473   -4.765  1.00 15.57  ? 138 PHE A CD2 1 
ATOM   307  C  CE1 . PHE A 1 35  ? -3.154  4.109   -3.995  1.00 17.70  ? 138 PHE A CE1 1 
ATOM   308  C  CE2 . PHE A 1 35  ? -4.890  5.525   -4.815  1.00 13.22  ? 138 PHE A CE2 1 
ATOM   309  C  CZ  . PHE A 1 35  ? -3.583  5.347   -4.438  1.00 13.93  ? 138 PHE A CZ  1 
ATOM   310  N  N   . LYS A 1 36  ? -7.766  -0.589  -5.064  1.00 22.34  ? 139 LYS A N   1 
ATOM   311  C  CA  . LYS A 1 36  ? -8.540  -1.794  -4.807  1.00 19.19  ? 139 LYS A CA  1 
ATOM   312  C  C   . LYS A 1 36  ? -7.770  -3.088  -5.122  1.00 17.29  ? 139 LYS A C   1 
ATOM   313  O  O   . LYS A 1 36  ? -7.811  -4.039  -4.338  1.00 18.53  ? 139 LYS A O   1 
ATOM   314  C  CB  . LYS A 1 36  ? -9.855  -1.742  -5.577  1.00 19.20  ? 139 LYS A CB  1 
ATOM   315  C  CG  . LYS A 1 36  ? -10.814 -2.897  -5.304  1.00 17.55  ? 139 LYS A CG  1 
ATOM   316  C  CD  . LYS A 1 36  ? -12.085 -2.726  -6.158  1.00 29.95  ? 139 LYS A CD  1 
ATOM   317  C  CE  . LYS A 1 36  ? -12.925 -3.989  -6.216  1.00 23.35  ? 139 LYS A CE  1 
ATOM   318  N  NZ  . LYS A 1 36  ? -13.355 -4.411  -4.846  1.00 42.21  ? 139 LYS A NZ  1 
ATOM   319  N  N   A LYS A 1 37  ? -7.080  -3.110  -6.259  0.56 17.82  ? 140 LYS A N   1 
ATOM   320  N  N   B LYS A 1 37  ? -7.087  -3.133  -6.263  0.44 17.82  ? 140 LYS A N   1 
ATOM   321  C  CA  A LYS A 1 37  ? -6.294  -4.268  -6.674  0.56 16.08  ? 140 LYS A CA  1 
ATOM   322  C  CA  B LYS A 1 37  ? -6.314  -4.321  -6.619  0.44 16.11  ? 140 LYS A CA  1 
ATOM   323  C  C   A LYS A 1 37  ? -5.107  -4.468  -5.738  0.56 16.71  ? 140 LYS A C   1 
ATOM   324  C  C   B LYS A 1 37  ? -5.111  -4.479  -5.698  0.44 16.75  ? 140 LYS A C   1 
ATOM   325  O  O   A LYS A 1 37  ? -4.792  -5.590  -5.349  0.56 17.89  ? 140 LYS A O   1 
ATOM   326  O  O   B LYS A 1 37  ? -4.782  -5.588  -5.283  0.44 17.88  ? 140 LYS A O   1 
ATOM   327  C  CB  A LYS A 1 37  ? -5.838  -4.091  -8.120  0.56 18.91  ? 140 LYS A CB  1 
ATOM   328  C  CB  B LYS A 1 37  ? -5.887  -4.294  -8.087  0.44 18.87  ? 140 LYS A CB  1 
ATOM   329  C  CG  A LYS A 1 37  ? -5.216  -5.314  -8.755  0.56 21.54  ? 140 LYS A CG  1 
ATOM   330  C  CG  B LYS A 1 37  ? -7.041  -4.361  -9.078  0.44 21.84  ? 140 LYS A CG  1 
ATOM   331  C  CD  A LYS A 1 37  ? -5.244  -5.180  -10.281 0.56 27.28  ? 140 LYS A CD  1 
ATOM   332  C  CD  B LYS A 1 37  ? -6.521  -4.489  -10.507 0.44 23.64  ? 140 LYS A CD  1 
ATOM   333  C  CE  A LYS A 1 37  ? -3.884  -5.452  -10.894 0.56 23.14  ? 140 LYS A CE  1 
ATOM   334  C  CE  B LYS A 1 37  ? -7.631  -4.371  -11.533 0.44 24.50  ? 140 LYS A CE  1 
ATOM   335  N  NZ  A LYS A 1 37  ? -3.518  -6.880  -10.743 0.56 26.86  ? 140 LYS A NZ  1 
ATOM   336  N  NZ  B LYS A 1 37  ? -7.064  -4.341  -12.916 0.44 25.99  ? 140 LYS A NZ  1 
ATOM   337  N  N   . ALA A 1 38  ? -4.466  -3.366  -5.365  1.00 16.70  ? 141 ALA A N   1 
ATOM   338  C  CA  . ALA A 1 38  ? -3.407  -3.380  -4.346  1.00 16.56  ? 141 ALA A CA  1 
ATOM   339  C  C   . ALA A 1 38  ? -3.862  -4.006  -3.016  1.00 20.62  ? 141 ALA A C   1 
ATOM   340  O  O   . ALA A 1 38  ? -3.088  -4.739  -2.393  1.00 18.59  ? 141 ALA A O   1 
ATOM   341  C  CB  . ALA A 1 38  ? -2.876  -1.972  -4.092  1.00 14.36  ? 141 ALA A CB  1 
ATOM   342  N  N   . PHE A 1 39  ? -5.088  -3.704  -2.561  1.00 15.72  ? 142 PHE A N   1 
ATOM   343  C  CA  . PHE A 1 39  ? -5.590  -4.275  -1.300  1.00 15.03  ? 142 PHE A CA  1 
ATOM   344  C  C   . PHE A 1 39  ? -5.809  -5.776  -1.444  1.00 17.62  ? 142 PHE A C   1 
ATOM   345  O  O   . PHE A 1 39  ? -5.428  -6.559  -0.568  1.00 14.66  ? 142 PHE A O   1 
ATOM   346  C  CB  . PHE A 1 39  ? -6.888  -3.613  -0.820  1.00 12.75  ? 142 PHE A CB  1 
ATOM   347  C  CG  . PHE A 1 39  ? -6.705  -2.260  -0.197  1.00 12.38  ? 142 PHE A CG  1 
ATOM   348  C  CD1 . PHE A 1 39  ? -5.978  -2.108  0.971   1.00 11.54  ? 142 PHE A CD1 1 
ATOM   349  C  CD2 . PHE A 1 39  ? -7.306  -1.145  -0.753  1.00 10.74  ? 142 PHE A CD2 1 
ATOM   350  C  CE1 . PHE A 1 39  ? -5.829  -0.863  1.562   1.00 12.96  ? 142 PHE A CE1 1 
ATOM   351  C  CE2 . PHE A 1 39  ? -7.149  0.102   -0.172  1.00 14.41  ? 142 PHE A CE2 1 
ATOM   352  C  CZ  . PHE A 1 39  ? -6.409  0.243   0.990   1.00 10.94  ? 142 PHE A CZ  1 
ATOM   353  N  N   . LYS A 1 40  ? -6.413  -6.173  -2.566  1.00 18.57  ? 143 LYS A N   1 
ATOM   354  C  CA  . LYS A 1 40  ? -6.663  -7.588  -2.874  1.00 24.23  ? 143 LYS A CA  1 
ATOM   355  C  C   . LYS A 1 40  ? -5.405  -8.495  -2.832  1.00 21.34  ? 143 LYS A C   1 
ATOM   356  O  O   . LYS A 1 40  ? -5.474  -9.680  -2.474  1.00 21.34  ? 143 LYS A O   1 
ATOM   357  C  CB  . LYS A 1 40  ? -7.384  -7.700  -4.214  1.00 21.22  ? 143 LYS A CB  1 
ATOM   358  C  CG  . LYS A 1 40  ? -7.826  -9.083  -4.584  1.00 28.82  ? 143 LYS A CG  1 
ATOM   359  C  CD  . LYS A 1 40  ? -8.662  -9.033  -5.860  1.00 46.15  ? 143 LYS A CD  1 
ATOM   360  C  CE  . LYS A 1 40  ? -8.418  -10.257 -6.720  1.00 41.03  ? 143 LYS A CE  1 
ATOM   361  N  NZ  . LYS A 1 40  ? -8.577  -11.482 -5.897  1.00 42.42  ? 143 LYS A NZ  1 
ATOM   362  N  N   . VAL A 1 41  ? -4.260  -7.935  -3.195  1.00 17.47  ? 144 VAL A N   1 
ATOM   363  C  CA  . VAL A 1 41  ? -2.980  -8.617  -3.051  1.00 20.41  ? 144 VAL A CA  1 
ATOM   364  C  C   . VAL A 1 41  ? -2.800  -9.190  -1.654  1.00 20.71  ? 144 VAL A C   1 
ATOM   365  O  O   . VAL A 1 41  ? -2.358  -10.326 -1.497  1.00 18.92  ? 144 VAL A O   1 
ATOM   366  C  CB  . VAL A 1 41  ? -1.824  -7.631  -3.334  1.00 25.94  ? 144 VAL A CB  1 
ATOM   367  C  CG1 . VAL A 1 41  ? -0.563  -7.999  -2.548  1.00 17.26  ? 144 VAL A CG1 1 
ATOM   368  C  CG2 . VAL A 1 41  ? -1.567  -7.546  -4.818  1.00 21.42  ? 144 VAL A CG2 1 
ATOM   369  N  N   . TRP A 1 42  ? -3.147  -8.389  -0.649  1.00 14.22  ? 145 TRP A N   1 
ATOM   370  C  CA  . TRP A 1 42  ? -2.920  -8.748  0.742   1.00 15.21  ? 145 TRP A CA  1 
ATOM   371  C  C   . TRP A 1 42  ? -4.085  -9.508  1.375   1.00 16.34  ? 145 TRP A C   1 
ATOM   372  O  O   . TRP A 1 42  ? -3.870  -10.443 2.129   1.00 21.08  ? 145 TRP A O   1 
ATOM   373  C  CB  . TRP A 1 42  ? -2.596  -7.502  1.579   1.00 9.91   ? 145 TRP A CB  1 
ATOM   374  C  CG  . TRP A 1 42  ? -1.405  -6.761  1.105   1.00 11.19  ? 145 TRP A CG  1 
ATOM   375  C  CD1 . TRP A 1 42  ? -1.398  -5.583  0.431   1.00 15.35  ? 145 TRP A CD1 1 
ATOM   376  C  CD2 . TRP A 1 42  ? -0.034  -7.147  1.252   1.00 10.34  ? 145 TRP A CD2 1 
ATOM   377  N  NE1 . TRP A 1 42  ? -0.121  -5.210  0.150   1.00 10.18  ? 145 TRP A NE1 1 
ATOM   378  C  CE2 . TRP A 1 42  ? 0.741   -6.148  0.648   1.00 11.36  ? 145 TRP A CE2 1 
ATOM   379  C  CE3 . TRP A 1 42  ? 0.609   -8.243  1.837   1.00 18.06  ? 145 TRP A CE3 1 
ATOM   380  C  CZ2 . TRP A 1 42  ? 2.136   -6.201  0.609   1.00 16.72  ? 145 TRP A CZ2 1 
ATOM   381  C  CZ3 . TRP A 1 42  ? 1.997   -8.301  1.798   1.00 19.87  ? 145 TRP A CZ3 1 
ATOM   382  C  CH2 . TRP A 1 42  ? 2.745   -7.286  1.181   1.00 19.69  ? 145 TRP A CH2 1 
ATOM   383  N  N   . SER A 1 43  ? -5.314  -9.091  1.096   1.00 15.83  ? 146 SER A N   1 
ATOM   384  C  CA  . SER A 1 43  ? -6.483  -9.793  1.626   1.00 20.31  ? 146 SER A CA  1 
ATOM   385  C  C   . SER A 1 43  ? -6.703  -11.203 1.040   1.00 21.40  ? 146 SER A C   1 
ATOM   386  O  O   . SER A 1 43  ? -7.459  -11.990 1.607   1.00 22.19  ? 146 SER A O   1 
ATOM   387  C  CB  . SER A 1 43  ? -7.741  -8.955  1.421   1.00 23.84  ? 146 SER A CB  1 
ATOM   388  O  OG  . SER A 1 43  ? -8.090  -8.887  0.055   1.00 22.51  ? 146 SER A OG  1 
ATOM   389  N  N   . ASP A 1 44  ? -6.068  -11.514 -0.091  1.00 15.31  ? 147 ASP A N   1 
ATOM   390  C  CA  . ASP A 1 44  ? -6.213  -12.832 -0.702  1.00 20.59  ? 147 ASP A CA  1 
ATOM   391  C  C   . ASP A 1 44  ? -5.500  -13.924 0.080   1.00 31.89  ? 147 ASP A C   1 
ATOM   392  O  O   . ASP A 1 44  ? -5.854  -15.099 -0.015  1.00 33.24  ? 147 ASP A O   1 
ATOM   393  C  CB  . ASP A 1 44  ? -5.711  -12.824 -2.146  1.00 30.71  ? 147 ASP A CB  1 
ATOM   394  C  CG  . ASP A 1 44  ? -6.808  -12.495 -3.143  1.00 50.01  ? 147 ASP A CG  1 
ATOM   395  O  OD1 . ASP A 1 44  ? -7.993  -12.427 -2.732  1.00 61.08  ? 147 ASP A OD1 1 
ATOM   396  O  OD2 . ASP A 1 44  ? -6.489  -12.301 -4.333  1.00 44.84  ? 147 ASP A OD2 1 
ATOM   397  N  N   . VAL A 1 45  ? -4.497  -13.534 0.860   1.00 32.10  ? 148 VAL A N   1 
ATOM   398  C  CA  . VAL A 1 45  ? -3.673  -14.502 1.579   1.00 23.40  ? 148 VAL A CA  1 
ATOM   399  C  C   . VAL A 1 45  ? -3.793  -14.304 3.083   1.00 24.94  ? 148 VAL A C   1 
ATOM   400  O  O   . VAL A 1 45  ? -3.003  -14.840 3.858   1.00 24.15  ? 148 VAL A O   1 
ATOM   401  C  CB  . VAL A 1 45  ? -2.193  -14.433 1.107   1.00 35.54  ? 148 VAL A CB  1 
ATOM   402  C  CG1 . VAL A 1 45  ? -2.088  -14.819 -0.371  1.00 22.83  ? 148 VAL A CG1 1 
ATOM   403  C  CG2 . VAL A 1 45  ? -1.612  -13.043 1.323   1.00 17.55  ? 148 VAL A CG2 1 
ATOM   404  N  N   . THR A 1 46  ? -4.801  -13.532 3.487   1.00 25.59  ? 149 THR A N   1 
ATOM   405  C  CA  . THR A 1 46  ? -5.115  -13.332 4.903   1.00 25.77  ? 149 THR A CA  1 
ATOM   406  C  C   . THR A 1 46  ? -6.623  -13.227 5.154   1.00 33.15  ? 149 THR A C   1 
ATOM   407  O  O   . THR A 1 46  ? -7.432  -13.340 4.220   1.00 31.27  ? 149 THR A O   1 
ATOM   408  C  CB  . THR A 1 46  ? -4.450  -12.061 5.454   1.00 24.00  ? 149 THR A CB  1 
ATOM   409  O  OG1 . THR A 1 46  ? -4.956  -10.922 4.755   1.00 27.02  ? 149 THR A OG1 1 
ATOM   410  C  CG2 . THR A 1 46  ? -2.947  -12.123 5.303   1.00 19.09  ? 149 THR A CG2 1 
ATOM   411  N  N   . PRO A 1 47  ? -7.010  -13.011 6.424   1.00 36.76  ? 150 PRO A N   1 
ATOM   412  C  CA  . PRO A 1 47  ? -8.420  -12.805 6.756   1.00 34.56  ? 150 PRO A CA  1 
ATOM   413  C  C   . PRO A 1 47  ? -8.744  -11.316 6.844   1.00 34.18  ? 150 PRO A C   1 
ATOM   414  O  O   . PRO A 1 47  ? -9.812  -10.947 7.333   1.00 35.08  ? 150 PRO A O   1 
ATOM   415  C  CB  . PRO A 1 47  ? -8.541  -13.434 8.151   1.00 26.52  ? 150 PRO A CB  1 
ATOM   416  C  CG  . PRO A 1 47  ? -7.132  -13.983 8.487   1.00 27.13  ? 150 PRO A CG  1 
ATOM   417  C  CD  . PRO A 1 47  ? -6.212  -13.179 7.649   1.00 29.87  ? 150 PRO A CD  1 
ATOM   418  N  N   . LEU A 1 48  ? -7.819  -10.472 6.398   1.00 27.92  ? 151 LEU A N   1 
ATOM   419  C  CA  . LEU A 1 48  ? -8.050  -9.041  6.371   1.00 24.67  ? 151 LEU A CA  1 
ATOM   420  C  C   . LEU A 1 48  ? -9.048  -8.666  5.276   1.00 23.62  ? 151 LEU A C   1 
ATOM   421  O  O   . LEU A 1 48  ? -9.026  -9.239  4.189   1.00 27.09  ? 151 LEU A O   1 
ATOM   422  C  CB  . LEU A 1 48  ? -6.742  -8.309  6.143   1.00 20.61  ? 151 LEU A CB  1 
ATOM   423  C  CG  . LEU A 1 48  ? -5.723  -8.400  7.266   1.00 27.77  ? 151 LEU A CG  1 
ATOM   424  C  CD1 . LEU A 1 48  ? -4.402  -7.818  6.769   1.00 21.97  ? 151 LEU A CD1 1 
ATOM   425  C  CD2 . LEU A 1 48  ? -6.230  -7.678  8.517   1.00 22.90  ? 151 LEU A CD2 1 
ATOM   426  N  N   . ASN A 1 49  ? -9.918  -7.704  5.572   1.00 25.98  ? 152 ASN A N   1 
ATOM   427  C  CA  . ASN A 1 49  ? -10.882 -7.185  4.599   1.00 25.51  ? 152 ASN A CA  1 
ATOM   428  C  C   . ASN A 1 49  ? -10.755 -5.676  4.487   1.00 27.37  ? 152 ASN A C   1 
ATOM   429  O  O   . ASN A 1 49  ? -10.593 -4.981  5.500   1.00 25.31  ? 152 ASN A O   1 
ATOM   430  C  CB  . ASN A 1 49  ? -12.316 -7.529  5.010   1.00 25.01  ? 152 ASN A CB  1 
ATOM   431  C  CG  . ASN A 1 49  ? -12.603 -9.002  4.921   1.00 46.43  ? 152 ASN A CG  1 
ATOM   432  O  OD1 . ASN A 1 49  ? -12.450 -9.623  3.857   1.00 48.60  ? 152 ASN A OD1 1 
ATOM   433  N  ND2 . ASN A 1 49  ? -13.021 -9.583  6.042   1.00 49.69  ? 152 ASN A ND2 1 
ATOM   434  N  N   . PHE A 1 50  ? -10.846 -5.173  3.260   1.00 21.85  ? 153 PHE A N   1 
ATOM   435  C  CA  . PHE A 1 50  ? -10.758 -3.740  3.009   1.00 22.50  ? 153 PHE A CA  1 
ATOM   436  C  C   . PHE A 1 50  ? -12.016 -3.203  2.346   1.00 26.25  ? 153 PHE A C   1 
ATOM   437  O  O   . PHE A 1 50  ? -12.372 -3.595  1.231   1.00 34.19  ? 153 PHE A O   1 
ATOM   438  C  CB  . PHE A 1 50  ? -9.534  -3.430  2.159   1.00 17.17  ? 153 PHE A CB  1 
ATOM   439  C  CG  . PHE A 1 50  ? -8.279  -3.895  2.772   1.00 12.75  ? 153 PHE A CG  1 
ATOM   440  C  CD1 . PHE A 1 50  ? -7.680  -3.157  3.775   1.00 17.09  ? 153 PHE A CD1 1 
ATOM   441  C  CD2 . PHE A 1 50  ? -7.709  -5.101  2.383   1.00 17.49  ? 153 PHE A CD2 1 
ATOM   442  C  CE1 . PHE A 1 50  ? -6.514  -3.595  4.378   1.00 12.31  ? 153 PHE A CE1 1 
ATOM   443  C  CE2 . PHE A 1 50  ? -6.537  -5.553  2.968   1.00 12.80  ? 153 PHE A CE2 1 
ATOM   444  C  CZ  . PHE A 1 50  ? -5.940  -4.801  3.976   1.00 16.64  ? 153 PHE A CZ  1 
ATOM   445  N  N   . THR A 1 51  ? -12.686 -2.300  3.050   1.00 21.11  ? 154 THR A N   1 
ATOM   446  C  CA  . THR A 1 51  ? -13.931 -1.720  2.580   1.00 20.81  ? 154 THR A CA  1 
ATOM   447  C  C   . THR A 1 51  ? -13.763 -0.228  2.341   1.00 20.09  ? 154 THR A C   1 
ATOM   448  O  O   . THR A 1 51  ? -13.276 0.499   3.206   1.00 20.92  ? 154 THR A O   1 
ATOM   449  C  CB  . THR A 1 51  ? -15.055 -1.927  3.606   1.00 23.87  ? 154 THR A CB  1 
ATOM   450  O  OG1 . THR A 1 51  ? -15.361 -3.322  3.701   1.00 28.55  ? 154 THR A OG1 1 
ATOM   451  C  CG2 . THR A 1 51  ? -16.301 -1.169  3.184   1.00 23.59  ? 154 THR A CG2 1 
ATOM   452  N  N   . ARG A 1 52  ? -14.145 0.208   1.147   1.00 19.25  ? 155 ARG A N   1 
ATOM   453  C  CA  . ARG A 1 52  ? -14.217 1.621   0.798   1.00 16.63  ? 155 ARG A CA  1 
ATOM   454  C  C   . ARG A 1 52  ? -15.287 2.362   1.623   1.00 20.30  ? 155 ARG A C   1 
ATOM   455  O  O   . ARG A 1 52  ? -16.430 1.914   1.702   1.00 24.72  ? 155 ARG A O   1 
ATOM   456  C  CB  . ARG A 1 52  ? -14.554 1.714   -0.685  1.00 11.00  ? 155 ARG A CB  1 
ATOM   457  C  CG  . ARG A 1 52  ? -14.459 3.089   -1.290  1.00 18.99  ? 155 ARG A CG  1 
ATOM   458  C  CD  . ARG A 1 52  ? -14.579 3.022   -2.793  1.00 16.45  ? 155 ARG A CD  1 
ATOM   459  N  NE  . ARG A 1 52  ? -14.401 4.336   -3.390  1.00 16.24  ? 155 ARG A NE  1 
ATOM   460  C  CZ  . ARG A 1 52  ? -15.391 5.071   -3.868  1.00 15.72  ? 155 ARG A CZ  1 
ATOM   461  N  NH1 . ARG A 1 52  ? -15.147 6.260   -4.396  1.00 14.91  ? 155 ARG A NH1 1 
ATOM   462  N  NH2 . ARG A 1 52  ? -16.625 4.607   -3.824  1.00 21.24  ? 155 ARG A NH2 1 
ATOM   463  N  N   . LEU A 1 53  ? -14.913 3.487   2.232   1.00 17.37  ? 156 LEU A N   1 
ATOM   464  C  CA  . LEU A 1 53  ? -15.866 4.358   2.917   1.00 19.75  ? 156 LEU A CA  1 
ATOM   465  C  C   . LEU A 1 53  ? -16.236 5.540   2.046   1.00 23.83  ? 156 LEU A C   1 
ATOM   466  O  O   . LEU A 1 53  ? -15.413 6.048   1.296   1.00 21.44  ? 156 LEU A O   1 
ATOM   467  C  CB  . LEU A 1 53  ? -15.298 4.912   4.227   1.00 20.53  ? 156 LEU A CB  1 
ATOM   468  C  CG  . LEU A 1 53  ? -15.293 4.094   5.514   1.00 31.66  ? 156 LEU A CG  1 
ATOM   469  C  CD1 . LEU A 1 53  ? -14.865 5.002   6.648   1.00 26.71  ? 156 LEU A CD1 1 
ATOM   470  C  CD2 . LEU A 1 53  ? -16.646 3.467   5.813   1.00 26.27  ? 156 LEU A CD2 1 
ATOM   471  N  N   . HIS A 1 54  ? -17.471 6.008   2.180   1.00 26.43  ? 157 HIS A N   1 
ATOM   472  C  CA  . HIS A 1 54  ? -17.946 7.092   1.337   1.00 22.59  ? 157 HIS A CA  1 
ATOM   473  C  C   . HIS A 1 54  ? -17.357 8.429   1.760   1.00 26.53  ? 157 HIS A C   1 
ATOM   474  O  O   . HIS A 1 54  ? -17.019 9.263   0.922   1.00 20.01  ? 157 HIS A O   1 
ATOM   475  C  CB  . HIS A 1 54  ? -19.469 7.149   1.368   1.00 21.57  ? 157 HIS A CB  1 
ATOM   476  C  CG  . HIS A 1 54  ? -20.028 8.467   0.940   1.00 31.79  ? 157 HIS A CG  1 
ATOM   477  N  ND1 . HIS A 1 54  ? -20.034 8.884   -0.376  1.00 35.29  ? 157 HIS A ND1 1 
ATOM   478  C  CD2 . HIS A 1 54  ? -20.599 9.467   1.654   1.00 28.52  ? 157 HIS A CD2 1 
ATOM   479  C  CE1 . HIS A 1 54  ? -20.582 10.083  -0.452  1.00 36.90  ? 157 HIS A CE1 1 
ATOM   480  N  NE2 . HIS A 1 54  ? -20.928 10.461  0.767   1.00 36.81  ? 157 HIS A NE2 1 
ATOM   481  N  N   . ASP A 1 55  ? -17.256 8.622   3.071   1.00 23.39  ? 158 ASP A N   1 
ATOM   482  C  CA  . ASP A 1 55  ? -16.709 9.841   3.641   1.00 25.58  ? 158 ASP A CA  1 
ATOM   483  C  C   . ASP A 1 55  ? -16.224 9.609   5.059   1.00 28.33  ? 158 ASP A C   1 
ATOM   484  O  O   . ASP A 1 55  ? -16.221 8.480   5.547   1.00 29.17  ? 158 ASP A O   1 
ATOM   485  C  CB  . ASP A 1 55  ? -17.726 10.986  3.613   1.00 41.36  ? 158 ASP A CB  1 
ATOM   486  C  CG  . ASP A 1 55  ? -18.972 10.707  4.458   1.00 44.11  ? 158 ASP A CG  1 
ATOM   487  O  OD1 . ASP A 1 55  ? -19.066 9.639   5.117   1.00 50.57  ? 158 ASP A OD1 1 
ATOM   488  O  OD2 . ASP A 1 55  ? -19.876 11.571  4.444   1.00 51.66  ? 158 ASP A OD2 1 
ATOM   489  N  N   . GLY A 1 56  ? -15.801 10.684  5.712   1.00 30.68  ? 159 GLY A N   1 
ATOM   490  C  CA  . GLY A 1 56  ? -15.274 10.588  7.061   1.00 30.23  ? 159 GLY A CA  1 
ATOM   491  C  C   . GLY A 1 56  ? -13.884 9.982   7.102   1.00 28.99  ? 159 GLY A C   1 
ATOM   492  O  O   . GLY A 1 56  ? -13.187 9.929   6.088   1.00 28.28  ? 159 GLY A O   1 
ATOM   493  N  N   . ILE A 1 57  ? -13.493 9.510   8.281   1.00 30.57  ? 160 ILE A N   1 
ATOM   494  C  CA  . ILE A 1 57  ? -12.162 8.956   8.504   1.00 29.81  ? 160 ILE A CA  1 
ATOM   495  C  C   . ILE A 1 57  ? -12.159 7.416   8.494   1.00 29.92  ? 160 ILE A C   1 
ATOM   496  O  O   . ILE A 1 57  ? -12.758 6.765   9.356   1.00 22.06  ? 160 ILE A O   1 
ATOM   497  C  CB  . ILE A 1 57  ? -11.548 9.501   9.816   1.00 32.82  ? 160 ILE A CB  1 
ATOM   498  C  CG1 . ILE A 1 57  ? -11.605 11.032  9.826   1.00 26.53  ? 160 ILE A CG1 1 
ATOM   499  C  CG2 . ILE A 1 57  ? -10.123 9.026   9.997   1.00 25.84  ? 160 ILE A CG2 1 
ATOM   500  C  CD1 . ILE A 1 57  ? -11.139 11.650  11.119  1.00 28.60  ? 160 ILE A CD1 1 
ATOM   501  N  N   . ALA A 1 58  ? -11.480 6.858   7.491   1.00 22.34  ? 161 ALA A N   1 
ATOM   502  C  CA  . ALA A 1 58  ? -11.307 5.424   7.326   1.00 21.39  ? 161 ALA A CA  1 
ATOM   503  C  C   . ALA A 1 58  ? -10.066 5.004   8.094   1.00 15.76  ? 161 ALA A C   1 
ATOM   504  O  O   . ALA A 1 58  ? -9.271  5.851   8.491   1.00 22.12  ? 161 ALA A O   1 
ATOM   505  C  CB  . ALA A 1 58  ? -11.166 5.080   5.850   1.00 15.62  ? 161 ALA A CB  1 
ATOM   506  N  N   . ASP A 1 59  ? -9.897  3.705   8.310   1.00 13.52  ? 162 ASP A N   1 
ATOM   507  C  CA  . ASP A 1 59  ? -8.672  3.209   8.920   1.00 22.44  ? 162 ASP A CA  1 
ATOM   508  C  C   . ASP A 1 59  ? -7.471  3.585   8.056   1.00 19.72  ? 162 ASP A C   1 
ATOM   509  O  O   . ASP A 1 59  ? -6.482  4.042   8.562   1.00 21.28  ? 162 ASP A O   1 
ATOM   510  C  CB  . ASP A 1 59  ? -8.724  1.690   9.138   1.00 15.87  ? 162 ASP A CB  1 
ATOM   511  C  CG  . ASP A 1 59  ? -9.806  1.277   10.115  1.00 26.47  ? 162 ASP A CG  1 
ATOM   512  O  OD1 . ASP A 1 59  ? -9.863  1.872   11.217  1.00 28.14  ? 162 ASP A OD1 1 
ATOM   513  O  OD2 . ASP A 1 59  ? -10.605 0.366   9.781   1.00 27.04  ? 162 ASP A OD2 1 
ATOM   514  N  N   . ILE A 1 60  ? -7.587  3.410   6.745   1.00 19.04  ? 163 ILE A N   1 
ATOM   515  C  CA  . ILE A 1 60  ? -6.494  3.697   5.826   1.00 20.63  ? 163 ILE A CA  1 
ATOM   516  C  C   . ILE A 1 60  ? -6.816  4.882   4.909   1.00 17.15  ? 163 ILE A C   1 
ATOM   517  O  O   . ILE A 1 60  ? -7.505  4.743   3.904   1.00 22.54  ? 163 ILE A O   1 
ATOM   518  C  CB  . ILE A 1 60  ? -6.112  2.418   5.032   1.00 19.86  ? 163 ILE A CB  1 
ATOM   519  C  CG1 . ILE A 1 60  ? -5.748  1.317   6.026   1.00 16.33  ? 163 ILE A CG1 1 
ATOM   520  C  CG2 . ILE A 1 60  ? -4.957  2.671   4.049   1.00 8.13   ? 163 ILE A CG2 1 
ATOM   521  C  CD1 . ILE A 1 60  ? -5.076  0.143   5.406   1.00 26.92  ? 163 ILE A CD1 1 
ATOM   522  N  N   . MET A 1 61  ? -6.345  6.064   5.294   1.00 23.28  ? 164 MET A N   1 
ATOM   523  C  CA  . MET A 1 61  ? -6.539  7.258   4.476   1.00 16.32  ? 164 MET A CA  1 
ATOM   524  C  C   . MET A 1 61  ? -5.449  7.326   3.418   1.00 15.30  ? 164 MET A C   1 
ATOM   525  O  O   . MET A 1 61  ? -4.261  7.190   3.707   1.00 19.06  ? 164 MET A O   1 
ATOM   526  C  CB  . MET A 1 61  ? -6.554  8.529   5.331   1.00 13.87  ? 164 MET A CB  1 
ATOM   527  C  CG  . MET A 1 61  ? -7.695  8.589   6.337   1.00 20.78  ? 164 MET A CG  1 
ATOM   528  S  SD  . MET A 1 61  ? -9.332  8.647   5.606   1.00 23.78  ? 164 MET A SD  1 
ATOM   529  C  CE  . MET A 1 61  ? -9.559  10.392  5.300   1.00 22.74  ? 164 MET A CE  1 
ATOM   530  N  N   . ILE A 1 62  ? -5.867  7.513   2.178   1.00 17.85  ? 165 ILE A N   1 
ATOM   531  C  CA  . ILE A 1 62  ? -4.961  7.491   1.053   1.00 14.68  ? 165 ILE A CA  1 
ATOM   532  C  C   . ILE A 1 62  ? -5.026  8.849   0.375   1.00 20.31  ? 165 ILE A C   1 
ATOM   533  O  O   . ILE A 1 62  ? -6.113  9.372   0.130   1.00 16.51  ? 165 ILE A O   1 
ATOM   534  C  CB  . ILE A 1 62  ? -5.371  6.400   0.073   1.00 9.58   ? 165 ILE A CB  1 
ATOM   535  C  CG1 . ILE A 1 62  ? -5.303  5.045   0.754   1.00 7.18   ? 165 ILE A CG1 1 
ATOM   536  C  CG2 . ILE A 1 62  ? -4.502  6.422   -1.178  1.00 18.42  ? 165 ILE A CG2 1 
ATOM   537  C  CD1 . ILE A 1 62  ? -5.696  3.945   -0.171  1.00 25.27  ? 165 ILE A CD1 1 
ATOM   538  N  N   . SER A 1 63  ? -3.864  9.432   0.087   1.00 25.15  ? 166 SER A N   1 
ATOM   539  C  CA  . SER A 1 63  ? -3.835  10.735  -0.568  1.00 19.49  ? 166 SER A CA  1 
ATOM   540  C  C   . SER A 1 63  ? -2.603  10.954  -1.413  1.00 23.31  ? 166 SER A C   1 
ATOM   541  O  O   . SER A 1 63  ? -1.608  10.255  -1.267  1.00 20.72  ? 166 SER A O   1 
ATOM   542  C  CB  . SER A 1 63  ? -3.954  11.855  0.463   1.00 18.95  ? 166 SER A CB  1 
ATOM   543  O  OG  . SER A 1 63  ? -3.134  11.601  1.581   1.00 25.85  ? 166 SER A OG  1 
ATOM   544  N  N   . PHE A 1 64  ? -2.682  11.950  -2.290  1.00 27.32  ? 167 PHE A N   1 
ATOM   545  C  CA  . PHE A 1 64  ? -1.536  12.380  -3.075  1.00 26.44  ? 167 PHE A CA  1 
ATOM   546  C  C   . PHE A 1 64  ? -1.061  13.737  -2.595  1.00 28.96  ? 167 PHE A C   1 
ATOM   547  O  O   . PHE A 1 64  ? -1.823  14.494  -2.003  1.00 29.56  ? 167 PHE A O   1 
ATOM   548  C  CB  . PHE A 1 64  ? -1.899  12.454  -4.548  1.00 22.59  ? 167 PHE A CB  1 
ATOM   549  C  CG  . PHE A 1 64  ? -2.220  11.123  -5.154  1.00 25.58  ? 167 PHE A CG  1 
ATOM   550  C  CD1 . PHE A 1 64  ? -1.323  10.506  -6.019  1.00 25.81  ? 167 PHE A CD1 1 
ATOM   551  C  CD2 . PHE A 1 64  ? -3.402  10.479  -4.848  1.00 18.34  ? 167 PHE A CD2 1 
ATOM   552  C  CE1 . PHE A 1 64  ? -1.615  9.271   -6.579  1.00 20.86  ? 167 PHE A CE1 1 
ATOM   553  C  CE2 . PHE A 1 64  ? -3.707  9.242   -5.414  1.00 26.02  ? 167 PHE A CE2 1 
ATOM   554  C  CZ  . PHE A 1 64  ? -2.812  8.638   -6.278  1.00 18.86  ? 167 PHE A CZ  1 
ATOM   555  N  N   . GLY A 1 65  ? 0.206   14.032  -2.849  1.00 31.14  ? 168 GLY A N   1 
ATOM   556  C  CA  . GLY A 1 65  ? 0.811   15.275  -2.413  1.00 26.46  ? 168 GLY A CA  1 
ATOM   557  C  C   . GLY A 1 65  ? 2.110   15.524  -3.147  1.00 30.58  ? 168 GLY A C   1 
ATOM   558  O  O   . GLY A 1 65  ? 2.680   14.623  -3.770  1.00 30.70  ? 168 GLY A O   1 
ATOM   559  N  N   . ILE A 1 66  ? 2.575   16.761  -3.100  1.00 34.04  ? 169 ILE A N   1 
ATOM   560  C  CA  . ILE A 1 66  ? 3.897   17.074  -3.619  1.00 38.47  ? 169 ILE A CA  1 
ATOM   561  C  C   . ILE A 1 66  ? 4.648   17.885  -2.575  1.00 27.30  ? 169 ILE A C   1 
ATOM   562  O  O   . ILE A 1 66  ? 4.033   18.545  -1.740  1.00 25.27  ? 169 ILE A O   1 
ATOM   563  C  CB  . ILE A 1 66  ? 3.836   17.832  -4.966  1.00 38.05  ? 169 ILE A CB  1 
ATOM   564  C  CG1 . ILE A 1 66  ? 3.235   19.220  -4.789  1.00 43.84  ? 169 ILE A CG1 1 
ATOM   565  C  CG2 . ILE A 1 66  ? 3.027   17.061  -5.991  1.00 32.18  ? 169 ILE A CG2 1 
ATOM   566  C  CD1 . ILE A 1 66  ? 3.261   20.019  -6.071  1.00 52.46  ? 169 ILE A CD1 1 
ATOM   567  N  N   . LYS A 1 67  ? 5.971   17.805  -2.607  1.00 22.49  ? 170 LYS A N   1 
ATOM   568  C  CA  . LYS A 1 67  ? 6.813   18.556  -1.673  1.00 37.02  ? 170 LYS A CA  1 
ATOM   569  C  C   . LYS A 1 67  ? 6.185   18.605  -0.287  1.00 27.49  ? 170 LYS A C   1 
ATOM   570  O  O   . LYS A 1 67  ? 5.688   17.592  0.205   1.00 43.53  ? 170 LYS A O   1 
ATOM   571  C  CB  . LYS A 1 67  ? 7.074   19.970  -2.196  1.00 30.38  ? 170 LYS A CB  1 
ATOM   572  C  CG  . LYS A 1 67  ? 7.631   20.021  -3.624  1.00 32.95  ? 170 LYS A CG  1 
ATOM   573  C  CD  . LYS A 1 67  ? 8.988   19.342  -3.727  1.00 36.72  ? 170 LYS A CD  1 
ATOM   574  C  CE  . LYS A 1 67  ? 9.865   20.000  -4.800  1.00 49.84  ? 170 LYS A CE  1 
ATOM   575  N  NZ  . LYS A 1 67  ? 9.229   20.020  -6.153  1.00 51.32  ? 170 LYS A NZ  1 
ATOM   576  N  N   . GLU A 1 68  ? 6.201   19.774  0.343   1.00 39.71  ? 171 GLU A N   1 
ATOM   577  C  CA  . GLU A 1 68  ? 5.516   19.950  1.629   1.00 44.10  ? 171 GLU A CA  1 
ATOM   578  C  C   . GLU A 1 68  ? 4.030   19.677  1.464   1.00 40.03  ? 171 GLU A C   1 
ATOM   579  O  O   . GLU A 1 68  ? 3.342   20.423  0.764   1.00 36.72  ? 171 GLU A O   1 
ATOM   580  C  CB  . GLU A 1 68  ? 5.713   21.370  2.160   1.00 44.63  ? 171 GLU A CB  1 
ATOM   581  C  CG  . GLU A 1 68  ? 6.896   21.519  3.088   1.00 53.99  ? 171 GLU A CG  1 
ATOM   582  C  CD  . GLU A 1 68  ? 6.794   20.618  4.309   1.00 68.41  ? 171 GLU A CD  1 
ATOM   583  O  OE1 . GLU A 1 68  ? 5.705   20.036  4.541   1.00 58.03  ? 171 GLU A OE1 1 
ATOM   584  O  OE2 . GLU A 1 68  ? 7.808   20.497  5.036   1.00 80.57  ? 171 GLU A OE2 1 
ATOM   585  N  N   . HIS A 1 69  ? 3.527   18.618  2.099   1.00 39.91  ? 172 HIS A N   1 
ATOM   586  C  CA  . HIS A 1 69  ? 2.136   18.203  1.866   1.00 37.25  ? 172 HIS A CA  1 
ATOM   587  C  C   . HIS A 1 69  ? 1.306   17.943  3.131   1.00 41.81  ? 172 HIS A C   1 
ATOM   588  O  O   . HIS A 1 69  ? 0.261   17.285  3.077   1.00 26.53  ? 172 HIS A O   1 
ATOM   589  C  CB  . HIS A 1 69  ? 2.066   16.993  0.917   1.00 24.12  ? 172 HIS A CB  1 
ATOM   590  C  CG  . HIS A 1 69  ? 2.725   15.758  1.456   1.00 40.05  ? 172 HIS A CG  1 
ATOM   591  N  ND1 . HIS A 1 69  ? 4.070   15.494  1.285   1.00 27.34  ? 172 HIS A ND1 1 
ATOM   592  C  CD2 . HIS A 1 69  ? 2.226   14.719  2.164   1.00 23.08  ? 172 HIS A CD2 1 
ATOM   593  C  CE1 . HIS A 1 69  ? 4.367   14.344  1.862   1.00 17.25  ? 172 HIS A CE1 1 
ATOM   594  N  NE2 . HIS A 1 69  ? 3.268   13.855  2.404   1.00 20.87  ? 172 HIS A NE2 1 
ATOM   595  N  N   . GLY A 1 70  ? 1.758   18.449  4.271   1.00 38.11  ? 173 GLY A N   1 
ATOM   596  C  CA  . GLY A 1 70  ? 0.901   18.416  5.442   1.00 30.68  ? 173 GLY A CA  1 
ATOM   597  C  C   . GLY A 1 70  ? 1.434   17.658  6.627   1.00 41.14  ? 173 GLY A C   1 
ATOM   598  O  O   . GLY A 1 70  ? 0.964   17.841  7.753   1.00 54.67  ? 173 GLY A O   1 
ATOM   599  N  N   . ASP A 1 71  ? 2.401   16.784  6.393   1.00 34.29  ? 174 ASP A N   1 
ATOM   600  C  CA  . ASP A 1 71  ? 3.071   16.145  7.515   1.00 27.66  ? 174 ASP A CA  1 
ATOM   601  C  C   . ASP A 1 71  ? 4.485   16.682  7.594   1.00 28.22  ? 174 ASP A C   1 
ATOM   602  O  O   . ASP A 1 71  ? 4.780   17.713  6.982   1.00 32.96  ? 174 ASP A O   1 
ATOM   603  C  CB  . ASP A 1 71  ? 3.007   14.607  7.438   1.00 34.73  ? 174 ASP A CB  1 
ATOM   604  C  CG  . ASP A 1 71  ? 3.664   14.023  6.178   1.00 29.12  ? 174 ASP A CG  1 
ATOM   605  O  OD1 . ASP A 1 71  ? 4.440   14.709  5.471   1.00 26.64  ? 174 ASP A OD1 1 
ATOM   606  O  OD2 . ASP A 1 71  ? 3.415   12.833  5.922   1.00 28.11  ? 174 ASP A OD2 1 
ATOM   607  N  N   . PHE A 1 72  ? 5.351   16.004  8.341   1.00 22.57  ? 175 PHE A N   1 
ATOM   608  C  CA  . PHE A 1 72  ? 6.732   16.454  8.483   1.00 27.51  ? 175 PHE A CA  1 
ATOM   609  C  C   . PHE A 1 72  ? 7.664   15.661  7.578   1.00 27.43  ? 175 PHE A C   1 
ATOM   610  O  O   . PHE A 1 72  ? 8.869   15.625  7.807   1.00 29.30  ? 175 PHE A O   1 
ATOM   611  C  CB  . PHE A 1 72  ? 7.205   16.315  9.935   1.00 31.91  ? 175 PHE A CB  1 
ATOM   612  C  CG  . PHE A 1 72  ? 6.429   17.153  10.918  1.00 33.41  ? 175 PHE A CG  1 
ATOM   613  C  CD1 . PHE A 1 72  ? 5.698   16.553  11.936  1.00 30.82  ? 175 PHE A CD1 1 
ATOM   614  C  CD2 . PHE A 1 72  ? 6.447   18.543  10.838  1.00 41.80  ? 175 PHE A CD2 1 
ATOM   615  C  CE1 . PHE A 1 72  ? 4.985   17.322  12.860  1.00 37.78  ? 175 PHE A CE1 1 
ATOM   616  C  CE2 . PHE A 1 72  ? 5.737   19.321  11.745  1.00 35.68  ? 175 PHE A CE2 1 
ATOM   617  C  CZ  . PHE A 1 72  ? 5.003   18.708  12.760  1.00 44.04  ? 175 PHE A CZ  1 
ATOM   618  N  N   . TYR A 1 73  ? 7.102   15.014  6.560   1.00 27.20  ? 176 TYR A N   1 
ATOM   619  C  CA  . TYR A 1 73  ? 7.889   14.177  5.658   1.00 23.43  ? 176 TYR A CA  1 
ATOM   620  C  C   . TYR A 1 73  ? 7.623   14.577  4.228   1.00 24.67  ? 176 TYR A C   1 
ATOM   621  O  O   . TYR A 1 73  ? 6.857   13.925  3.528   1.00 28.04  ? 176 TYR A O   1 
ATOM   622  C  CB  . TYR A 1 73  ? 7.543   12.700  5.861   1.00 28.82  ? 176 TYR A CB  1 
ATOM   623  C  CG  . TYR A 1 73  ? 7.494   12.329  7.322   1.00 31.83  ? 176 TYR A CG  1 
ATOM   624  C  CD1 . TYR A 1 73  ? 8.643   11.938  8.007   1.00 25.63  ? 176 TYR A CD1 1 
ATOM   625  C  CD2 . TYR A 1 73  ? 6.298   12.417  8.030   1.00 34.85  ? 176 TYR A CD2 1 
ATOM   626  C  CE1 . TYR A 1 73  ? 8.593   11.633  9.354   1.00 38.68  ? 176 TYR A CE1 1 
ATOM   627  C  CE2 . TYR A 1 73  ? 6.238   12.118  9.369   1.00 31.20  ? 176 TYR A CE2 1 
ATOM   628  C  CZ  . TYR A 1 73  ? 7.381   11.726  10.026  1.00 33.38  ? 176 TYR A CZ  1 
ATOM   629  O  OH  . TYR A 1 73  ? 7.298   11.422  11.355  1.00 36.74  ? 176 TYR A OH  1 
ATOM   630  N  N   . PRO A 1 74  ? 8.280   15.647  3.778   1.00 29.88  ? 177 PRO A N   1 
ATOM   631  C  CA  . PRO A 1 74  ? 8.021   16.222  2.456   1.00 26.43  ? 177 PRO A CA  1 
ATOM   632  C  C   . PRO A 1 74  ? 8.490   15.280  1.351   1.00 30.28  ? 177 PRO A C   1 
ATOM   633  O  O   . PRO A 1 74  ? 9.356   14.438  1.582   1.00 19.82  ? 177 PRO A O   1 
ATOM   634  C  CB  . PRO A 1 74  ? 8.894   17.478  2.447   1.00 26.26  ? 177 PRO A CB  1 
ATOM   635  C  CG  . PRO A 1 74  ? 9.492   17.577  3.839   1.00 32.68  ? 177 PRO A CG  1 
ATOM   636  C  CD  . PRO A 1 74  ? 9.477   16.221  4.404   1.00 22.82  ? 177 PRO A CD  1 
ATOM   637  N  N   . PHE A 1 75  ? 7.913   15.422  0.165   1.00 28.91  ? 178 PHE A N   1 
ATOM   638  C  CA  . PHE A 1 75  ? 8.355   14.661  -0.991  1.00 23.92  ? 178 PHE A CA  1 
ATOM   639  C  C   . PHE A 1 75  ? 9.423   15.462  -1.713  1.00 30.43  ? 178 PHE A C   1 
ATOM   640  O  O   . PHE A 1 75  ? 9.727   16.589  -1.313  1.00 34.70  ? 178 PHE A O   1 
ATOM   641  C  CB  . PHE A 1 75  ? 7.181   14.354  -1.914  1.00 20.15  ? 178 PHE A CB  1 
ATOM   642  C  CG  . PHE A 1 75  ? 6.296   13.257  -1.410  1.00 20.38  ? 178 PHE A CG  1 
ATOM   643  C  CD1 . PHE A 1 75  ? 6.842   12.055  -0.989  1.00 18.88  ? 178 PHE A CD1 1 
ATOM   644  C  CD2 . PHE A 1 75  ? 4.920   13.415  -1.367  1.00 20.06  ? 178 PHE A CD2 1 
ATOM   645  C  CE1 . PHE A 1 75  ? 6.034   11.026  -0.537  1.00 20.02  ? 178 PHE A CE1 1 
ATOM   646  C  CE2 . PHE A 1 75  ? 4.108   12.396  -0.912  1.00 23.24  ? 178 PHE A CE2 1 
ATOM   647  C  CZ  . PHE A 1 75  ? 4.669   11.196  -0.493  1.00 23.33  ? 178 PHE A CZ  1 
ATOM   648  N  N   . ASP A 1 76  ? 9.988   14.904  -2.776  1.00 28.50  ? 179 ASP A N   1 
ATOM   649  C  CA  . ASP A 1 76  ? 11.205  15.482  -3.336  1.00 29.74  ? 179 ASP A CA  1 
ATOM   650  C  C   . ASP A 1 76  ? 11.184  15.725  -4.839  1.00 25.66  ? 179 ASP A C   1 
ATOM   651  O  O   . ASP A 1 76  ? 12.212  15.587  -5.499  1.00 35.51  ? 179 ASP A O   1 
ATOM   652  C  CB  . ASP A 1 76  ? 12.407  14.600  -2.978  1.00 27.18  ? 179 ASP A CB  1 
ATOM   653  C  CG  . ASP A 1 76  ? 12.277  13.190  -3.530  1.00 36.54  ? 179 ASP A CG  1 
ATOM   654  O  OD1 . ASP A 1 76  ? 11.236  12.895  -4.145  1.00 21.05  ? 179 ASP A OD1 1 
ATOM   655  O  OD2 . ASP A 1 76  ? 13.211  12.375  -3.351  1.00 45.94  ? 179 ASP A OD2 1 
ATOM   656  N  N   . GLY A 1 77  ? 10.037  16.095  -5.391  1.00 24.66  ? 180 GLY A N   1 
ATOM   657  C  CA  . GLY A 1 77  ? 9.948   16.255  -6.832  1.00 31.93  ? 180 GLY A CA  1 
ATOM   658  C  C   . GLY A 1 77  ? 10.118  14.921  -7.544  1.00 28.19  ? 180 GLY A C   1 
ATOM   659  O  O   . GLY A 1 77  ? 10.137  13.888  -6.911  1.00 24.05  ? 180 GLY A O   1 
ATOM   660  N  N   . PRO A 1 78  ? 10.248  14.934  -8.875  1.00 39.19  ? 181 PRO A N   1 
ATOM   661  C  CA  . PRO A 1 78  ? 10.197  13.680  -9.649  1.00 34.50  ? 181 PRO A CA  1 
ATOM   662  C  C   . PRO A 1 78  ? 11.330  12.710  -9.324  1.00 35.02  ? 181 PRO A C   1 
ATOM   663  O  O   . PRO A 1 78  ? 12.414  13.142  -8.937  1.00 37.28  ? 181 PRO A O   1 
ATOM   664  C  CB  . PRO A 1 78  ? 10.309  14.154  -11.098 1.00 34.67  ? 181 PRO A CB  1 
ATOM   665  C  CG  . PRO A 1 78  ? 9.839   15.569  -11.060 1.00 45.00  ? 181 PRO A CG  1 
ATOM   666  C  CD  . PRO A 1 78  ? 10.311  16.116  -9.744  1.00 30.59  ? 181 PRO A CD  1 
ATOM   667  N  N   . SER A 1 79  ? 11.072  11.413  -9.486  1.00 43.81  ? 182 SER A N   1 
ATOM   668  C  CA  . SER A 1 79  ? 12.045  10.383  -9.122  1.00 37.54  ? 182 SER A CA  1 
ATOM   669  C  C   . SER A 1 79  ? 12.243  10.393  -7.600  1.00 30.76  ? 182 SER A C   1 
ATOM   670  O  O   . SER A 1 79  ? 11.528  11.085  -6.896  1.00 24.38  ? 182 SER A O   1 
ATOM   671  C  CB  . SER A 1 79  ? 13.368  10.616  -9.860  1.00 38.90  ? 182 SER A CB  1 
ATOM   672  O  OG  . SER A 1 79  ? 14.152  9.438   -9.906  1.00 48.55  ? 182 SER A OG  1 
ATOM   673  N  N   . GLY A 1 80  ? 13.197  9.621   -7.089  1.00 39.76  ? 183 GLY A N   1 
ATOM   674  C  CA  . GLY A 1 80  ? 13.439  9.568   -5.656  1.00 23.30  ? 183 GLY A CA  1 
ATOM   675  C  C   . GLY A 1 80  ? 12.324  8.865   -4.904  1.00 26.57  ? 183 GLY A C   1 
ATOM   676  O  O   . GLY A 1 80  ? 11.843  7.818   -5.342  1.00 35.08  ? 183 GLY A O   1 
ATOM   677  N  N   . LEU A 1 81  ? 11.921  9.436   -3.767  1.00 24.33  ? 184 LEU A N   1 
ATOM   678  C  CA  . LEU A 1 81  ? 10.809  8.919   -2.976  1.00 26.98  ? 184 LEU A CA  1 
ATOM   679  C  C   . LEU A 1 81  ? 9.558   8.827   -3.839  1.00 19.51  ? 184 LEU A C   1 
ATOM   680  O  O   . LEU A 1 81  ? 9.233   9.773   -4.523  1.00 23.21  ? 184 LEU A O   1 
ATOM   681  C  CB  . LEU A 1 81  ? 10.505  9.863   -1.809  1.00 32.39  ? 184 LEU A CB  1 
ATOM   682  C  CG  . LEU A 1 81  ? 11.625  10.526  -1.010  1.00 30.33  ? 184 LEU A CG  1 
ATOM   683  C  CD1 . LEU A 1 81  ? 11.038  11.480  0.034   1.00 26.64  ? 184 LEU A CD1 1 
ATOM   684  C  CD2 . LEU A 1 81  ? 12.529  9.492   -0.345  1.00 26.67  ? 184 LEU A CD2 1 
ATOM   685  N  N   . LEU A 1 82  ? 8.840   7.713   -3.799  1.00 16.45  ? 185 LEU A N   1 
ATOM   686  C  CA  . LEU A 1 82  ? 7.595   7.610   -4.566  1.00 17.22  ? 185 LEU A CA  1 
ATOM   687  C  C   . LEU A 1 82  ? 6.352   7.739   -3.687  1.00 20.13  ? 185 LEU A C   1 
ATOM   688  O  O   . LEU A 1 82  ? 5.314   8.242   -4.123  1.00 24.32  ? 185 LEU A O   1 
ATOM   689  C  CB  . LEU A 1 82  ? 7.543   6.302   -5.356  1.00 18.90  ? 185 LEU A CB  1 
ATOM   690  C  CG  . LEU A 1 82  ? 8.754   6.008   -6.252  1.00 19.86  ? 185 LEU A CG  1 
ATOM   691  C  CD1 . LEU A 1 82  ? 8.514   4.730   -6.997  1.00 9.47   ? 185 LEU A CD1 1 
ATOM   692  C  CD2 . LEU A 1 82  ? 9.060   7.164   -7.205  1.00 18.06  ? 185 LEU A CD2 1 
ATOM   693  N  N   . ALA A 1 83  ? 6.466   7.287   -2.445  1.00 22.14  ? 186 ALA A N   1 
ATOM   694  C  CA  . ALA A 1 83  ? 5.331   7.230   -1.549  1.00 17.24  ? 186 ALA A CA  1 
ATOM   695  C  C   . ALA A 1 83  ? 5.844   6.939   -0.162  1.00 26.46  ? 186 ALA A C   1 
ATOM   696  O  O   . ALA A 1 83  ? 6.991   6.533   0.002   1.00 21.94  ? 186 ALA A O   1 
ATOM   697  C  CB  . ALA A 1 83  ? 4.368   6.127   -1.985  1.00 12.73  ? 186 ALA A CB  1 
ATOM   698  N  N   . HIS A 1 84  ? 4.992   7.131   0.837   1.00 16.54  ? 187 HIS A N   1 
ATOM   699  C  CA  . HIS A 1 84  ? 5.289   6.604   2.148   1.00 18.33  ? 187 HIS A CA  1 
ATOM   700  C  C   . HIS A 1 84  ? 4.006   6.301   2.929   1.00 16.53  ? 187 HIS A C   1 
ATOM   701  O  O   . HIS A 1 84  ? 2.936   6.823   2.623   1.00 16.64  ? 187 HIS A O   1 
ATOM   702  C  CB  . HIS A 1 84  ? 6.264   7.513   2.921   1.00 23.18  ? 187 HIS A CB  1 
ATOM   703  C  CG  . HIS A 1 84  ? 5.739   8.887   3.178   1.00 19.92  ? 187 HIS A CG  1 
ATOM   704  N  ND1 . HIS A 1 84  ? 6.380   10.020  2.737   1.00 22.06  ? 187 HIS A ND1 1 
ATOM   705  C  CD2 . HIS A 1 84  ? 4.628   9.308   3.830   1.00 22.37  ? 187 HIS A CD2 1 
ATOM   706  C  CE1 . HIS A 1 84  ? 5.685   11.086  3.099   1.00 28.71  ? 187 HIS A CE1 1 
ATOM   707  N  NE2 . HIS A 1 84  ? 4.619   10.679  3.765   1.00 24.35  ? 187 HIS A NE2 1 
ATOM   708  N  N   . ALA A 1 85  ? 4.145   5.449   3.936   1.00 11.21  ? 188 ALA A N   1 
ATOM   709  C  CA  . ALA A 1 85  ? 3.032   4.843   4.618   1.00 19.56  ? 188 ALA A CA  1 
ATOM   710  C  C   . ALA A 1 85  ? 3.382   4.731   6.090   1.00 21.85  ? 188 ALA A C   1 
ATOM   711  O  O   . ALA A 1 85  ? 4.533   4.498   6.447   1.00 23.02  ? 188 ALA A O   1 
ATOM   712  C  CB  . ALA A 1 85  ? 2.761   3.449   4.033   1.00 13.40  ? 188 ALA A CB  1 
ATOM   713  N  N   . PHE A 1 86  ? 2.373   4.878   6.933   1.00 19.05  ? 189 PHE A N   1 
ATOM   714  C  CA  . PHE A 1 86  ? 2.536   4.744   8.363   1.00 15.17  ? 189 PHE A CA  1 
ATOM   715  C  C   . PHE A 1 86  ? 2.148   3.351   8.806   1.00 18.67  ? 189 PHE A C   1 
ATOM   716  O  O   . PHE A 1 86  ? 1.172   2.783   8.314   1.00 22.58  ? 189 PHE A O   1 
ATOM   717  C  CB  . PHE A 1 86  ? 1.668   5.775   9.084   1.00 18.86  ? 189 PHE A CB  1 
ATOM   718  C  CG  . PHE A 1 86  ? 2.025   7.185   8.752   1.00 22.19  ? 189 PHE A CG  1 
ATOM   719  C  CD1 . PHE A 1 86  ? 2.979   7.858   9.476   1.00 29.27  ? 189 PHE A CD1 1 
ATOM   720  C  CD2 . PHE A 1 86  ? 1.422   7.831   7.699   1.00 25.68  ? 189 PHE A CD2 1 
ATOM   721  C  CE1 . PHE A 1 86  ? 3.317   9.152   9.160   1.00 35.74  ? 189 PHE A CE1 1 
ATOM   722  C  CE2 . PHE A 1 86  ? 1.759   9.128   7.383   1.00 28.27  ? 189 PHE A CE2 1 
ATOM   723  C  CZ  . PHE A 1 86  ? 2.701   9.787   8.115   1.00 26.77  ? 189 PHE A CZ  1 
ATOM   724  N  N   . PRO A 1 87  ? 2.902   2.801   9.766   1.00 20.53  ? 190 PRO A N   1 
ATOM   725  C  CA  . PRO A 1 87  ? 2.647   1.476   10.343  1.00 20.38  ? 190 PRO A CA  1 
ATOM   726  C  C   . PRO A 1 87  ? 1.280   1.422   11.045  1.00 19.99  ? 190 PRO A C   1 
ATOM   727  O  O   . PRO A 1 87  ? 0.694   2.460   11.348  1.00 12.78  ? 190 PRO A O   1 
ATOM   728  C  CB  . PRO A 1 87  ? 3.767   1.318   11.386  1.00 20.58  ? 190 PRO A CB  1 
ATOM   729  C  CG  . PRO A 1 87  ? 4.695   2.448   11.163  1.00 20.85  ? 190 PRO A CG  1 
ATOM   730  C  CD  . PRO A 1 87  ? 3.960   3.530   10.478  1.00 8.44   ? 190 PRO A CD  1 
ATOM   731  N  N   . PRO A 1 88  ? 0.780   0.211   11.315  1.00 21.67  ? 191 PRO A N   1 
ATOM   732  C  CA  . PRO A 1 88  ? -0.520  0.089   11.988  1.00 23.06  ? 191 PRO A CA  1 
ATOM   733  C  C   . PRO A 1 88  ? -0.615  0.866   13.316  1.00 26.43  ? 191 PRO A C   1 
ATOM   734  O  O   . PRO A 1 88  ? 0.312   0.873   14.120  1.00 30.23  ? 191 PRO A O   1 
ATOM   735  C  CB  . PRO A 1 88  ? -0.647  -1.418  12.232  1.00 24.45  ? 191 PRO A CB  1 
ATOM   736  C  CG  . PRO A 1 88  ? 0.228   -2.054  11.191  1.00 14.96  ? 191 PRO A CG  1 
ATOM   737  C  CD  . PRO A 1 88  ? 1.354   -1.100  10.950  1.00 19.25  ? 191 PRO A CD  1 
ATOM   738  N  N   . GLY A 1 89  ? -1.751  1.525   13.524  1.00 21.54  ? 192 GLY A N   1 
ATOM   739  C  CA  . GLY A 1 89  ? -2.023  2.242   14.751  1.00 20.66  ? 192 GLY A CA  1 
ATOM   740  C  C   . GLY A 1 89  ? -3.240  3.121   14.539  1.00 28.97  ? 192 GLY A C   1 
ATOM   741  O  O   . GLY A 1 89  ? -3.837  3.099   13.455  1.00 28.28  ? 192 GLY A O   1 
ATOM   742  N  N   . PRO A 1 90  ? -3.600  3.920   15.557  1.00 22.43  ? 193 PRO A N   1 
ATOM   743  C  CA  . PRO A 1 90  ? -4.730  4.848   15.446  1.00 24.89  ? 193 PRO A CA  1 
ATOM   744  C  C   . PRO A 1 90  ? -4.362  6.015   14.546  1.00 26.11  ? 193 PRO A C   1 
ATOM   745  O  O   . PRO A 1 90  ? -3.231  6.076   14.057  1.00 25.00  ? 193 PRO A O   1 
ATOM   746  C  CB  . PRO A 1 90  ? -4.911  5.376   16.884  1.00 25.82  ? 193 PRO A CB  1 
ATOM   747  C  CG  . PRO A 1 90  ? -3.841  4.691   17.735  1.00 18.28  ? 193 PRO A CG  1 
ATOM   748  C  CD  . PRO A 1 90  ? -2.821  4.145   16.785  1.00 31.49  ? 193 PRO A CD  1 
ATOM   749  N  N   . ASN A 1 91  ? -5.304  6.934   14.355  1.00 23.06  ? 194 ASN A N   1 
ATOM   750  C  CA  . ASN A 1 91  ? -5.051  8.201   13.656  1.00 20.90  ? 194 ASN A CA  1 
ATOM   751  C  C   . ASN A 1 91  ? -4.304  8.063   12.330  1.00 20.87  ? 194 ASN A C   1 
ATOM   752  O  O   . ASN A 1 91  ? -4.894  7.654   11.353  1.00 30.90  ? 194 ASN A O   1 
ATOM   753  C  CB  . ASN A 1 91  ? -4.466  9.293   14.590  1.00 25.33  ? 194 ASN A CB  1 
ATOM   754  C  CG  . ASN A 1 91  ? -3.129  8.900   15.226  1.00 39.42  ? 194 ASN A CG  1 
ATOM   755  O  OD1 . ASN A 1 91  ? -2.040  9.116   14.644  1.00 24.61  ? 194 ASN A OD1 1 
ATOM   756  N  ND2 . ASN A 1 91  ? -3.203  8.329   16.435  1.00 30.19  ? 194 ASN A ND2 1 
ATOM   757  N  N   A TYR A 1 92  ? -3.017  8.357   12.287  0.50 26.17  ? 195 TYR A N   1 
ATOM   758  N  N   B TYR A 1 92  ? -3.019  8.406   12.317  0.50 26.19  ? 195 TYR A N   1 
ATOM   759  C  CA  A TYR A 1 92  ? -2.328  8.285   11.002  0.50 23.66  ? 195 TYR A CA  1 
ATOM   760  C  CA  B TYR A 1 92  ? -2.197  8.358   11.106  0.50 23.73  ? 195 TYR A CA  1 
ATOM   761  C  C   A TYR A 1 92  ? -1.667  6.947   10.698  0.50 22.64  ? 195 TYR A C   1 
ATOM   762  C  C   B TYR A 1 92  ? -1.818  6.937   10.680  0.50 22.64  ? 195 TYR A C   1 
ATOM   763  O  O   A TYR A 1 92  ? -1.106  6.756   9.620   0.50 21.65  ? 195 TYR A O   1 
ATOM   764  O  O   B TYR A 1 92  ? -1.569  6.688   9.502   0.50 21.40  ? 195 TYR A O   1 
ATOM   765  C  CB  A TYR A 1 92  ? -1.394  9.473   10.804  0.50 25.07  ? 195 TYR A CB  1 
ATOM   766  C  CB  B TYR A 1 92  ? -0.921  9.196   11.276  0.50 22.73  ? 195 TYR A CB  1 
ATOM   767  C  CG  A TYR A 1 92  ? -2.204  10.720  10.549  0.50 27.08  ? 195 TYR A CG  1 
ATOM   768  C  CG  B TYR A 1 92  ? -1.062  10.670  10.925  0.50 29.13  ? 195 TYR A CG  1 
ATOM   769  C  CD1 A TYR A 1 92  ? -2.623  11.046  9.266   0.50 22.75  ? 195 TYR A CD1 1 
ATOM   770  C  CD1 B TYR A 1 92  ? -0.723  11.140  9.656   0.50 27.20  ? 195 TYR A CD1 1 
ATOM   771  C  CD2 A TYR A 1 92  ? -2.600  11.542  11.598  0.50 26.50  ? 195 TYR A CD2 1 
ATOM   772  C  CD2 B TYR A 1 92  ? -1.518  11.596  11.864  0.50 25.87  ? 195 TYR A CD2 1 
ATOM   773  C  CE1 A TYR A 1 92  ? -3.387  12.167  9.030   0.50 26.19  ? 195 TYR A CE1 1 
ATOM   774  C  CE1 B TYR A 1 92  ? -0.840  12.486  9.328   0.50 25.23  ? 195 TYR A CE1 1 
ATOM   775  C  CE2 A TYR A 1 92  ? -3.361  12.669  11.369  0.50 27.44  ? 195 TYR A CE2 1 
ATOM   776  C  CE2 B TYR A 1 92  ? -1.640  12.950  11.544  0.50 24.53  ? 195 TYR A CE2 1 
ATOM   777  C  CZ  A TYR A 1 92  ? -3.755  12.974  10.084  0.50 26.17  ? 195 TYR A CZ  1 
ATOM   778  C  CZ  B TYR A 1 92  ? -1.298  13.387  10.275  0.50 27.72  ? 195 TYR A CZ  1 
ATOM   779  O  OH  A TYR A 1 92  ? -4.514  14.091  9.850   0.50 28.47  ? 195 TYR A OH  1 
ATOM   780  O  OH  B TYR A 1 92  ? -1.410  14.726  9.951   0.50 23.20  ? 195 TYR A OH  1 
ATOM   781  N  N   . GLY A 1 93  ? -1.767  6.013   11.636  1.00 20.32  ? 196 GLY A N   1 
ATOM   782  C  CA  . GLY A 1 93  ? -1.389  4.640   11.356  1.00 16.22  ? 196 GLY A CA  1 
ATOM   783  C  C   . GLY A 1 93  ? -2.108  4.121   10.118  1.00 23.41  ? 196 GLY A C   1 
ATOM   784  O  O   . GLY A 1 93  ? -3.279  4.417   9.890   1.00 18.24  ? 196 GLY A O   1 
ATOM   785  N  N   . GLY A 1 94  ? -1.412  3.349   9.297   1.00 18.85  ? 197 GLY A N   1 
ATOM   786  C  CA  . GLY A 1 94  ? -2.036  2.794   8.117   1.00 19.40  ? 197 GLY A CA  1 
ATOM   787  C  C   . GLY A 1 94  ? -2.132  3.729   6.927   1.00 17.57  ? 197 GLY A C   1 
ATOM   788  O  O   . GLY A 1 94  ? -2.271  3.264   5.796   1.00 21.45  ? 197 GLY A O   1 
ATOM   789  N  N   . ASP A 1 95  ? -2.059  5.036   7.160   1.00 11.24  ? 198 ASP A N   1 
ATOM   790  C  CA  . ASP A 1 95  ? -2.221  6.007   6.068   1.00 19.25  ? 198 ASP A CA  1 
ATOM   791  C  C   . ASP A 1 95  ? -1.085  5.910   5.039   1.00 27.58  ? 198 ASP A C   1 
ATOM   792  O  O   . ASP A 1 95  ? 0.086   5.687   5.398   1.00 17.53  ? 198 ASP A O   1 
ATOM   793  C  CB  . ASP A 1 95  ? -2.292  7.445   6.591   1.00 22.92  ? 198 ASP A CB  1 
ATOM   794  C  CG  . ASP A 1 95  ? -3.569  7.737   7.380   1.00 22.38  ? 198 ASP A CG  1 
ATOM   795  O  OD1 . ASP A 1 95  ? -4.200  6.796   7.903   1.00 22.44  ? 198 ASP A OD1 1 
ATOM   796  O  OD2 . ASP A 1 95  ? -3.931  8.926   7.493   1.00 21.79  ? 198 ASP A OD2 1 
ATOM   797  N  N   . ALA A 1 96  ? -1.433  6.071   3.761   1.00 21.46  ? 199 ALA A N   1 
ATOM   798  C  CA  . ALA A 1 96  ? -0.440  6.056   2.685   1.00 14.11  ? 199 ALA A CA  1 
ATOM   799  C  C   . ALA A 1 96  ? -0.487  7.352   1.873   1.00 15.16  ? 199 ALA A C   1 
ATOM   800  O  O   . ALA A 1 96  ? -1.558  7.832   1.494   1.00 16.59  ? 199 ALA A O   1 
ATOM   801  C  CB  . ALA A 1 96  ? -0.644  4.841   1.786   1.00 17.05  ? 199 ALA A CB  1 
ATOM   802  N  N   . HIS A 1 97  ? 0.683   7.923   1.631   1.00 18.73  ? 200 HIS A N   1 
ATOM   803  C  CA  . HIS A 1 97  ? 0.813   9.144   0.848   1.00 16.61  ? 200 HIS A CA  1 
ATOM   804  C  C   . HIS A 1 97  ? 1.635   8.844   -0.398  1.00 20.62  ? 200 HIS A C   1 
ATOM   805  O  O   . HIS A 1 97  ? 2.645   8.132   -0.335  1.00 11.88  ? 200 HIS A O   1 
ATOM   806  C  CB  . HIS A 1 97  ? 1.500   10.235  1.676   1.00 12.28  ? 200 HIS A CB  1 
ATOM   807  C  CG  . HIS A 1 97  ? 0.713   10.654  2.878   1.00 18.71  ? 200 HIS A CG  1 
ATOM   808  N  ND1 . HIS A 1 97  ? 1.209   11.514  3.830   1.00 20.87  ? 200 HIS A ND1 1 
ATOM   809  C  CD2 . HIS A 1 97  ? -0.538  10.329  3.279   1.00 23.41  ? 200 HIS A CD2 1 
ATOM   810  C  CE1 . HIS A 1 97  ? 0.300   11.696  4.774   1.00 33.26  ? 200 HIS A CE1 1 
ATOM   811  N  NE2 . HIS A 1 97  ? -0.773  10.992  4.460   1.00 23.86  ? 200 HIS A NE2 1 
ATOM   812  N  N   . PHE A 1 98  ? 1.199   9.386   -1.527  1.00 17.01  ? 201 PHE A N   1 
ATOM   813  C  CA  . PHE A 1 98  ? 1.863   9.130   -2.792  1.00 21.63  ? 201 PHE A CA  1 
ATOM   814  C  C   . PHE A 1 98  ? 2.285   10.429  -3.437  1.00 19.35  ? 201 PHE A C   1 
ATOM   815  O  O   . PHE A 1 98  ? 1.505   11.368  -3.498  1.00 30.92  ? 201 PHE A O   1 
ATOM   816  C  CB  . PHE A 1 98  ? 0.937   8.345   -3.714  1.00 14.71  ? 201 PHE A CB  1 
ATOM   817  C  CG  . PHE A 1 98  ? 0.629   6.980   -3.211  1.00 17.98  ? 201 PHE A CG  1 
ATOM   818  C  CD1 . PHE A 1 98  ? 1.272   5.877   -3.735  1.00 17.58  ? 201 PHE A CD1 1 
ATOM   819  C  CD2 . PHE A 1 98  ? -0.289  6.797   -2.186  1.00 20.59  ? 201 PHE A CD2 1 
ATOM   820  C  CE1 . PHE A 1 98  ? 0.994   4.598   -3.262  1.00 12.99  ? 201 PHE A CE1 1 
ATOM   821  C  CE2 . PHE A 1 98  ? -0.561  5.533   -1.701  1.00 19.86  ? 201 PHE A CE2 1 
ATOM   822  C  CZ  . PHE A 1 98  ? 0.084   4.429   -2.246  1.00 18.74  ? 201 PHE A CZ  1 
ATOM   823  N  N   . ASP A 1 99  ? 3.524   10.479  -3.916  1.00 24.38  ? 202 ASP A N   1 
ATOM   824  C  CA  . ASP A 1 99  ? 4.104   11.714  -4.444  1.00 26.90  ? 202 ASP A CA  1 
ATOM   825  C  C   . ASP A 1 99  ? 3.543   12.027  -5.820  1.00 24.84  ? 202 ASP A C   1 
ATOM   826  O  O   . ASP A 1 99  ? 3.772   11.297  -6.783  1.00 23.23  ? 202 ASP A O   1 
ATOM   827  C  CB  . ASP A 1 99  ? 5.632   11.614  -4.518  1.00 22.29  ? 202 ASP A CB  1 
ATOM   828  C  CG  . ASP A 1 99  ? 6.284   12.927  -4.926  1.00 26.87  ? 202 ASP A CG  1 
ATOM   829  O  OD1 . ASP A 1 99  ? 5.580   13.851  -5.374  1.00 28.36  ? 202 ASP A OD1 1 
ATOM   830  O  OD2 . ASP A 1 99  ? 7.505   13.046  -4.777  1.00 25.66  ? 202 ASP A OD2 1 
ATOM   831  N  N   . ASP A 1 100 ? 2.812   13.121  -5.926  1.00 23.64  ? 203 ASP A N   1 
ATOM   832  C  CA  . ASP A 1 100 ? 2.241   13.442  -7.215  1.00 30.79  ? 203 ASP A CA  1 
ATOM   833  C  C   . ASP A 1 100 ? 3.205   14.160  -8.177  1.00 33.47  ? 203 ASP A C   1 
ATOM   834  O  O   . ASP A 1 100 ? 2.816   14.520  -9.272  1.00 38.36  ? 203 ASP A O   1 
ATOM   835  C  CB  . ASP A 1 100 ? 0.927   14.200  -7.058  1.00 33.47  ? 203 ASP A CB  1 
ATOM   836  C  CG  . ASP A 1 100 ? -0.143  13.707  -8.021  1.00 37.19  ? 203 ASP A CG  1 
ATOM   837  O  OD1 . ASP A 1 100 ? 0.202   13.007  -9.012  1.00 29.18  ? 203 ASP A OD1 1 
ATOM   838  O  OD2 . ASP A 1 100 ? -1.328  14.027  -7.781  1.00 33.57  ? 203 ASP A OD2 1 
ATOM   839  N  N   . ASP A 1 101 ? 4.455   14.365  -7.788  1.00 27.36  ? 204 ASP A N   1 
ATOM   840  C  CA  . ASP A 1 101 ? 5.430   14.799  -8.774  1.00 32.80  ? 204 ASP A CA  1 
ATOM   841  C  C   . ASP A 1 101 ? 5.797   13.640  -9.710  1.00 35.25  ? 204 ASP A C   1 
ATOM   842  O  O   . ASP A 1 101 ? 6.359   13.858  -10.774 1.00 42.32  ? 204 ASP A O   1 
ATOM   843  C  CB  . ASP A 1 101 ? 6.669   15.434  -8.125  1.00 33.13  ? 204 ASP A CB  1 
ATOM   844  C  CG  . ASP A 1 101 ? 6.464   16.926  -7.810  1.00 54.81  ? 204 ASP A CG  1 
ATOM   845  O  OD1 . ASP A 1 101 ? 5.721   17.598  -8.564  1.00 44.37  ? 204 ASP A OD1 1 
ATOM   846  O  OD2 . ASP A 1 101 ? 7.044   17.434  -6.819  1.00 45.90  ? 204 ASP A OD2 1 
ATOM   847  N  N   . GLU A 1 102 ? 5.460   12.413  -9.319  1.00 34.97  ? 205 GLU A N   1 
ATOM   848  C  CA  . GLU A 1 102 ? 5.670   11.265  -10.195 1.00 33.23  ? 205 GLU A CA  1 
ATOM   849  C  C   . GLU A 1 102 ? 4.530   11.186  -11.177 1.00 27.13  ? 205 GLU A C   1 
ATOM   850  O  O   . GLU A 1 102 ? 3.427   11.623  -10.888 1.00 29.73  ? 205 GLU A O   1 
ATOM   851  C  CB  . GLU A 1 102 ? 5.724   9.938   -9.426  1.00 28.60  ? 205 GLU A CB  1 
ATOM   852  C  CG  . GLU A 1 102 ? 6.621   9.931   -8.200  1.00 32.11  ? 205 GLU A CG  1 
ATOM   853  C  CD  . GLU A 1 102 ? 8.018   10.471  -8.453  1.00 29.55  ? 205 GLU A CD  1 
ATOM   854  O  OE1 . GLU A 1 102 ? 8.523   10.431  -9.595  1.00 36.02  ? 205 GLU A OE1 1 
ATOM   855  O  OE2 . GLU A 1 102 ? 8.624   10.929  -7.480  1.00 23.82  ? 205 GLU A OE2 1 
ATOM   856  N  N   . THR A 1 103 ? 4.808   10.619  -12.341 1.00 31.56  ? 206 THR A N   1 
ATOM   857  C  CA  . THR A 1 103 ? 3.775   10.314  -13.308 1.00 24.39  ? 206 THR A CA  1 
ATOM   858  C  C   . THR A 1 103 ? 3.258   8.910   -13.022 1.00 30.21  ? 206 THR A C   1 
ATOM   859  O  O   . THR A 1 103 ? 3.975   7.922   -13.211 1.00 33.66  ? 206 THR A O   1 
ATOM   860  C  CB  . THR A 1 103 ? 4.323   10.353  -14.731 1.00 26.37  ? 206 THR A CB  1 
ATOM   861  O  OG1 . THR A 1 103 ? 4.903   11.641  -14.977 1.00 44.52  ? 206 THR A OG1 1 
ATOM   862  C  CG2 . THR A 1 103 ? 3.201   10.098  -15.731 1.00 24.34  ? 206 THR A CG2 1 
ATOM   863  N  N   . TRP A 1 104 ? 2.018   8.823   -12.553 1.00 31.68  ? 207 TRP A N   1 
ATOM   864  C  CA  . TRP A 1 104 ? 1.431   7.537   -12.198 1.00 23.13  ? 207 TRP A CA  1 
ATOM   865  C  C   . TRP A 1 104 ? 0.700   6.941   -13.392 1.00 17.39  ? 207 TRP A C   1 
ATOM   866  O  O   . TRP A 1 104 ? 0.151   7.668   -14.210 1.00 27.03  ? 207 TRP A O   1 
ATOM   867  C  CB  . TRP A 1 104 ? 0.506   7.709   -11.007 1.00 15.37  ? 207 TRP A CB  1 
ATOM   868  C  CG  . TRP A 1 104 ? 1.223   8.197   -9.801  1.00 17.92  ? 207 TRP A CG  1 
ATOM   869  C  CD1 . TRP A 1 104 ? 1.180   9.448   -9.288  1.00 16.03  ? 207 TRP A CD1 1 
ATOM   870  C  CD2 . TRP A 1 104 ? 2.106   7.435   -8.945  1.00 16.64  ? 207 TRP A CD2 1 
ATOM   871  N  NE1 . TRP A 1 104 ? 1.973   9.528   -8.165  1.00 24.51  ? 207 TRP A NE1 1 
ATOM   872  C  CE2 . TRP A 1 104 ? 2.555   8.307   -7.933  1.00 19.54  ? 207 TRP A CE2 1 
ATOM   873  C  CE3 . TRP A 1 104 ? 2.563   6.112   -8.948  1.00 13.94  ? 207 TRP A CE3 1 
ATOM   874  C  CZ2 . TRP A 1 104 ? 3.445   7.899   -6.918  1.00 15.85  ? 207 TRP A CZ2 1 
ATOM   875  C  CZ3 . TRP A 1 104 ? 3.443   5.706   -7.950  1.00 18.47  ? 207 TRP A CZ3 1 
ATOM   876  C  CH2 . TRP A 1 104 ? 3.880   6.602   -6.944  1.00 13.66  ? 207 TRP A CH2 1 
ATOM   877  N  N   . THR A 1 105 ? 0.700   5.620   -13.494 1.00 15.02  ? 208 THR A N   1 
ATOM   878  C  CA  . THR A 1 105 ? 0.188   4.940   -14.675 1.00 25.17  ? 208 THR A CA  1 
ATOM   879  C  C   . THR A 1 105 ? -0.372  3.569   -14.290 1.00 25.67  ? 208 THR A C   1 
ATOM   880  O  O   . THR A 1 105 ? -0.204  3.126   -13.164 1.00 20.97  ? 208 THR A O   1 
ATOM   881  C  CB  . THR A 1 105 ? 1.309   4.752   -15.734 1.00 21.94  ? 208 THR A CB  1 
ATOM   882  O  OG1 . THR A 1 105 ? 0.888   3.816   -16.732 1.00 36.47  ? 208 THR A OG1 1 
ATOM   883  C  CG2 . THR A 1 105 ? 2.553   4.188   -15.089 1.00 24.98  ? 208 THR A CG2 1 
ATOM   884  N  N   . SER A 1 106 ? -1.034  2.905   -15.234 1.00 27.66  ? 209 SER A N   1 
ATOM   885  C  CA  . SER A 1 106 ? -1.481  1.537   -15.037 1.00 33.72  ? 209 SER A CA  1 
ATOM   886  C  C   . SER A 1 106 ? -0.679  0.630   -15.954 1.00 37.11  ? 209 SER A C   1 
ATOM   887  O  O   . SER A 1 106 ? -1.016  -0.535  -16.142 1.00 42.58  ? 209 SER A O   1 
ATOM   888  C  CB  . SER A 1 106 ? -2.967  1.406   -15.363 1.00 37.64  ? 209 SER A CB  1 
ATOM   889  O  OG  . SER A 1 106 ? -3.680  2.523   -14.871 1.00 48.07  ? 209 SER A OG  1 
ATOM   890  N  N   . SER A 1 107 ? 0.385   1.176   -16.528 1.00 32.56  ? 210 SER A N   1 
ATOM   891  C  CA  . SER A 1 107 ? 1.212   0.427   -17.462 1.00 33.34  ? 210 SER A CA  1 
ATOM   892  C  C   . SER A 1 107 ? 2.681   0.519   -17.081 1.00 33.74  ? 210 SER A C   1 
ATOM   893  O  O   . SER A 1 107 ? 3.041   0.588   -15.899 1.00 37.75  ? 210 SER A O   1 
ATOM   894  C  CB  . SER A 1 107 ? 1.020   0.978   -18.875 1.00 39.71  ? 210 SER A CB  1 
ATOM   895  O  OG  . SER A 1 107 ? 1.510   2.312   -18.975 1.00 42.28  ? 210 SER A OG  1 
ATOM   896  N  N   . SER A 1 108 ? 3.531   0.540   -18.097 1.00 30.55  ? 211 SER A N   1 
ATOM   897  C  CA  . SER A 1 108 ? 4.971   0.581   -17.888 1.00 39.18  ? 211 SER A CA  1 
ATOM   898  C  C   . SER A 1 108 ? 5.564   1.991   -18.027 1.00 43.40  ? 211 SER A C   1 
ATOM   899  O  O   . SER A 1 108 ? 6.761   2.191   -17.822 1.00 40.75  ? 211 SER A O   1 
ATOM   900  C  CB  . SER A 1 108 ? 5.659   -0.361  -18.877 1.00 47.14  ? 211 SER A CB  1 
ATOM   901  O  OG  . SER A 1 108 ? 5.504   0.110   -20.205 1.00 39.19  ? 211 SER A OG  1 
ATOM   902  N  N   . LYS A 1 109 ? 4.736   2.968   -18.378 1.00 41.44  ? 212 LYS A N   1 
ATOM   903  C  CA  . LYS A 1 109 ? 5.249   4.312   -18.633 1.00 41.95  ? 212 LYS A CA  1 
ATOM   904  C  C   . LYS A 1 109 ? 5.023   5.236   -17.441 1.00 35.33  ? 212 LYS A C   1 
ATOM   905  O  O   . LYS A 1 109 ? 3.937   5.771   -17.259 1.00 60.27  ? 212 LYS A O   1 
ATOM   906  C  CB  . LYS A 1 109 ? 4.618   4.896   -19.907 1.00 36.40  ? 212 LYS A CB  1 
ATOM   907  C  CG  . LYS A 1 109 ? 4.926   4.102   -21.181 1.00 51.01  ? 212 LYS A CG  1 
ATOM   908  C  CD  . LYS A 1 109 ? 6.405   4.198   -21.592 1.00 66.60  ? 212 LYS A CD  1 
ATOM   909  C  CE  . LYS A 1 109 ? 6.754   3.188   -22.691 1.00 68.02  ? 212 LYS A CE  1 
ATOM   910  N  NZ  . LYS A 1 109 ? 8.114   3.406   -23.268 1.00 53.91  ? 212 LYS A NZ  1 
ATOM   911  N  N   . GLY A 1 110 ? 6.059   5.441   -16.647 1.00 37.33  ? 213 GLY A N   1 
ATOM   912  C  CA  . GLY A 1 110 ? 5.949   6.222   -15.428 1.00 21.67  ? 213 GLY A CA  1 
ATOM   913  C  C   . GLY A 1 110 ? 6.155   5.223   -14.319 1.00 30.50  ? 213 GLY A C   1 
ATOM   914  O  O   . GLY A 1 110 ? 6.732   4.167   -14.550 1.00 35.69  ? 213 GLY A O   1 
ATOM   915  N  N   . TYR A 1 111 ? 5.690   5.541   -13.120 1.00 27.05  ? 214 TYR A N   1 
ATOM   916  C  CA  . TYR A 1 111 ? 5.622   4.543   -12.065 1.00 19.59  ? 214 TYR A CA  1 
ATOM   917  C  C   . TYR A 1 111 ? 4.216   3.932   -12.040 1.00 20.58  ? 214 TYR A C   1 
ATOM   918  O  O   . TYR A 1 111 ? 3.218   4.626   -12.225 1.00 20.99  ? 214 TYR A O   1 
ATOM   919  C  CB  . TYR A 1 111 ? 6.023   5.147   -10.707 1.00 19.59  ? 214 TYR A CB  1 
ATOM   920  C  CG  . TYR A 1 111 ? 7.470   5.601   -10.681 1.00 24.04  ? 214 TYR A CG  1 
ATOM   921  C  CD1 . TYR A 1 111 ? 8.487   4.727   -10.306 1.00 25.45  ? 214 TYR A CD1 1 
ATOM   922  C  CD2 . TYR A 1 111 ? 7.825   6.892   -11.065 1.00 25.45  ? 214 TYR A CD2 1 
ATOM   923  C  CE1 . TYR A 1 111 ? 9.813   5.130   -10.297 1.00 28.88  ? 214 TYR A CE1 1 
ATOM   924  C  CE2 . TYR A 1 111 ? 9.143   7.308   -11.054 1.00 16.84  ? 214 TYR A CE2 1 
ATOM   925  C  CZ  . TYR A 1 111 ? 10.132  6.422   -10.671 1.00 31.24  ? 214 TYR A CZ  1 
ATOM   926  O  OH  . TYR A 1 111 ? 11.442  6.818   -10.665 1.00 32.28  ? 214 TYR A OH  1 
ATOM   927  N  N   . ASN A 1 112 ? 4.150   2.625   -11.844 1.00 18.68  ? 215 ASN A N   1 
ATOM   928  C  CA  . ASN A 1 112 ? 2.893   1.913   -11.797 1.00 19.09  ? 215 ASN A CA  1 
ATOM   929  C  C   . ASN A 1 112 ? 2.251   2.061   -10.407 1.00 19.62  ? 215 ASN A C   1 
ATOM   930  O  O   . ASN A 1 112 ? 2.787   1.560   -9.423  1.00 18.86  ? 215 ASN A O   1 
ATOM   931  C  CB  . ASN A 1 112 ? 3.170   0.455   -12.108 1.00 15.36  ? 215 ASN A CB  1 
ATOM   932  C  CG  . ASN A 1 112 ? 1.931   -0.316  -12.421 1.00 12.96  ? 215 ASN A CG  1 
ATOM   933  O  OD1 . ASN A 1 112 ? 1.225   -0.751  -11.528 1.00 23.10  ? 215 ASN A OD1 1 
ATOM   934  N  ND2 . ASN A 1 112 ? 1.669   -0.513  -13.695 1.00 25.16  ? 215 ASN A ND2 1 
ATOM   935  N  N   . LEU A 1 113 ? 1.121   2.762   -10.319 1.00 25.39  ? 216 LEU A N   1 
ATOM   936  C  CA  . LEU A 1 113 ? 0.498   3.063   -9.018  1.00 18.27  ? 216 LEU A CA  1 
ATOM   937  C  C   . LEU A 1 113 ? 0.185   1.804   -8.199  1.00 15.54  ? 216 LEU A C   1 
ATOM   938  O  O   . LEU A 1 113 ? 0.457   1.742   -7.005  1.00 19.28  ? 216 LEU A O   1 
ATOM   939  C  CB  . LEU A 1 113 ? -0.761  3.902   -9.215  1.00 11.56  ? 216 LEU A CB  1 
ATOM   940  C  CG  . LEU A 1 113 ? -1.475  4.402   -7.951  1.00 17.66  ? 216 LEU A CG  1 
ATOM   941  C  CD1 . LEU A 1 113 ? -0.594  5.273   -7.048  1.00 8.30   ? 216 LEU A CD1 1 
ATOM   942  C  CD2 . LEU A 1 113 ? -2.743  5.158   -8.328  1.00 19.73  ? 216 LEU A CD2 1 
ATOM   943  N  N   . PHE A 1 114 ? -0.376  0.801   -8.861  1.00 15.84  ? 217 PHE A N   1 
ATOM   944  C  CA  . PHE A 1 114 ? -0.688  -0.481  -8.246  1.00 17.12  ? 217 PHE A CA  1 
ATOM   945  C  C   . PHE A 1 114 ? 0.489   -1.134  -7.492  1.00 16.50  ? 217 PHE A C   1 
ATOM   946  O  O   . PHE A 1 114 ? 0.332   -1.583  -6.358  1.00 21.97  ? 217 PHE A O   1 
ATOM   947  C  CB  . PHE A 1 114 ? -1.197  -1.440  -9.321  1.00 14.51  ? 217 PHE A CB  1 
ATOM   948  C  CG  . PHE A 1 114 ? -1.202  -2.864  -8.888  1.00 15.58  ? 217 PHE A CG  1 
ATOM   949  C  CD1 . PHE A 1 114 ? -2.158  -3.323  -7.996  1.00 16.14  ? 217 PHE A CD1 1 
ATOM   950  C  CD2 . PHE A 1 114 ? -0.246  -3.746  -9.364  1.00 16.44  ? 217 PHE A CD2 1 
ATOM   951  C  CE1 . PHE A 1 114 ? -2.152  -4.636  -7.581  1.00 13.39  ? 217 PHE A CE1 1 
ATOM   952  C  CE2 . PHE A 1 114 ? -0.235  -5.057  -8.956  1.00 13.38  ? 217 PHE A CE2 1 
ATOM   953  C  CZ  . PHE A 1 114 ? -1.190  -5.508  -8.067  1.00 22.01  ? 217 PHE A CZ  1 
ATOM   954  N  N   . LEU A 1 115 ? 1.651   -1.211  -8.138  1.00 18.09  ? 218 LEU A N   1 
ATOM   955  C  CA  . LEU A 1 115 ? 2.845   -1.818  -7.536  1.00 20.12  ? 218 LEU A CA  1 
ATOM   956  C  C   . LEU A 1 115 ? 3.379   -0.960  -6.389  1.00 12.48  ? 218 LEU A C   1 
ATOM   957  O  O   . LEU A 1 115 ? 3.870   -1.483  -5.403  1.00 10.95  ? 218 LEU A O   1 
ATOM   958  C  CB  . LEU A 1 115 ? 3.951   -2.049  -8.582  1.00 13.83  ? 218 LEU A CB  1 
ATOM   959  C  CG  . LEU A 1 115 ? 3.653   -3.006  -9.745  1.00 14.27  ? 218 LEU A CG  1 
ATOM   960  C  CD1 . LEU A 1 115 ? 4.741   -2.965  -10.823 1.00 7.03   ? 218 LEU A CD1 1 
ATOM   961  C  CD2 . LEU A 1 115 ? 3.465   -4.429  -9.231  1.00 7.34   ? 218 LEU A CD2 1 
ATOM   962  N  N   . VAL A 1 116 ? 3.300   0.356   -6.507  1.00 9.97   ? 219 VAL A N   1 
ATOM   963  C  CA  . VAL A 1 116 ? 3.781   1.171   -5.401  1.00 15.86  ? 219 VAL A CA  1 
ATOM   964  C  C   . VAL A 1 116 ? 2.809   1.063   -4.240  1.00 15.19  ? 219 VAL A C   1 
ATOM   965  O  O   . VAL A 1 116 ? 3.223   0.901   -3.094  1.00 15.26  ? 219 VAL A O   1 
ATOM   966  C  CB  . VAL A 1 116 ? 4.055   2.635   -5.791  1.00 15.93  ? 219 VAL A CB  1 
ATOM   967  C  CG1 . VAL A 1 116 ? 4.276   3.506   -4.531  1.00 11.08  ? 219 VAL A CG1 1 
ATOM   968  C  CG2 . VAL A 1 116 ? 5.264   2.707   -6.709  1.00 8.54   ? 219 VAL A CG2 1 
ATOM   969  N  N   . ALA A 1 117 ? 1.519   1.097   -4.550  1.00 13.62  ? 220 ALA A N   1 
ATOM   970  C  CA  . ALA A 1 117 ? 0.492   0.994   -3.524  1.00 10.74  ? 220 ALA A CA  1 
ATOM   971  C  C   . ALA A 1 117 ? 0.591   -0.344  -2.803  1.00 14.92  ? 220 ALA A C   1 
ATOM   972  O  O   . ALA A 1 117 ? 0.587   -0.391  -1.565  1.00 12.95  ? 220 ALA A O   1 
ATOM   973  C  CB  . ALA A 1 117 ? -0.885  1.184   -4.127  1.00 9.47   ? 220 ALA A CB  1 
ATOM   974  N  N   . ALA A 1 118 ? 0.703   -1.431  -3.572  1.00 11.47  ? 221 ALA A N   1 
ATOM   975  C  CA  . ALA A 1 118 ? 0.852   -2.769  -2.978  1.00 14.82  ? 221 ALA A CA  1 
ATOM   976  C  C   . ALA A 1 118 ? 2.028   -2.862  -2.001  1.00 12.81  ? 221 ALA A C   1 
ATOM   977  O  O   . ALA A 1 118 ? 1.938   -3.500  -0.946  1.00 10.48  ? 221 ALA A O   1 
ATOM   978  C  CB  . ALA A 1 118 ? 0.973   -3.844  -4.064  1.00 12.28  ? 221 ALA A CB  1 
ATOM   979  N  N   . HIS A 1 119 ? 3.138   -2.236  -2.354  1.00 8.61   ? 222 HIS A N   1 
ATOM   980  C  CA  . HIS A 1 119 ? 4.286   -2.219  -1.465  1.00 9.15   ? 222 HIS A CA  1 
ATOM   981  C  C   . HIS A 1 119 ? 4.000   -1.355  -0.227  1.00 15.66  ? 222 HIS A C   1 
ATOM   982  O  O   . HIS A 1 119 ? 4.281   -1.756  0.901   1.00 18.83  ? 222 HIS A O   1 
ATOM   983  C  CB  . HIS A 1 119 ? 5.519   -1.734  -2.217  1.00 11.97  ? 222 HIS A CB  1 
ATOM   984  C  CG  . HIS A 1 119 ? 6.680   -1.411  -1.335  1.00 17.41  ? 222 HIS A CG  1 
ATOM   985  N  ND1 . HIS A 1 119 ? 7.721   -2.286  -1.131  1.00 15.68  ? 222 HIS A ND1 1 
ATOM   986  C  CD2 . HIS A 1 119 ? 6.973   -0.302  -0.614  1.00 12.16  ? 222 HIS A CD2 1 
ATOM   987  C  CE1 . HIS A 1 119 ? 8.604   -1.734  -0.318  1.00 14.25  ? 222 HIS A CE1 1 
ATOM   988  N  NE2 . HIS A 1 119 ? 8.168   -0.533  0.013   1.00 10.88  ? 222 HIS A NE2 1 
ATOM   989  N  N   . GLU A 1 120 ? 3.414   -0.184  -0.442  1.00 16.32  ? 223 GLU A N   1 
ATOM   990  C  CA  . GLU A 1 120 ? 3.085   0.742   0.650   1.00 16.02  ? 223 GLU A CA  1 
ATOM   991  C  C   . GLU A 1 120 ? 2.064   0.165   1.620   1.00 18.55  ? 223 GLU A C   1 
ATOM   992  O  O   . GLU A 1 120 ? 2.125   0.440   2.813   1.00 11.90  ? 223 GLU A O   1 
ATOM   993  C  CB  . GLU A 1 120 ? 2.534   2.059   0.096   1.00 12.70  ? 223 GLU A CB  1 
ATOM   994  C  CG  . GLU A 1 120 ? 3.529   2.851   -0.686  1.00 19.52  ? 223 GLU A CG  1 
ATOM   995  C  CD  . GLU A 1 120 ? 4.782   3.124   0.111   1.00 24.00  ? 223 GLU A CD  1 
ATOM   996  O  OE1 . GLU A 1 120 ? 4.676   3.388   1.328   1.00 20.15  ? 223 GLU A OE1 1 
ATOM   997  O  OE2 . GLU A 1 120 ? 5.872   3.064   -0.488  1.00 21.40  ? 223 GLU A OE2 1 
ATOM   998  N  N   . PHE A 1 121 ? 1.112   -0.611  1.100   1.00 17.58  ? 224 PHE A N   1 
ATOM   999  C  CA  . PHE A 1 121 ? 0.092   -1.212  1.955   1.00 14.25  ? 224 PHE A CA  1 
ATOM   1000 C  C   . PHE A 1 121 ? 0.716   -2.304  2.799   1.00 12.09  ? 224 PHE A C   1 
ATOM   1001 O  O   . PHE A 1 121 ? 0.241   -2.594  3.888   1.00 19.75  ? 224 PHE A O   1 
ATOM   1002 C  CB  . PHE A 1 121 ? -1.094  -1.752  1.147   1.00 11.78  ? 224 PHE A CB  1 
ATOM   1003 C  CG  . PHE A 1 121 ? -1.933  -0.682  0.521   1.00 13.99  ? 224 PHE A CG  1 
ATOM   1004 C  CD1 . PHE A 1 121 ? -1.850  0.628   0.973   1.00 11.94  ? 224 PHE A CD1 1 
ATOM   1005 C  CD2 . PHE A 1 121 ? -2.814  -0.981  -0.522  1.00 16.72  ? 224 PHE A CD2 1 
ATOM   1006 C  CE1 . PHE A 1 121 ? -2.620  1.635   0.393   1.00 19.18  ? 224 PHE A CE1 1 
ATOM   1007 C  CE2 . PHE A 1 121 ? -3.594  0.019   -1.108  1.00 15.66  ? 224 PHE A CE2 1 
ATOM   1008 C  CZ  . PHE A 1 121 ? -3.494  1.327   -0.653  1.00 19.07  ? 224 PHE A CZ  1 
ATOM   1009 N  N   . GLY A 1 122 ? 1.795   -2.899  2.306   1.00 13.14  ? 225 GLY A N   1 
ATOM   1010 C  CA  . GLY A 1 122 ? 2.542   -3.851  3.105   1.00 14.13  ? 225 GLY A CA  1 
ATOM   1011 C  C   . GLY A 1 122 ? 2.989   -3.140  4.376   1.00 21.87  ? 225 GLY A C   1 
ATOM   1012 O  O   . GLY A 1 122 ? 2.943   -3.700  5.472   1.00 22.04  ? 225 GLY A O   1 
ATOM   1013 N  N   . HIS A 1 123 ? 3.397   -1.886  4.237   1.00 14.40  ? 226 HIS A N   1 
ATOM   1014 C  CA  . HIS A 1 123 ? 3.819   -1.107  5.391   1.00 18.75  ? 226 HIS A CA  1 
ATOM   1015 C  C   . HIS A 1 123 ? 2.667   -0.763  6.306   1.00 18.78  ? 226 HIS A C   1 
ATOM   1016 O  O   . HIS A 1 123 ? 2.824   -0.799  7.518   1.00 23.91  ? 226 HIS A O   1 
ATOM   1017 C  CB  . HIS A 1 123 ? 4.484   0.182   4.958   1.00 14.94  ? 226 HIS A CB  1 
ATOM   1018 C  CG  . HIS A 1 123 ? 5.848   -0.014  4.394   1.00 13.44  ? 226 HIS A CG  1 
ATOM   1019 N  ND1 . HIS A 1 123 ? 6.746   -0.911  4.922   1.00 21.36  ? 226 HIS A ND1 1 
ATOM   1020 C  CD2 . HIS A 1 123 ? 6.481   0.591   3.358   1.00 15.64  ? 226 HIS A CD2 1 
ATOM   1021 C  CE1 . HIS A 1 123 ? 7.872   -0.864  4.233   1.00 19.68  ? 226 HIS A CE1 1 
ATOM   1022 N  NE2 . HIS A 1 123 ? 7.732   0.041   3.276   1.00 20.60  ? 226 HIS A NE2 1 
ATOM   1023 N  N   . SER A 1 124 ? 1.520   -0.413  5.725   1.00 13.80  ? 227 SER A N   1 
ATOM   1024 C  CA  . SER A 1 124 ? 0.358   -0.029  6.507   1.00 16.00  ? 227 SER A CA  1 
ATOM   1025 C  C   . SER A 1 124 ? -0.074  -1.208  7.370   1.00 17.97  ? 227 SER A C   1 
ATOM   1026 O  O   . SER A 1 124 ? -0.612  -1.039  8.456   1.00 20.13  ? 227 SER A O   1 
ATOM   1027 C  CB  . SER A 1 124 ? -0.794  0.412   5.605   1.00 22.73  ? 227 SER A CB  1 
ATOM   1028 O  OG  . SER A 1 124 ? -0.387  1.372   4.643   1.00 18.95  ? 227 SER A OG  1 
ATOM   1029 N  N   . LEU A 1 125 ? 0.182   -2.407  6.875   1.00 24.10  ? 228 LEU A N   1 
ATOM   1030 C  CA  . LEU A 1 125 ? -0.216  -3.626  7.560   1.00 16.57  ? 228 LEU A CA  1 
ATOM   1031 C  C   . LEU A 1 125 ? 0.853   -4.171  8.512   1.00 18.03  ? 228 LEU A C   1 
ATOM   1032 O  O   . LEU A 1 125 ? 0.644   -5.198  9.150   1.00 20.71  ? 228 LEU A O   1 
ATOM   1033 C  CB  . LEU A 1 125 ? -0.620  -4.690  6.531   1.00 11.86  ? 228 LEU A CB  1 
ATOM   1034 C  CG  . LEU A 1 125 ? -1.803  -4.267  5.662   1.00 23.19  ? 228 LEU A CG  1 
ATOM   1035 C  CD1 . LEU A 1 125 ? -2.049  -5.251  4.494   1.00 10.99  ? 228 LEU A CD1 1 
ATOM   1036 C  CD2 . LEU A 1 125 ? -3.061  -4.061  6.525   1.00 14.78  ? 228 LEU A CD2 1 
ATOM   1037 N  N   . GLY A 1 126 ? 1.997   -3.493  8.609   1.00 22.01  ? 229 GLY A N   1 
ATOM   1038 C  CA  . GLY A 1 126 ? 3.023   -3.887  9.559   1.00 12.95  ? 229 GLY A CA  1 
ATOM   1039 C  C   . GLY A 1 126 ? 4.256   -4.630  9.051   1.00 19.07  ? 229 GLY A C   1 
ATOM   1040 O  O   . GLY A 1 126 ? 5.010   -5.192  9.843   1.00 22.23  ? 229 GLY A O   1 
ATOM   1041 N  N   . LEU A 1 127 ? 4.476   -4.644  7.742   1.00 18.43  ? 230 LEU A N   1 
ATOM   1042 C  CA  . LEU A 1 127 ? 5.715   -5.193  7.204   1.00 17.76  ? 230 LEU A CA  1 
ATOM   1043 C  C   . LEU A 1 127 ? 6.783   -4.116  7.035   1.00 21.04  ? 230 LEU A C   1 
ATOM   1044 O  O   . LEU A 1 127 ? 6.497   -2.980  6.645   1.00 16.82  ? 230 LEU A O   1 
ATOM   1045 C  CB  . LEU A 1 127 ? 5.463   -5.887  5.870   1.00 16.61  ? 230 LEU A CB  1 
ATOM   1046 C  CG  . LEU A 1 127 ? 4.597   -7.133  5.996   1.00 21.65  ? 230 LEU A CG  1 
ATOM   1047 C  CD1 . LEU A 1 127 ? 4.466   -7.810  4.648   1.00 18.94  ? 230 LEU A CD1 1 
ATOM   1048 C  CD2 . LEU A 1 127 ? 5.231   -8.065  7.016   1.00 22.51  ? 230 LEU A CD2 1 
ATOM   1049 N  N   . ASP A 1 128 ? 8.019   -4.479  7.337   1.00 19.92  ? 231 ASP A N   1 
ATOM   1050 C  CA  . ASP A 1 128 ? 9.144   -3.608  7.070   1.00 18.60  ? 231 ASP A CA  1 
ATOM   1051 C  C   . ASP A 1 128 ? 9.747   -4.072  5.740   1.00 23.93  ? 231 ASP A C   1 
ATOM   1052 O  O   . ASP A 1 128 ? 9.082   -4.763  4.958   1.00 16.63  ? 231 ASP A O   1 
ATOM   1053 C  CB  . ASP A 1 128 ? 10.152  -3.711  8.207   1.00 21.14  ? 231 ASP A CB  1 
ATOM   1054 C  CG  . ASP A 1 128 ? 10.916  -2.413  8.447   1.00 37.52  ? 231 ASP A CG  1 
ATOM   1055 O  OD1 . ASP A 1 128 ? 10.979  -1.555  7.532   1.00 29.76  ? 231 ASP A OD1 1 
ATOM   1056 O  OD2 . ASP A 1 128 ? 11.464  -2.263  9.567   1.00 52.90  ? 231 ASP A OD2 1 
ATOM   1057 N  N   . HIS A 1 129 ? 10.991  -3.696  5.474   1.00 19.77  ? 232 HIS A N   1 
ATOM   1058 C  CA  . HIS A 1 129 ? 11.642  -4.111  4.238   1.00 19.08  ? 232 HIS A CA  1 
ATOM   1059 C  C   . HIS A 1 129 ? 12.267  -5.499  4.291   1.00 18.57  ? 232 HIS A C   1 
ATOM   1060 O  O   . HIS A 1 129 ? 12.878  -5.888  5.282   1.00 23.48  ? 232 HIS A O   1 
ATOM   1061 C  CB  . HIS A 1 129 ? 12.667  -3.076  3.801   1.00 16.95  ? 232 HIS A CB  1 
ATOM   1062 C  CG  . HIS A 1 129 ? 12.043  -1.850  3.229   1.00 26.84  ? 232 HIS A CG  1 
ATOM   1063 N  ND1 . HIS A 1 129 ? 12.666  -0.619  3.240   1.00 24.85  ? 232 HIS A ND1 1 
ATOM   1064 C  CD2 . HIS A 1 129 ? 10.843  -1.657  2.638   1.00 21.94  ? 232 HIS A CD2 1 
ATOM   1065 C  CE1 . HIS A 1 129 ? 11.876  0.273   2.679   1.00 18.56  ? 232 HIS A CE1 1 
ATOM   1066 N  NE2 . HIS A 1 129 ? 10.762  -0.329  2.301   1.00 21.79  ? 232 HIS A NE2 1 
ATOM   1067 N  N   . SER A 1 130 ? 12.110  -6.235  3.200   1.00 21.61  ? 233 SER A N   1 
ATOM   1068 C  CA  . SER A 1 130 ? 12.678  -7.566  3.073   1.00 20.15  ? 233 SER A CA  1 
ATOM   1069 C  C   . SER A 1 130 ? 14.105  -7.481  2.559   1.00 19.44  ? 233 SER A C   1 
ATOM   1070 O  O   . SER A 1 130 ? 14.427  -6.595  1.770   1.00 24.09  ? 233 SER A O   1 
ATOM   1071 C  CB  . SER A 1 130 ? 11.831  -8.390  2.101   1.00 24.78  ? 233 SER A CB  1 
ATOM   1072 O  OG  . SER A 1 130 ? 12.345  -9.706  1.973   1.00 23.90  ? 233 SER A OG  1 
ATOM   1073 N  N   . LYS A 1 131 ? 14.953  -8.403  3.001   1.00 22.47  ? 234 LYS A N   1 
ATOM   1074 C  CA  . LYS A 1 131 ? 16.316  -8.519  2.492   1.00 22.49  ? 234 LYS A CA  1 
ATOM   1075 C  C   . LYS A 1 131 ? 16.360  -9.415  1.249   1.00 18.78  ? 234 LYS A C   1 
ATOM   1076 O  O   . LYS A 1 131 ? 17.422  -9.663  0.672   1.00 30.44  ? 234 LYS A O   1 
ATOM   1077 C  CB  . LYS A 1 131 ? 17.233  -9.081  3.581   1.00 33.14  ? 234 LYS A CB  1 
ATOM   1078 C  CG  . LYS A 1 131 ? 18.238  -8.091  4.133   1.00 42.21  ? 234 LYS A CG  1 
ATOM   1079 C  CD  . LYS A 1 131 ? 17.616  -7.097  5.093   1.00 52.29  ? 234 LYS A CD  1 
ATOM   1080 C  CE  . LYS A 1 131 ? 18.676  -6.167  5.694   1.00 58.63  ? 234 LYS A CE  1 
ATOM   1081 N  NZ  . LYS A 1 131 ? 19.217  -5.169  4.706   1.00 55.56  ? 234 LYS A NZ  1 
ATOM   1082 N  N   . ASP A 1 132 ? 15.196  -9.890  0.831   1.00 24.47  ? 235 ASP A N   1 
ATOM   1083 C  CA  . ASP A 1 132 ? 15.085  -10.844 -0.275  1.00 20.63  ? 235 ASP A CA  1 
ATOM   1084 C  C   . ASP A 1 132 ? 14.721  -10.119 -1.569  1.00 27.32  ? 235 ASP A C   1 
ATOM   1085 O  O   . ASP A 1 132 ? 13.640  -9.545  -1.683  1.00 30.04  ? 235 ASP A O   1 
ATOM   1086 C  CB  . ASP A 1 132 ? 14.043  -11.900 0.091   1.00 19.00  ? 235 ASP A CB  1 
ATOM   1087 C  CG  . ASP A 1 132 ? 13.664  -12.800 -1.072  1.00 33.37  ? 235 ASP A CG  1 
ATOM   1088 O  OD1 . ASP A 1 132 ? 14.303  -12.735 -2.147  1.00 34.91  ? 235 ASP A OD1 1 
ATOM   1089 O  OD2 . ASP A 1 132 ? 12.707  -13.591 -0.902  1.00 32.15  ? 235 ASP A OD2 1 
ATOM   1090 N  N   . PRO A 1 133 ? 15.634  -10.145 -2.549  1.00 28.78  ? 236 PRO A N   1 
ATOM   1091 C  CA  . PRO A 1 133 ? 15.530  -9.349  -3.774  1.00 18.93  ? 236 PRO A CA  1 
ATOM   1092 C  C   . PRO A 1 133 ? 14.299  -9.672  -4.619  1.00 24.64  ? 236 PRO A C   1 
ATOM   1093 O  O   . PRO A 1 133 ? 13.974  -8.902  -5.536  1.00 22.66  ? 236 PRO A O   1 
ATOM   1094 C  CB  . PRO A 1 133 ? 16.813  -9.714  -4.539  1.00 16.39  ? 236 PRO A CB  1 
ATOM   1095 C  CG  . PRO A 1 133 ? 17.718  -10.245 -3.535  1.00 28.95  ? 236 PRO A CG  1 
ATOM   1096 C  CD  . PRO A 1 133 ? 16.861  -10.953 -2.531  1.00 27.25  ? 236 PRO A CD  1 
ATOM   1097 N  N   . GLY A 1 134 ? 13.632  -10.788 -4.325  1.00 20.26  ? 237 GLY A N   1 
ATOM   1098 C  CA  . GLY A 1 134 ? 12.441  -11.184 -5.062  1.00 13.88  ? 237 GLY A CA  1 
ATOM   1099 C  C   . GLY A 1 134 ? 11.158  -10.738 -4.375  1.00 26.38  ? 237 GLY A C   1 
ATOM   1100 O  O   . GLY A 1 134 ? 10.053  -11.037 -4.819  1.00 28.15  ? 237 GLY A O   1 
ATOM   1101 N  N   . ALA A 1 135 ? 11.310  -10.002 -3.283  1.00 25.13  ? 238 ALA A N   1 
ATOM   1102 C  CA  . ALA A 1 135 ? 10.178  -9.619  -2.455  1.00 23.30  ? 238 ALA A CA  1 
ATOM   1103 C  C   . ALA A 1 135 ? 9.510   -8.314  -2.906  1.00 24.91  ? 238 ALA A C   1 
ATOM   1104 O  O   . ALA A 1 135 ? 10.185  -7.368  -3.345  1.00 23.65  ? 238 ALA A O   1 
ATOM   1105 C  CB  . ALA A 1 135 ? 10.618  -9.515  -1.013  1.00 22.87  ? 238 ALA A CB  1 
ATOM   1106 N  N   . LEU A 1 136 ? 8.183   -8.277  -2.790  1.00 22.54  ? 239 LEU A N   1 
ATOM   1107 C  CA  . LEU A 1 136 ? 7.422   -7.036  -2.948  1.00 19.85  ? 239 LEU A CA  1 
ATOM   1108 C  C   . LEU A 1 136 ? 7.897   -6.012  -1.929  1.00 25.13  ? 239 LEU A C   1 
ATOM   1109 O  O   . LEU A 1 136 ? 7.907   -4.812  -2.220  1.00 25.00  ? 239 LEU A O   1 
ATOM   1110 C  CB  . LEU A 1 136 ? 5.917   -7.268  -2.763  1.00 17.11  ? 239 LEU A CB  1 
ATOM   1111 C  CG  . LEU A 1 136 ? 4.998   -6.039  -2.744  1.00 10.34  ? 239 LEU A CG  1 
ATOM   1112 C  CD1 . LEU A 1 136 ? 5.134   -5.264  -4.056  1.00 12.60  ? 239 LEU A CD1 1 
ATOM   1113 C  CD2 . LEU A 1 136 ? 3.531   -6.404  -2.485  1.00 9.87   ? 239 LEU A CD2 1 
ATOM   1114 N  N   . MET A 1 137 ? 8.294   -6.474  -0.742  1.00 14.13  ? 240 MET A N   1 
ATOM   1115 C  CA  . MET A 1 137 ? 8.735   -5.542  0.288   1.00 21.48  ? 240 MET A CA  1 
ATOM   1116 C  C   . MET A 1 137 ? 10.232  -5.230  0.200   1.00 23.53  ? 240 MET A C   1 
ATOM   1117 O  O   . MET A 1 137 ? 10.783  -4.558  1.085   1.00 16.85  ? 240 MET A O   1 
ATOM   1118 C  CB  . MET A 1 137 ? 8.317   -5.986  1.697   1.00 17.86  ? 240 MET A CB  1 
ATOM   1119 C  CG  . MET A 1 137 ? 6.799   -6.133  1.890   1.00 15.61  ? 240 MET A CG  1 
ATOM   1120 S  SD  . MET A 1 137 ? 5.867   -4.645  1.439   1.00 15.90  ? 240 MET A SD  1 
ATOM   1121 C  CE  . MET A 1 137 ? 6.612   -3.500  2.603   1.00 14.28  ? 240 MET A CE  1 
ATOM   1122 N  N   . PHE A 1 138 ? 10.878  -5.696  -0.875  1.00 14.49  ? 241 PHE A N   1 
ATOM   1123 C  CA  . PHE A 1 138 ? 12.225  -5.220  -1.214  1.00 19.23  ? 241 PHE A CA  1 
ATOM   1124 C  C   . PHE A 1 138 ? 12.165  -3.701  -1.427  1.00 18.85  ? 241 PHE A C   1 
ATOM   1125 O  O   . PHE A 1 138 ? 11.191  -3.194  -1.968  1.00 23.34  ? 241 PHE A O   1 
ATOM   1126 C  CB  . PHE A 1 138 ? 12.756  -5.927  -2.469  1.00 18.50  ? 241 PHE A CB  1 
ATOM   1127 C  CG  . PHE A 1 138 ? 14.247  -5.771  -2.686  1.00 19.48  ? 241 PHE A CG  1 
ATOM   1128 C  CD1 . PHE A 1 138 ? 15.156  -6.134  -1.696  1.00 22.85  ? 241 PHE A CD1 1 
ATOM   1129 C  CD2 . PHE A 1 138 ? 14.740  -5.301  -3.888  1.00 17.78  ? 241 PHE A CD2 1 
ATOM   1130 C  CE1 . PHE A 1 138 ? 16.521  -5.997  -1.897  1.00 21.07  ? 241 PHE A CE1 1 
ATOM   1131 C  CE2 . PHE A 1 138 ? 16.111  -5.176  -4.101  1.00 19.02  ? 241 PHE A CE2 1 
ATOM   1132 C  CZ  . PHE A 1 138 ? 16.999  -5.518  -3.104  1.00 17.37  ? 241 PHE A CZ  1 
ATOM   1133 N  N   . PRO A 1 139 ? 13.194  -2.969  -0.980  1.00 22.37  ? 242 PRO A N   1 
ATOM   1134 C  CA  . PRO A 1 139 ? 13.167  -1.495  -0.971  1.00 22.42  ? 242 PRO A CA  1 
ATOM   1135 C  C   . PRO A 1 139 ? 13.346  -0.800  -2.314  1.00 19.88  ? 242 PRO A C   1 
ATOM   1136 O  O   . PRO A 1 139 ? 13.182  0.419   -2.370  1.00 22.70  ? 242 PRO A O   1 
ATOM   1137 C  CB  . PRO A 1 139 ? 14.347  -1.122  -0.063  1.00 17.73  ? 242 PRO A CB  1 
ATOM   1138 C  CG  . PRO A 1 139 ? 14.623  -2.329  0.719   1.00 29.01  ? 242 PRO A CG  1 
ATOM   1139 C  CD  . PRO A 1 139 ? 14.294  -3.495  -0.161  1.00 23.40  ? 242 PRO A CD  1 
ATOM   1140 N  N   . ILE A 1 140 ? 13.696  -1.530  -3.367  1.00 19.17  ? 243 ILE A N   1 
ATOM   1141 C  CA  . ILE A 1 140 ? 13.841  -0.911  -4.679  1.00 14.70  ? 243 ILE A CA  1 
ATOM   1142 C  C   . ILE A 1 140 ? 12.604  -1.143  -5.557  1.00 20.45  ? 243 ILE A C   1 
ATOM   1143 O  O   . ILE A 1 140 ? 12.207  -2.277  -5.759  1.00 19.02  ? 243 ILE A O   1 
ATOM   1144 C  CB  . ILE A 1 140 ? 15.101  -1.431  -5.398  1.00 25.39  ? 243 ILE A CB  1 
ATOM   1145 C  CG1 . ILE A 1 140 ? 16.372  -1.054  -4.614  1.00 13.37  ? 243 ILE A CG1 1 
ATOM   1146 C  CG2 . ILE A 1 140 ? 15.138  -0.929  -6.856  1.00 13.28  ? 243 ILE A CG2 1 
ATOM   1147 C  CD1 . ILE A 1 140 ? 17.615  -1.747  -5.119  1.00 14.94  ? 243 ILE A CD1 1 
ATOM   1148 N  N   . TYR A 1 141 ? 12.001  -0.065  -6.064  1.00 17.13  ? 244 TYR A N   1 
ATOM   1149 C  CA  . TYR A 1 141 ? 10.902  -0.173  -7.013  1.00 12.69  ? 244 TYR A CA  1 
ATOM   1150 C  C   . TYR A 1 141 ? 11.265  -1.060  -8.197  1.00 23.98  ? 244 TYR A C   1 
ATOM   1151 O  O   . TYR A 1 141 ? 12.307  -0.862  -8.834  1.00 18.88  ? 244 TYR A O   1 
ATOM   1152 C  CB  . TYR A 1 141 ? 10.465  1.208   -7.541  1.00 20.34  ? 244 TYR A CB  1 
ATOM   1153 C  CG  . TYR A 1 141 ? 9.453   1.135   -8.686  1.00 18.02  ? 244 TYR A CG  1 
ATOM   1154 C  CD1 . TYR A 1 141 ? 8.083   1.140   -8.435  1.00 16.27  ? 244 TYR A CD1 1 
ATOM   1155 C  CD2 . TYR A 1 141 ? 9.871   1.030   -10.012 1.00 18.93  ? 244 TYR A CD2 1 
ATOM   1156 C  CE1 . TYR A 1 141 ? 7.152   1.071   -9.470  1.00 12.73  ? 244 TYR A CE1 1 
ATOM   1157 C  CE2 . TYR A 1 141 ? 8.957   0.955   -11.049 1.00 14.33  ? 244 TYR A CE2 1 
ATOM   1158 C  CZ  . TYR A 1 141 ? 7.593   0.978   -10.776 1.00 21.80  ? 244 TYR A CZ  1 
ATOM   1159 O  OH  . TYR A 1 141 ? 6.674   0.898   -11.808 1.00 21.30  ? 244 TYR A OH  1 
ATOM   1160 N  N   . THR A 1 142 ? 10.358  -1.986  -8.517  1.00 19.07  ? 245 THR A N   1 
ATOM   1161 C  CA  . THR A 1 142 ? 10.581  -3.016  -9.521  1.00 12.92  ? 245 THR A CA  1 
ATOM   1162 C  C   . THR A 1 142 ? 9.333   -3.208  -10.372 1.00 17.70  ? 245 THR A C   1 
ATOM   1163 O  O   . THR A 1 142 ? 8.235   -3.425  -9.851  1.00 21.20  ? 245 THR A O   1 
ATOM   1164 C  CB  . THR A 1 142 ? 10.921  -4.344  -8.826  1.00 20.22  ? 245 THR A CB  1 
ATOM   1165 O  OG1 . THR A 1 142 ? 12.056  -4.142  -7.974  1.00 14.51  ? 245 THR A OG1 1 
ATOM   1166 C  CG2 . THR A 1 142 ? 11.202  -5.452  -9.838  1.00 9.48   ? 245 THR A CG2 1 
ATOM   1167 N  N   . TYR A 1 143 ? 9.485   -3.111  -11.683 1.00 19.95  ? 246 TYR A N   1 
ATOM   1168 C  CA  . TYR A 1 143 ? 8.344   -3.311  -12.563 1.00 21.74  ? 246 TYR A CA  1 
ATOM   1169 C  C   . TYR A 1 143 ? 8.204   -4.759  -13.006 1.00 21.96  ? 246 TYR A C   1 
ATOM   1170 O  O   . TYR A 1 143 ? 9.196   -5.474  -13.172 1.00 25.60  ? 246 TYR A O   1 
ATOM   1171 C  CB  . TYR A 1 143 ? 8.439   -2.409  -13.790 1.00 23.32  ? 246 TYR A CB  1 
ATOM   1172 C  CG  . TYR A 1 143 ? 7.286   -2.596  -14.745 1.00 25.12  ? 246 TYR A CG  1 
ATOM   1173 C  CD1 . TYR A 1 143 ? 6.052   -2.003  -14.490 1.00 26.64  ? 246 TYR A CD1 1 
ATOM   1174 C  CD2 . TYR A 1 143 ? 7.418   -3.369  -15.901 1.00 20.45  ? 246 TYR A CD2 1 
ATOM   1175 C  CE1 . TYR A 1 143 ? 4.979   -2.169  -15.356 1.00 27.22  ? 246 TYR A CE1 1 
ATOM   1176 C  CE2 . TYR A 1 143 ? 6.348   -3.542  -16.771 1.00 21.55  ? 246 TYR A CE2 1 
ATOM   1177 C  CZ  . TYR A 1 143 ? 5.128   -2.934  -16.493 1.00 29.77  ? 246 TYR A CZ  1 
ATOM   1178 O  OH  . TYR A 1 143 ? 4.040   -3.091  -17.340 1.00 43.08  ? 246 TYR A OH  1 
ATOM   1179 N  N   . THR A 1 144 ? 6.965   -5.189  -13.199 1.00 29.42  ? 247 THR A N   1 
ATOM   1180 C  CA  . THR A 1 144 ? 6.696   -6.478  -13.832 1.00 34.25  ? 247 THR A CA  1 
ATOM   1181 C  C   . THR A 1 144 ? 5.612   -6.365  -14.891 1.00 41.97  ? 247 THR A C   1 
ATOM   1182 O  O   . THR A 1 144 ? 4.595   -5.687  -14.695 1.00 38.11  ? 247 THR A O   1 
ATOM   1183 C  CB  . THR A 1 144 ? 6.244   -7.542  -12.823 1.00 41.47  ? 247 THR A CB  1 
ATOM   1184 O  OG1 . THR A 1 144 ? 6.080   -8.796  -13.503 1.00 39.08  ? 247 THR A OG1 1 
ATOM   1185 C  CG2 . THR A 1 144 ? 4.924   -7.132  -12.172 1.00 30.54  ? 247 THR A CG2 1 
ATOM   1186 N  N   . GLY A 1 145 ? 5.840   -7.039  -16.015 1.00 61.26  ? 248 GLY A N   1 
ATOM   1187 C  CA  . GLY A 1 145 ? 4.830   -7.163  -17.051 1.00 71.71  ? 248 GLY A CA  1 
ATOM   1188 C  C   . GLY A 1 145 ? 4.070   -8.477  -16.948 1.00 89.12  ? 248 GLY A C   1 
ATOM   1189 O  O   . GLY A 1 145 ? 4.197   -9.362  -17.802 1.00 98.07  ? 248 GLY A O   1 
ATOM   1190 N  N   . LYS A 1 146 ? 3.287   -8.611  -15.884 1.00 67.98  ? 249 LYS A N   1 
ATOM   1191 C  CA  . LYS A 1 146 ? 2.442   -9.782  -15.683 1.00 75.29  ? 249 LYS A CA  1 
ATOM   1192 C  C   . LYS A 1 146 ? 1.025   -9.322  -15.407 1.00 90.47  ? 249 LYS A C   1 
ATOM   1193 O  O   . LYS A 1 146 ? 0.797   -8.459  -14.554 1.00 87.48  ? 249 LYS A O   1 
ATOM   1194 C  CB  . LYS A 1 146 ? 2.938   -10.640 -14.521 1.00 70.20  ? 249 LYS A CB  1 
ATOM   1195 C  CG  . LYS A 1 146 ? 3.647   -11.909 -14.948 1.00 79.34  ? 249 LYS A CG  1 
ATOM   1196 C  CD  . LYS A 1 146 ? 4.883   -11.614 -15.780 1.00 56.22  ? 249 LYS A CD  1 
ATOM   1197 C  CE  . LYS A 1 146 ? 5.926   -12.703 -15.579 1.00 59.95  ? 249 LYS A CE  1 
ATOM   1198 N  NZ  . LYS A 1 146 ? 6.271   -12.884 -14.127 1.00 44.15  ? 249 LYS A NZ  1 
ATOM   1199 N  N   . SER A 1 147 ? 0.081   -9.902  -16.139 1.00 90.31  ? 250 SER A N   1 
ATOM   1200 C  CA  . SER A 1 147 ? -1.325  -9.531  -16.042 1.00 93.86  ? 250 SER A CA  1 
ATOM   1201 C  C   . SER A 1 147 ? -1.881  -9.834  -14.649 1.00 102.33 ? 250 SER A C   1 
ATOM   1202 O  O   . SER A 1 147 ? -2.689  -9.069  -14.108 1.00 92.51  ? 250 SER A O   1 
ATOM   1203 C  CB  . SER A 1 147 ? -2.136  -10.285 -17.100 1.00 93.11  ? 250 SER A CB  1 
ATOM   1204 O  OG  . SER A 1 147 ? -1.379  -10.463 -18.286 1.00 95.48  ? 250 SER A OG  1 
ATOM   1205 N  N   . HIS A 1 148 ? -1.441  -10.954 -14.078 1.00 94.26  ? 251 HIS A N   1 
ATOM   1206 C  CA  . HIS A 1 148 ? -1.946  -11.411 -12.784 1.00 91.88  ? 251 HIS A CA  1 
ATOM   1207 C  C   . HIS A 1 148 ? -0.827  -11.465 -11.750 1.00 87.03  ? 251 HIS A C   1 
ATOM   1208 O  O   . HIS A 1 148 ? -0.227  -12.516 -11.509 1.00 87.64  ? 251 HIS A O   1 
ATOM   1209 C  CB  . HIS A 1 148 ? -2.622  -12.782 -12.916 1.00 97.28  ? 251 HIS A CB  1 
ATOM   1210 C  CG  . HIS A 1 148 ? -3.808  -12.791 -13.836 1.00 108.69 ? 251 HIS A CG  1 
ATOM   1211 N  ND1 . HIS A 1 148 ? -4.749  -13.800 -13.827 1.00 110.97 ? 251 HIS A ND1 1 
ATOM   1212 C  CD2 . HIS A 1 148 ? -4.205  -11.917 -14.793 1.00 97.54  ? 251 HIS A CD2 1 
ATOM   1213 C  CE1 . HIS A 1 148 ? -5.672  -13.546 -14.737 1.00 104.92 ? 251 HIS A CE1 1 
ATOM   1214 N  NE2 . HIS A 1 148 ? -5.366  -12.411 -15.338 1.00 97.21  ? 251 HIS A NE2 1 
ATOM   1215 N  N   . PHE A 1 149 ? -0.558  -10.317 -11.143 1.00 76.61  ? 252 PHE A N   1 
ATOM   1216 C  CA  . PHE A 1 149 ? 0.507   -10.187 -10.166 1.00 65.26  ? 252 PHE A CA  1 
ATOM   1217 C  C   . PHE A 1 149 ? 0.493   -11.322 -9.151  1.00 59.98  ? 252 PHE A C   1 
ATOM   1218 O  O   . PHE A 1 149 ? -0.543  -11.623 -8.552  1.00 60.26  ? 252 PHE A O   1 
ATOM   1219 C  CB  . PHE A 1 149 ? 0.384   -8.849  -9.442  1.00 56.91  ? 252 PHE A CB  1 
ATOM   1220 C  CG  . PHE A 1 149 ? 1.446   -8.620  -8.417  1.00 41.43  ? 252 PHE A CG  1 
ATOM   1221 C  CD1 . PHE A 1 149 ? 1.153   -8.702  -7.068  1.00 29.80  ? 252 PHE A CD1 1 
ATOM   1222 C  CD2 . PHE A 1 149 ? 2.742   -8.332  -8.800  1.00 32.33  ? 252 PHE A CD2 1 
ATOM   1223 C  CE1 . PHE A 1 149 ? 2.129   -8.487  -6.112  1.00 32.14  ? 252 PHE A CE1 1 
ATOM   1224 C  CE2 . PHE A 1 149 ? 3.726   -8.121  -7.844  1.00 28.07  ? 252 PHE A CE2 1 
ATOM   1225 C  CZ  . PHE A 1 149 ? 3.418   -8.200  -6.501  1.00 28.90  ? 252 PHE A CZ  1 
ATOM   1226 N  N   . MET A 1 150 ? 1.654   -11.945 -8.963  1.00 57.75  ? 253 MET A N   1 
ATOM   1227 C  CA  . MET A 1 150 ? 1.810   -13.027 -7.996  1.00 50.59  ? 253 MET A CA  1 
ATOM   1228 C  C   . MET A 1 150 ? 2.620   -12.586 -6.772  1.00 41.70  ? 253 MET A C   1 
ATOM   1229 O  O   . MET A 1 150 ? 3.857   -12.531 -6.837  1.00 42.26  ? 253 MET A O   1 
ATOM   1230 C  CB  . MET A 1 150 ? 2.522   -14.201 -8.663  1.00 57.05  ? 253 MET A CB  1 
ATOM   1231 C  CG  . MET A 1 150 ? 1.643   -15.412 -8.912  1.00 81.79  ? 253 MET A CG  1 
ATOM   1232 S  SD  . MET A 1 150 ? 2.472   -16.944 -8.445  1.00 98.80  ? 253 MET A SD  1 
ATOM   1233 C  CE  . MET A 1 150 ? 2.423   -16.831 -6.658  1.00 64.63  ? 253 MET A CE  1 
ATOM   1234 N  N   . LEU A 1 151 ? 1.937   -12.287 -5.664  1.00 32.91  ? 254 LEU A N   1 
ATOM   1235 C  CA  . LEU A 1 151 ? 2.620   -11.861 -4.432  1.00 28.66  ? 254 LEU A CA  1 
ATOM   1236 C  C   . LEU A 1 151 ? 3.632   -12.916 -4.000  1.00 37.39  ? 254 LEU A C   1 
ATOM   1237 O  O   . LEU A 1 151 ? 3.250   -14.047 -3.685  1.00 29.78  ? 254 LEU A O   1 
ATOM   1238 C  CB  . LEU A 1 151 ? 1.614   -11.600 -3.301  1.00 19.66  ? 254 LEU A CB  1 
ATOM   1239 C  CG  . LEU A 1 151 ? 2.168   -11.148 -1.946  1.00 24.97  ? 254 LEU A CG  1 
ATOM   1240 C  CD1 . LEU A 1 151 ? 2.680   -9.710  -2.003  1.00 22.38  ? 254 LEU A CD1 1 
ATOM   1241 C  CD2 . LEU A 1 151 ? 1.134   -11.277 -0.846  1.00 19.07  ? 254 LEU A CD2 1 
ATOM   1242 N  N   . PRO A 1 152 ? 4.930   -12.547 -4.000  1.00 37.07  ? 255 PRO A N   1 
ATOM   1243 C  CA  . PRO A 1 152 ? 6.060   -13.449 -3.731  1.00 27.31  ? 255 PRO A CA  1 
ATOM   1244 C  C   . PRO A 1 152 ? 5.941   -14.169 -2.408  1.00 24.84  ? 255 PRO A C   1 
ATOM   1245 O  O   . PRO A 1 152 ? 5.336   -13.629 -1.484  1.00 27.10  ? 255 PRO A O   1 
ATOM   1246 C  CB  . PRO A 1 152 ? 7.259   -12.499 -3.705  1.00 18.45  ? 255 PRO A CB  1 
ATOM   1247 C  CG  . PRO A 1 152 ? 6.871   -11.423 -4.655  1.00 20.67  ? 255 PRO A CG  1 
ATOM   1248 C  CD  . PRO A 1 152 ? 5.395   -11.206 -4.400  1.00 22.77  ? 255 PRO A CD  1 
ATOM   1249 N  N   . ASP A 1 153 ? 6.521   -15.367 -2.327  1.00 31.21  ? 256 ASP A N   1 
ATOM   1250 C  CA  . ASP A 1 153 ? 6.414   -16.217 -1.140  1.00 27.91  ? 256 ASP A CA  1 
ATOM   1251 C  C   . ASP A 1 153 ? 6.940   -15.546 0.116   1.00 27.69  ? 256 ASP A C   1 
ATOM   1252 O  O   . ASP A 1 153 ? 6.458   -15.819 1.212   1.00 29.22  ? 256 ASP A O   1 
ATOM   1253 C  CB  . ASP A 1 153 ? 7.150   -17.546 -1.341  1.00 32.74  ? 256 ASP A CB  1 
ATOM   1254 C  CG  . ASP A 1 153 ? 6.430   -18.476 -2.302  1.00 63.76  ? 256 ASP A CG  1 
ATOM   1255 O  OD1 . ASP A 1 153 ? 7.041   -19.484 -2.725  1.00 68.55  ? 256 ASP A OD1 1 
ATOM   1256 O  OD2 . ASP A 1 153 ? 5.253   -18.194 -2.635  1.00 69.63  ? 256 ASP A OD2 1 
ATOM   1257 N  N   . ASP A 1 154 ? 7.944   -14.690 -0.029  1.00 23.06  ? 257 ASP A N   1 
ATOM   1258 C  CA  . ASP A 1 154 ? 8.485   -14.010 1.131   1.00 24.49  ? 257 ASP A CA  1 
ATOM   1259 C  C   . ASP A 1 154 ? 7.441   -13.097 1.796   1.00 27.30  ? 257 ASP A C   1 
ATOM   1260 O  O   . ASP A 1 154 ? 7.348   -13.031 3.021   1.00 21.34  ? 257 ASP A O   1 
ATOM   1261 C  CB  . ASP A 1 154 ? 9.723   -13.200 0.775   1.00 22.29  ? 257 ASP A CB  1 
ATOM   1262 C  CG  . ASP A 1 154 ? 10.394  -12.629 2.004   1.00 33.28  ? 257 ASP A CG  1 
ATOM   1263 O  OD1 . ASP A 1 154 ? 10.953  -13.426 2.787   1.00 36.42  ? 257 ASP A OD1 1 
ATOM   1264 O  OD2 . ASP A 1 154 ? 10.341  -11.397 2.210   1.00 25.65  ? 257 ASP A OD2 1 
ATOM   1265 N  N   . ASP A 1 155 ? 6.656   -12.393 0.988   1.00 21.02  ? 258 ASP A N   1 
ATOM   1266 C  CA  . ASP A 1 155 ? 5.692   -11.463 1.545   1.00 17.25  ? 258 ASP A CA  1 
ATOM   1267 C  C   . ASP A 1 155 ? 4.525   -12.246 2.141   1.00 27.67  ? 258 ASP A C   1 
ATOM   1268 O  O   . ASP A 1 155 ? 4.029   -11.884 3.217   1.00 16.58  ? 258 ASP A O   1 
ATOM   1269 C  CB  . ASP A 1 155 ? 5.220   -10.470 0.484   1.00 22.36  ? 258 ASP A CB  1 
ATOM   1270 C  CG  . ASP A 1 155 ? 6.375   -9.871  -0.314  1.00 32.95  ? 258 ASP A CG  1 
ATOM   1271 O  OD1 . ASP A 1 155 ? 7.087   -8.988  0.228   1.00 34.65  ? 258 ASP A OD1 1 
ATOM   1272 O  OD2 . ASP A 1 155 ? 6.574   -10.288 -1.483  1.00 35.11  ? 258 ASP A OD2 1 
ATOM   1273 N  N   . VAL A 1 156 ? 4.112   -13.333 1.478   1.00 18.67  ? 259 VAL A N   1 
ATOM   1274 C  CA  . VAL A 1 156 ? 3.027   -14.159 2.011   1.00 22.75  ? 259 VAL A CA  1 
ATOM   1275 C  C   . VAL A 1 156 ? 3.354   -14.625 3.436   1.00 21.52  ? 259 VAL A C   1 
ATOM   1276 O  O   . VAL A 1 156 ? 2.550   -14.475 4.355   1.00 19.71  ? 259 VAL A O   1 
ATOM   1277 C  CB  . VAL A 1 156 ? 2.714   -15.374 1.118   1.00 25.68  ? 259 VAL A CB  1 
ATOM   1278 C  CG1 . VAL A 1 156 ? 1.527   -16.120 1.671   1.00 23.98  ? 259 VAL A CG1 1 
ATOM   1279 C  CG2 . VAL A 1 156 ? 2.421   -14.943 -0.298  1.00 18.42  ? 259 VAL A CG2 1 
ATOM   1280 N  N   . GLN A 1 157 ? 4.553   -15.173 3.603   1.00 22.02  ? 260 GLN A N   1 
ATOM   1281 C  CA  . GLN A 1 157 ? 5.061   -15.592 4.907   1.00 22.42  ? 260 GLN A CA  1 
ATOM   1282 C  C   . GLN A 1 157 ? 5.105   -14.474 5.927   1.00 26.69  ? 260 GLN A C   1 
ATOM   1283 O  O   . GLN A 1 157 ? 4.886   -14.704 7.120   1.00 25.82  ? 260 GLN A O   1 
ATOM   1284 C  CB  . GLN A 1 157 ? 6.485   -16.104 4.769   1.00 20.92  ? 260 GLN A CB  1 
ATOM   1285 C  CG  . GLN A 1 157 ? 6.631   -17.588 4.883   1.00 41.39  ? 260 GLN A CG  1 
ATOM   1286 C  CD  . GLN A 1 157 ? 7.758   -18.091 4.015   1.00 53.37  ? 260 GLN A CD  1 
ATOM   1287 O  OE1 . GLN A 1 157 ? 8.917   -18.114 4.433   1.00 56.64  ? 260 GLN A OE1 1 
ATOM   1288 N  NE2 . GLN A 1 157 ? 7.428   -18.474 2.785   1.00 51.99  ? 260 GLN A NE2 1 
ATOM   1289 N  N   . GLY A 1 158 ? 5.453   -13.278 5.466   1.00 21.56  ? 261 GLY A N   1 
ATOM   1290 C  CA  . GLY A 1 158 ? 5.621   -12.150 6.360   1.00 20.39  ? 261 GLY A CA  1 
ATOM   1291 C  C   . GLY A 1 158 ? 4.268   -11.710 6.874   1.00 22.46  ? 261 GLY A C   1 
ATOM   1292 O  O   . GLY A 1 158 ? 4.083   -11.495 8.065   1.00 24.00  ? 261 GLY A O   1 
ATOM   1293 N  N   . ILE A 1 159 ? 3.309   -11.601 5.967   1.00 17.59  ? 262 ILE A N   1 
ATOM   1294 C  CA  . ILE A 1 159 ? 2.008   -11.079 6.318   1.00 19.37  ? 262 ILE A CA  1 
ATOM   1295 C  C   . ILE A 1 159 ? 1.178   -12.131 7.094   1.00 24.23  ? 262 ILE A C   1 
ATOM   1296 O  O   . ILE A 1 159 ? 0.389   -11.779 7.980   1.00 17.38  ? 262 ILE A O   1 
ATOM   1297 C  CB  . ILE A 1 159 ? 1.287   -10.503 5.059   1.00 17.28  ? 262 ILE A CB  1 
ATOM   1298 C  CG1 . ILE A 1 159 ? 0.137   -9.574  5.459   1.00 19.86  ? 262 ILE A CG1 1 
ATOM   1299 C  CG2 . ILE A 1 159 ? 0.820   -11.606 4.126   1.00 19.68  ? 262 ILE A CG2 1 
ATOM   1300 C  CD1 . ILE A 1 159 ? 0.603   -8.325  6.208   1.00 21.35  ? 262 ILE A CD1 1 
ATOM   1301 N  N   . GLN A 1 160 ? 1.392   -13.412 6.791   1.00 19.63  ? 263 GLN A N   1 
ATOM   1302 C  CA  . GLN A 1 160 ? 0.706   -14.492 7.509   1.00 22.85  ? 263 GLN A CA  1 
ATOM   1303 C  C   . GLN A 1 160 ? 1.226   -14.686 8.925   1.00 24.04  ? 263 GLN A C   1 
ATOM   1304 O  O   . GLN A 1 160 ? 0.494   -15.137 9.810   1.00 25.11  ? 263 GLN A O   1 
ATOM   1305 C  CB  . GLN A 1 160 ? 0.731   -15.799 6.721   1.00 14.28  ? 263 GLN A CB  1 
ATOM   1306 C  CG  . GLN A 1 160 ? -0.269  -15.793 5.578   1.00 19.23  ? 263 GLN A CG  1 
ATOM   1307 C  CD  . GLN A 1 160 ? -0.139  -16.991 4.667   1.00 21.19  ? 263 GLN A CD  1 
ATOM   1308 O  OE1 . GLN A 1 160 ? 0.700   -17.859 4.887   1.00 27.57  ? 263 GLN A OE1 1 
ATOM   1309 N  NE2 . GLN A 1 160 ? -0.972  -17.047 3.636   1.00 16.01  ? 263 GLN A NE2 1 
ATOM   1310 N  N   . SER A 1 161 ? 2.483   -14.313 9.150   1.00 33.09  ? 264 SER A N   1 
ATOM   1311 C  CA  . SER A 1 161 ? 3.044   -14.330 10.500  1.00 26.30  ? 264 SER A CA  1 
ATOM   1312 C  C   . SER A 1 161 ? 2.356   -13.292 11.397  1.00 21.05  ? 264 SER A C   1 
ATOM   1313 O  O   . SER A 1 161 ? 2.380   -13.401 12.614  1.00 19.83  ? 264 SER A O   1 
ATOM   1314 C  CB  . SER A 1 161 ? 4.564   -14.114 10.479  1.00 25.94  ? 264 SER A CB  1 
ATOM   1315 O  OG  . SER A 1 161 ? 4.917   -12.752 10.288  1.00 22.11  ? 264 SER A OG  1 
ATOM   1316 N  N   . LEU A 1 162 ? 1.739   -12.286 10.792  1.00 23.74  ? 265 LEU A N   1 
ATOM   1317 C  CA  . LEU A 1 162 ? 0.993   -11.304 11.565  1.00 25.19  ? 265 LEU A CA  1 
ATOM   1318 C  C   . LEU A 1 162 ? -0.484  -11.664 11.701  1.00 25.31  ? 265 LEU A C   1 
ATOM   1319 O  O   . LEU A 1 162 ? -1.064  -11.499 12.773  1.00 28.44  ? 265 LEU A O   1 
ATOM   1320 C  CB  . LEU A 1 162 ? 1.138   -9.916  10.959  1.00 20.55  ? 265 LEU A CB  1 
ATOM   1321 C  CG  . LEU A 1 162 ? 2.546   -9.328  11.066  1.00 26.01  ? 265 LEU A CG  1 
ATOM   1322 C  CD1 . LEU A 1 162 ? 2.629   -8.004  10.308  1.00 18.05  ? 265 LEU A CD1 1 
ATOM   1323 C  CD2 . LEU A 1 162 ? 2.929   -9.159  12.526  1.00 20.70  ? 265 LEU A CD2 1 
ATOM   1324 N  N   . TYR A 1 163 ? -1.085  -12.171 10.627  1.00 21.18  ? 266 TYR A N   1 
ATOM   1325 C  CA  . TYR A 1 163 ? -2.542  -12.281 10.565  1.00 27.30  ? 266 TYR A CA  1 
ATOM   1326 C  C   . TYR A 1 163 ? -3.066  -13.686 10.263  1.00 30.21  ? 266 TYR A C   1 
ATOM   1327 O  O   . TYR A 1 163 ? -4.278  -13.909 10.227  1.00 24.74  ? 266 TYR A O   1 
ATOM   1328 C  CB  . TYR A 1 163 ? -3.092  -11.280 9.541   1.00 16.17  ? 266 TYR A CB  1 
ATOM   1329 C  CG  . TYR A 1 163 ? -2.705  -9.873  9.869   1.00 23.47  ? 266 TYR A CG  1 
ATOM   1330 C  CD1 . TYR A 1 163 ? -3.244  -9.232  10.978  1.00 18.04  ? 266 TYR A CD1 1 
ATOM   1331 C  CD2 . TYR A 1 163 ? -1.783  -9.187  9.092   1.00 21.51  ? 266 TYR A CD2 1 
ATOM   1332 C  CE1 . TYR A 1 163 ? -2.880  -7.948  11.305  1.00 23.92  ? 266 TYR A CE1 1 
ATOM   1333 C  CE2 . TYR A 1 163 ? -1.404  -7.895  9.413   1.00 17.57  ? 266 TYR A CE2 1 
ATOM   1334 C  CZ  . TYR A 1 163 ? -1.956  -7.285  10.525  1.00 24.03  ? 266 TYR A CZ  1 
ATOM   1335 O  OH  . TYR A 1 163 ? -1.604  -6.007  10.856  1.00 18.22  ? 266 TYR A OH  1 
ATOM   1336 N  N   . GLY A 1 164 ? -2.158  -14.628 10.043  1.00 18.32  ? 267 GLY A N   1 
ATOM   1337 C  CA  . GLY A 1 164 ? -2.564  -15.970 9.672   1.00 21.68  ? 267 GLY A CA  1 
ATOM   1338 C  C   . GLY A 1 164 ? -2.961  -15.951 8.220   1.00 23.66  ? 267 GLY A C   1 
ATOM   1339 O  O   . GLY A 1 164 ? -2.951  -14.887 7.612   1.00 31.49  ? 267 GLY A O   1 
ATOM   1340 N  N   . PRO A 1 165 ? -3.317  -17.118 7.657   1.00 31.55  ? 268 PRO A N   1 
ATOM   1341 C  CA  . PRO A 1 165 ? -3.701  -17.251 6.244   1.00 30.96  ? 268 PRO A CA  1 
ATOM   1342 C  C   . PRO A 1 165 ? -5.170  -16.898 5.975   1.00 33.21  ? 268 PRO A C   1 
ATOM   1343 O  O   . PRO A 1 165 ? -5.911  -16.555 6.891   1.00 34.18  ? 268 PRO A O   1 
ATOM   1344 C  CB  . PRO A 1 165 ? -3.484  -18.749 5.956   1.00 29.33  ? 268 PRO A CB  1 
ATOM   1345 C  CG  . PRO A 1 165 ? -2.989  -19.360 7.257   1.00 30.61  ? 268 PRO A CG  1 
ATOM   1346 C  CD  . PRO A 1 165 ? -3.365  -18.414 8.348   1.00 26.13  ? 268 PRO A CD  1 
ATOM   1347 N  N   . GLY A 1 166 ? -5.574  -16.991 4.711   1.00 39.50  ? 269 GLY A N   1 
ATOM   1348 C  CA  . GLY A 1 166 ? -6.941  -16.707 4.309   1.00 47.17  ? 269 GLY A CA  1 
ATOM   1349 C  C   . GLY A 1 166 ? -7.840  -17.899 4.563   1.00 54.53  ? 269 GLY A C   1 
ATOM   1350 O  O   . GLY A 1 166 ? -7.378  -18.932 5.041   1.00 55.84  ? 269 GLY A O   1 
ATOM   1351 N  N   . ASP A 1 167 ? -9.118  -17.764 4.225   1.00 76.67  ? 270 ASP A N   1 
ATOM   1352 C  CA  . ASP A 1 167 ? -10.120 -18.776 4.581   1.00 73.81  ? 270 ASP A CA  1 
ATOM   1353 C  C   . ASP A 1 167 ? -9.915  -20.168 3.976   1.00 74.67  ? 270 ASP A C   1 
ATOM   1354 O  O   . ASP A 1 167 ? -9.011  -20.388 3.160   1.00 73.84  ? 270 ASP A O   1 
ATOM   1355 C  CB  . ASP A 1 167 ? -11.534 -18.268 4.294   1.00 72.18  ? 270 ASP A CB  1 
ATOM   1356 C  CG  . ASP A 1 167 ? -12.089 -17.429 5.434   1.00 93.07  ? 270 ASP A CG  1 
ATOM   1357 O  OD1 . ASP A 1 167 ? -13.153 -16.794 5.250   1.00 93.53  ? 270 ASP A OD1 1 
ATOM   1358 O  OD2 . ASP A 1 167 ? -11.453 -17.408 6.514   1.00 90.94  ? 270 ASP A OD2 1 
ATOM   1359 N  N   . GLU A 1 168 ? -10.792 -21.088 4.380   1.00 84.13  ? 271 GLU A N   1 
ATOM   1360 C  CA  . GLU A 1 168 ? -10.596 -22.525 4.182   1.00 83.50  ? 271 GLU A CA  1 
ATOM   1361 C  C   . GLU A 1 168 ? -11.582 -23.238 3.236   1.00 87.14  ? 271 GLU A C   1 
ATOM   1362 O  O   . GLU A 1 168 ? -12.290 -22.599 2.452   1.00 87.57  ? 271 GLU A O   1 
ATOM   1363 C  CB  . GLU A 1 168 ? -10.572 -23.239 5.542   1.00 73.27  ? 271 GLU A CB  1 
ATOM   1364 C  CG  . GLU A 1 168 ? -9.177  -23.614 6.035   1.00 72.58  ? 271 GLU A CG  1 
ATOM   1365 C  CD  . GLU A 1 168 ? -8.420  -24.475 5.031   1.00 72.79  ? 271 GLU A CD  1 
ATOM   1366 O  OE1 . GLU A 1 168 ? -7.998  -23.926 3.986   1.00 70.40  ? 271 GLU A OE1 1 
ATOM   1367 O  OE2 . GLU A 1 168 ? -8.251  -25.694 5.286   1.00 64.82  ? 271 GLU A OE2 1 
ATOM   1368 N  N   . ASP A 1 169 ? -11.618 -24.571 3.361   1.00 93.72  ? 272 ASP A N   1 
ATOM   1369 C  CA  . ASP A 1 169 ? -12.228 -25.518 2.399   1.00 85.22  ? 272 ASP A CA  1 
ATOM   1370 C  C   . ASP A 1 169 ? -12.297 -25.079 0.926   1.00 98.86  ? 272 ASP A C   1 
ATOM   1371 O  O   . ASP A 1 169 ? -11.626 -25.680 0.080   1.00 93.34  ? 272 ASP A O   1 
ATOM   1372 C  CB  . ASP A 1 169 ? -13.565 -26.128 2.897   1.00 74.76  ? 272 ASP A CB  1 
ATOM   1373 C  CG  . ASP A 1 169 ? -14.485 -25.111 3.580   1.00 78.08  ? 272 ASP A CG  1 
ATOM   1374 O  OD1 . ASP A 1 169 ? -14.660 -25.200 4.822   1.00 69.04  ? 272 ASP A OD1 1 
ATOM   1375 O  OD2 . ASP A 1 169 ? -15.055 -24.245 2.880   1.00 70.67  ? 272 ASP A OD2 1 
ATOM   1376 O  OXT . ASP A 1 169 ? -12.999 -24.140 0.552   1.00 94.92  ? 272 ASP A OXT 1 
HETATM 1377 ZN ZN  . ZN  B 2 .   ? 9.053   0.565   1.578   1.00 16.05  ? 501 ZN  A ZN  1 
HETATM 1378 ZN ZN  . ZN  C 2 .   ? 3.197   12.328  3.814   1.00 23.22  ? 502 ZN  A ZN  1 
HETATM 1379 CA CA  . CA  D 3 .   ? 1.513   13.554  -11.386 1.00 66.00  ? 503 CA  A CA  1 
HETATM 1380 CA CA  . CA  E 3 .   ? 9.583   11.902  -5.605  1.00 18.41  ? 504 CA  A CA  1 
HETATM 1381 CA CA  . CA  F 3 .   ? -5.282  5.667   9.990   1.00 29.61  ? 505 CA  A CA  1 
HETATM 1382 C  C1  . E3P G 4 .   ? 9.091   3.311   1.442   1.00 25.66  ? 1   E3P A C1  1 
HETATM 1383 N  N1  . E3P G 4 .   ? 10.961  4.477   -0.775  1.00 17.69  ? 1   E3P A N1  1 
HETATM 1384 C  C2  . E3P G 4 .   ? 9.331   4.763   1.730   1.00 19.55  ? 1   E3P A C2  1 
HETATM 1385 O  O2  . E3P G 4 .   ? 9.518   5.653   -2.104  1.00 15.36  ? 1   E3P A O2  1 
HETATM 1386 C  C3  . E3P G 4 .   ? 10.783  5.096   1.572   1.00 14.70  ? 1   E3P A C3  1 
HETATM 1387 N  N3  . E3P G 4 .   ? 13.124  6.133   -1.045  1.00 32.83  ? 1   E3P A N3  1 
HETATM 1388 C  C4  . E3P G 4 .   ? 11.093  5.575   0.164   1.00 27.79  ? 1   E3P A C4  1 
HETATM 1389 C  C5  . E3P G 4 .   ? 12.481  6.126   0.091   1.00 37.86  ? 1   E3P A C5  1 
HETATM 1390 O  O5  . E3P G 4 .   ? 13.026  6.580   1.094   1.00 33.22  ? 1   E3P A O5  1 
HETATM 1391 C  C6  . E3P G 4 .   ? 10.118  4.612   -1.934  1.00 15.33  ? 1   E3P A C6  1 
HETATM 1392 O  O6  . E3P G 4 .   ? 7.924   2.874   1.267   1.00 26.05  ? 1   E3P A O6  1 
HETATM 1393 C  C7  . E3P G 4 .   ? 9.951   3.460   -2.906  1.00 17.68  ? 1   E3P A C7  1 
HETATM 1394 O  O7  . E3P G 4 .   ? 10.062  2.507   1.381   1.00 28.65  ? 1   E3P A O7  1 
HETATM 1395 C  C8  . E3P G 4 .   ? 8.709   2.742   -2.434  1.00 10.51  ? 1   E3P A C8  1 
HETATM 1396 C  C9  . E3P G 4 .   ? 8.600   1.424   -3.158  1.00 14.50  ? 1   E3P A C9  1 
HETATM 1397 C  C10 . E3P G 4 .   ? 7.554   1.231   -4.012  1.00 25.19  ? 1   E3P A C10 1 
HETATM 1398 C  C11 . E3P G 4 .   ? 7.397   -0.060  -4.748  1.00 12.55  ? 1   E3P A C11 1 
HETATM 1399 C  C12 . E3P G 4 .   ? 8.315   -1.028  -4.579  1.00 8.37   ? 1   E3P A C12 1 
HETATM 1400 C  C13 . E3P G 4 .   ? 9.457   -0.833  -3.645  1.00 14.92  ? 1   E3P A C13 1 
HETATM 1401 C  C14 . E3P G 4 .   ? 9.604   0.349   -2.956  1.00 14.57  ? 1   E3P A C14 1 
HETATM 1402 C  C15 . E3P G 4 .   ? 7.872   -4.802  -6.703  1.00 14.82  ? 1   E3P A C15 1 
HETATM 1403 C  C16 . E3P G 4 .   ? 8.896   -4.658  -5.645  1.00 17.55  ? 1   E3P A C16 1 
HETATM 1404 C  C17 . E3P G 4 .   ? 9.033   -3.465  -4.981  1.00 13.19  ? 1   E3P A C17 1 
HETATM 1405 C  C19 . E3P G 4 .   ? 8.148   -2.326  -5.332  1.00 11.85  ? 1   E3P A C19 1 
HETATM 1406 C  C35 . E3P G 4 .   ? 7.200   -2.455  -6.305  1.00 11.69  ? 1   E3P A C35 1 
HETATM 1407 C  C36 . E3P G 4 .   ? 7.042   -3.766  -7.027  1.00 11.34  ? 1   E3P A C36 1 
HETATM 1408 C  C37 . E3P G 4 .   ? 7.742   -6.128  -7.372  1.00 22.81  ? 1   E3P A C37 1 
HETATM 1409 C  C38 . E3P G 4 .   ? 7.270   -6.238  -8.782  1.00 18.31  ? 1   E3P A C38 1 
HETATM 1410 C  C39 . E3P G 4 .   ? 7.148   -7.477  -9.339  1.00 23.55  ? 1   E3P A C39 1 
HETATM 1411 C  C40 . E3P G 4 .   ? 7.469   -8.695  -8.532  1.00 24.94  ? 1   E3P A C40 1 
HETATM 1412 C  C41 . E3P G 4 .   ? 7.885   -8.589  -7.238  1.00 20.90  ? 1   E3P A C41 1 
HETATM 1413 C  C42 . E3P G 4 .   ? 8.026   -7.236  -6.627  1.00 18.80  ? 1   E3P A C42 1 
HETATM 1414 C  C1  . PEG H 5 .   ? 8.425   7.193   -18.530 1.00 53.15  ? 273 PEG A C1  1 
HETATM 1415 O  O1  . PEG H 5 .   ? 7.833   5.902   -18.743 1.00 49.49  ? 273 PEG A O1  1 
HETATM 1416 C  C2  . PEG H 5 .   ? 8.946   7.351   -17.099 1.00 59.07  ? 273 PEG A C2  1 
HETATM 1417 O  O2  . PEG H 5 .   ? 9.553   6.149   -16.600 1.00 56.32  ? 273 PEG A O2  1 
HETATM 1418 C  C3  . PEG H 5 .   ? 10.792  6.445   -15.946 1.00 59.15  ? 273 PEG A C3  1 
HETATM 1419 C  C4  . PEG H 5 .   ? 10.689  6.250   -14.437 1.00 36.86  ? 273 PEG A C4  1 
HETATM 1420 O  O4  . PEG H 5 .   ? 10.102  4.973   -14.156 1.00 44.09  ? 273 PEG A O4  1 
HETATM 1421 C  C1  . PEG I 5 .   ? -3.569  -12.279 -8.210  1.00 69.93  ? 2   PEG A C1  1 
HETATM 1422 O  O1  . PEG I 5 .   ? -2.833  -13.480 -7.926  1.00 65.99  ? 2   PEG A O1  1 
HETATM 1423 C  C2  . PEG I 5 .   ? -3.203  -11.210 -7.184  1.00 74.06  ? 2   PEG A C2  1 
HETATM 1424 O  O2  . PEG I 5 .   ? -4.250  -11.046 -6.216  1.00 53.90  ? 2   PEG A O2  1 
HETATM 1425 C  C3  . PEG I 5 .   ? -3.915  -11.675 -4.973  1.00 55.30  ? 2   PEG A C3  1 
HETATM 1426 C  C4  . PEG I 5 .   ? -2.410  -11.629 -4.712  1.00 61.86  ? 2   PEG A C4  1 
HETATM 1427 O  O4  . PEG I 5 .   ? -2.148  -12.032 -3.364  1.00 38.39  ? 2   PEG A O4  1 
HETATM 1428 C  C1  . PEG J 5 .   ? -6.339  -0.275  16.019  1.00 43.62  ? 3   PEG A C1  1 
HETATM 1429 O  O1  . PEG J 5 .   ? -6.811  -1.631  16.027  1.00 46.80  ? 3   PEG A O1  1 
HETATM 1430 C  C2  . PEG J 5 .   ? -4.915  -0.255  15.471  1.00 46.18  ? 3   PEG A C2  1 
HETATM 1431 O  O2  . PEG J 5 .   ? -4.089  -1.106  16.275  1.00 52.38  ? 3   PEG A O2  1 
HETATM 1432 C  C3  . PEG J 5 .   ? -2.696  -0.849  16.082  1.00 49.60  ? 3   PEG A C3  1 
HETATM 1433 C  C4  . PEG J 5 .   ? -2.111  -0.259  17.370  1.00 43.11  ? 3   PEG A C4  1 
HETATM 1434 O  O4  . PEG J 5 .   ? -0.683  -0.185  17.269  1.00 48.04  ? 3   PEG A O4  1 
HETATM 1435 O  O   . HOH K 6 .   ? 3.269   -19.076 6.153   1.00 24.10  ? 4   HOH A O   1 
HETATM 1436 O  O   . HOH K 6 .   ? -14.380 7.419   -0.775  1.00 33.76  ? 5   HOH A O   1 
HETATM 1437 O  O   . HOH K 6 .   ? -10.690 1.729   -4.440  1.00 21.77  ? 6   HOH A O   1 
HETATM 1438 O  O   . HOH K 6 .   ? -12.778 -1.838  -2.495  1.00 18.03  ? 7   HOH A O   1 
HETATM 1439 O  O   . HOH K 6 .   ? -15.140 -1.736  -0.704  1.00 15.11  ? 8   HOH A O   1 
HETATM 1440 O  O   . HOH K 6 .   ? -12.210 6.116   -2.029  1.00 20.47  ? 9   HOH A O   1 
HETATM 1441 O  O   . HOH K 6 .   ? -13.745 -4.437  5.684   1.00 25.02  ? 10  HOH A O   1 
HETATM 1442 O  O   . HOH K 6 .   ? -9.716  -5.143  -2.161  1.00 30.43  ? 11  HOH A O   1 
HETATM 1443 O  O   . HOH K 6 .   ? 7.159   16.543  -4.721  1.00 35.94  ? 12  HOH A O   1 
HETATM 1444 O  O   . HOH K 6 .   ? -11.448 -6.926  0.813   1.00 19.21  ? 13  HOH A O   1 
HETATM 1445 O  O   . HOH K 6 .   ? -5.905  4.209   11.969  1.00 19.60  ? 14  HOH A O   1 
HETATM 1446 O  O   . HOH K 6 .   ? -7.973  3.011   12.989  1.00 26.98  ? 15  HOH A O   1 
HETATM 1447 O  O   . HOH K 6 .   ? 4.848   16.631  4.119   1.00 25.33  ? 16  HOH A O   1 
HETATM 1448 O  O   . HOH K 6 .   ? -13.023 -12.580 3.082   1.00 55.81  ? 17  HOH A O   1 
HETATM 1449 O  O   . HOH K 6 .   ? 1.608   4.506   13.133  1.00 18.52  ? 18  HOH A O   1 
HETATM 1450 O  O   . HOH K 6 .   ? -4.637  -17.959 2.229   1.00 36.61  ? 19  HOH A O   1 
HETATM 1451 O  O   . HOH K 6 .   ? 13.085  2.919   -6.003  1.00 34.11  ? 20  HOH A O   1 
HETATM 1452 O  O   . HOH K 6 .   ? 9.948   -14.796 -2.252  1.00 27.67  ? 21  HOH A O   1 
HETATM 1453 O  O   . HOH K 6 .   ? 8.760   -8.250  -15.658 1.00 34.88  ? 22  HOH A O   1 
HETATM 1454 O  O   . HOH K 6 .   ? -11.920 -4.073  -1.314  1.00 21.31  ? 23  HOH A O   1 
HETATM 1455 O  O   . HOH K 6 .   ? -8.704  15.151  -6.210  1.00 25.80  ? 24  HOH A O   1 
HETATM 1456 O  O   . HOH K 6 .   ? -13.822 2.906   9.621   1.00 28.58  ? 25  HOH A O   1 
HETATM 1457 O  O   . HOH K 6 .   ? -3.014  10.978  6.083   1.00 12.68  ? 26  HOH A O   1 
HETATM 1458 O  O   . HOH K 6 .   ? -5.791  -16.164 10.470  1.00 37.78  ? 27  HOH A O   1 
HETATM 1459 O  O   . HOH K 6 .   ? -18.854 7.467   -2.227  1.00 22.35  ? 28  HOH A O   1 
HETATM 1460 O  O   . HOH K 6 .   ? -5.856  10.669  11.503  1.00 25.19  ? 29  HOH A O   1 
HETATM 1461 O  O   . HOH K 6 .   ? -6.214  9.294   9.298   1.00 16.90  ? 30  HOH A O   1 
HETATM 1462 O  O   . HOH K 6 .   ? 7.232   1.273   -14.255 1.00 29.74  ? 31  HOH A O   1 
HETATM 1463 O  O   . HOH K 6 .   ? 9.436   -7.888  4.800   1.00 25.84  ? 32  HOH A O   1 
HETATM 1464 O  O   . HOH K 6 .   ? 8.223   -9.354  2.778   1.00 17.89  ? 33  HOH A O   1 
HETATM 1465 O  O   . HOH K 6 .   ? -12.214 2.991   11.794  1.00 34.16  ? 34  HOH A O   1 
HETATM 1466 O  O   . HOH K 6 .   ? -11.166 5.717   12.121  1.00 34.79  ? 35  HOH A O   1 
HETATM 1467 O  O   . HOH K 6 .   ? -3.797  10.164  3.488   1.00 16.51  ? 36  HOH A O   1 
HETATM 1468 O  O   . HOH K 6 .   ? -11.705 -8.338  13.408  1.00 40.27  ? 37  HOH A O   1 
HETATM 1469 O  O   . HOH K 6 .   ? -0.007  5.268   14.797  1.00 32.83  ? 38  HOH A O   1 
HETATM 1470 O  O   . HOH K 6 .   ? -8.146  6.023   14.733  1.00 39.40  ? 39  HOH A O   1 
HETATM 1471 O  O   . HOH K 6 .   ? 5.591   -11.914 13.289  1.00 39.11  ? 40  HOH A O   1 
HETATM 1472 O  O   . HOH K 6 .   ? -13.351 8.221   -13.619 1.00 24.70  ? 41  HOH A O   1 
HETATM 1473 O  O   . HOH K 6 .   ? -16.508 3.840   -12.745 1.00 24.37  ? 42  HOH A O   1 
HETATM 1474 O  O   . HOH K 6 .   ? -11.845 5.815   -16.805 1.00 35.18  ? 43  HOH A O   1 
HETATM 1475 O  O   . HOH K 6 .   ? 9.273   0.259   -16.764 1.00 39.17  ? 44  HOH A O   1 
HETATM 1476 O  O   . HOH K 6 .   ? 10.624  1.545   -18.289 1.00 32.75  ? 45  HOH A O   1 
HETATM 1477 O  O   . HOH K 6 .   ? -1.067  0.909   -11.271 1.00 26.15  ? 46  HOH A O   1 
HETATM 1478 O  O   . HOH K 6 .   ? -12.016 14.070  0.287   1.00 29.93  ? 47  HOH A O   1 
HETATM 1479 O  O   . HOH K 6 .   ? -1.971  15.787  -6.212  1.00 24.51  ? 48  HOH A O   1 
HETATM 1480 O  O   . HOH K 6 .   ? -0.494  -14.888 13.459  1.00 39.07  ? 49  HOH A O   1 
HETATM 1481 O  O   . HOH K 6 .   ? -11.575 2.863   -15.353 1.00 45.35  ? 50  HOH A O   1 
HETATM 1482 O  O   . HOH K 6 .   ? 10.714  13.281  3.775   1.00 38.02  ? 51  HOH A O   1 
HETATM 1483 O  O   . HOH K 6 .   ? -6.611  -8.819  12.508  1.00 34.57  ? 52  HOH A O   1 
HETATM 1484 O  O   . HOH K 6 .   ? 12.128  -8.376  11.774  1.00 30.56  ? 53  HOH A O   1 
HETATM 1485 O  O   . HOH K 6 .   ? -14.833 10.632  10.898  1.00 32.98  ? 54  HOH A O   1 
HETATM 1486 O  O   . HOH K 6 .   ? 9.342   -1.471  -18.816 1.00 43.07  ? 55  HOH A O   1 
HETATM 1487 O  O   . HOH K 6 .   ? -11.101 -6.411  -4.577  1.00 28.29  ? 56  HOH A O   1 
HETATM 1488 O  O   . HOH K 6 .   ? 2.913   -0.598  -20.955 1.00 40.00  ? 57  HOH A O   1 
HETATM 1489 O  O   . HOH K 6 .   ? 12.477  2.001   -0.312  1.00 21.14  ? 58  HOH A O   1 
HETATM 1490 O  O   . HOH K 6 .   ? 10.645  -10.225 11.230  1.00 34.82  ? 59  HOH A O   1 
HETATM 1491 O  O   . HOH K 6 .   ? 13.565  16.017  -8.460  1.00 32.03  ? 60  HOH A O   1 
HETATM 1492 O  O   . HOH K 6 .   ? -13.395 0.253   -11.460 1.00 44.91  ? 61  HOH A O   1 
HETATM 1493 O  O   . HOH K 6 .   ? 14.576  -13.800 -4.304  1.00 42.14  ? 62  HOH A O   1 
HETATM 1494 O  O   . HOH K 6 .   ? -7.577  7.085   9.879   1.00 23.62  ? 63  HOH A O   1 
HETATM 1495 O  O   . HOH K 6 .   ? -16.363 8.403   -2.168  1.00 27.91  ? 64  HOH A O   1 
HETATM 1496 O  O   . HOH K 6 .   ? 3.109   14.248  -13.533 1.00 41.53  ? 65  HOH A O   1 
HETATM 1497 O  O   . HOH K 6 .   ? 8.372   -16.067 -4.628  1.00 42.94  ? 66  HOH A O   1 
HETATM 1498 O  O   . HOH K 6 .   ? 7.866   10.009  -12.334 1.00 34.87  ? 67  HOH A O   1 
HETATM 1499 O  O   . HOH K 6 .   ? -13.485 -5.921  12.343  1.00 51.33  ? 68  HOH A O   1 
HETATM 1500 O  O   . HOH K 6 .   ? -13.013 -1.173  11.349  1.00 34.88  ? 69  HOH A O   1 
HETATM 1501 O  O   . HOH K 6 .   ? -8.617  6.175   11.962  1.00 42.59  ? 70  HOH A O   1 
HETATM 1502 O  O   . HOH K 6 .   ? 5.342   -12.623 -9.589  1.00 44.04  ? 71  HOH A O   1 
HETATM 1503 O  O   . HOH K 6 .   ? -10.095 -14.812 3.769   1.00 39.67  ? 72  HOH A O   1 
HETATM 1504 O  O   . HOH K 6 .   ? -1.459  -19.354 1.554   1.00 35.72  ? 73  HOH A O   1 
HETATM 1505 O  O   . HOH K 6 .   ? -5.534  0.602   -12.777 1.00 33.95  ? 74  HOH A O   1 
HETATM 1506 O  O   . HOH K 6 .   ? -13.436 9.699   -1.403  1.00 41.77  ? 75  HOH A O   1 
HETATM 1507 O  O   . HOH K 6 .   ? -4.818  -8.333  -7.174  1.00 44.58  ? 76  HOH A O   1 
HETATM 1508 O  O   . HOH K 6 .   ? 1.045   -5.109  -13.598 1.00 32.05  ? 77  HOH A O   1 
HETATM 1509 O  O   . HOH K 6 .   ? 1.104   -2.371  -21.129 1.00 45.81  ? 78  HOH A O   1 
HETATM 1510 O  O   . HOH K 6 .   ? 0.083   -2.553  -18.794 1.00 53.60  ? 79  HOH A O   1 
HETATM 1511 O  O   . HOH K 6 .   ? -2.053  5.127   -17.392 1.00 32.27  ? 80  HOH A O   1 
HETATM 1512 O  O   . HOH K 6 .   ? -6.507  6.837   -16.364 1.00 28.68  ? 81  HOH A O   1 
HETATM 1513 O  O   . HOH K 6 .   ? -9.629  -11.870 3.216   1.00 30.24  ? 82  HOH A O   1 
HETATM 1514 O  O   . HOH K 6 .   ? -10.191 -13.159 0.798   1.00 29.39  ? 83  HOH A O   1 
HETATM 1515 O  O   . HOH K 6 .   ? -8.399  -14.517 2.048   1.00 43.35  ? 84  HOH A O   1 
HETATM 1516 O  O   . HOH K 6 .   ? -10.186 -21.030 7.486   1.00 50.67  ? 85  HOH A O   1 
HETATM 1517 O  O   . HOH K 6 .   ? -12.664 -14.841 2.332   1.00 47.70  ? 86  HOH A O   1 
HETATM 1518 O  O   . HOH K 6 .   ? 2.784   -6.973  18.887  1.00 45.58  ? 87  HOH A O   1 
HETATM 1519 O  O   . HOH K 6 .   ? 3.961   -6.195  21.010  1.00 43.11  ? 88  HOH A O   1 
HETATM 1520 O  O   . HOH K 6 .   ? 2.944   -11.834 15.056  1.00 38.69  ? 89  HOH A O   1 
HETATM 1521 O  O   . HOH K 6 .   ? 3.109   -18.655 -0.669  1.00 48.22  ? 90  HOH A O   1 
HETATM 1522 O  O   . HOH K 6 .   ? 8.479   -16.696 -8.724  1.00 46.45  ? 91  HOH A O   1 
HETATM 1523 O  O   . HOH K 6 .   ? -3.563  -13.954 -17.604 1.00 71.53  ? 92  HOH A O   1 
HETATM 1524 O  O   . HOH K 6 .   ? 1.847   -5.197  -19.503 1.00 58.03  ? 93  HOH A O   1 
HETATM 1525 O  O   . HOH K 6 .   ? 6.649   -14.346 -7.198  1.00 44.85  ? 94  HOH A O   1 
HETATM 1526 O  O   . HOH K 6 .   ? 0.380   -3.671  17.681  1.00 48.65  ? 95  HOH A O   1 
HETATM 1527 O  O   . HOH K 6 .   ? 12.996  4.830   -8.146  1.00 37.48  ? 96  HOH A O   1 
HETATM 1528 O  O   . HOH K 6 .   ? 4.814   -5.665  12.716  1.00 46.09  ? 97  HOH A O   1 
HETATM 1529 O  O   . HOH K 6 .   ? 9.650   -6.079  18.653  1.00 40.92  ? 98  HOH A O   1 
HETATM 1530 O  O   . HOH K 6 .   ? -12.737 14.048  5.995   1.00 35.62  ? 99  HOH A O   1 
HETATM 1531 O  O   . HOH K 6 .   ? 12.126  8.584   -12.160 1.00 38.06  ? 100 HOH A O   1 
HETATM 1532 O  O   . HOH K 6 .   ? 13.340  3.792   -10.971 1.00 44.09  ? 101 HOH A O   1 
HETATM 1533 O  O   . HOH K 6 .   ? -5.197  -21.227 3.072   1.00 46.37  ? 102 HOH A O   1 
HETATM 1534 O  O   . HOH K 6 .   ? -6.315  -18.902 -0.317  1.00 49.75  ? 103 HOH A O   1 
HETATM 1535 O  O   . HOH K 6 .   ? 11.753  -7.271  -5.543  1.00 21.35  ? 274 HOH A O   1 
HETATM 1536 O  O   . HOH K 6 .   ? 6.776   4.171   4.200   1.00 22.21  ? 275 HOH A O   1 
HETATM 1537 O  O   . HOH K 6 .   ? 4.394   -17.322 8.072   1.00 22.88  ? 276 HOH A O   1 
HETATM 1538 O  O   . HOH K 6 .   ? 6.717   6.917   7.508   1.00 32.71  ? 277 HOH A O   1 
HETATM 1539 O  O   . HOH K 6 .   ? -4.443  16.130  -6.470  1.00 39.62  ? 278 HOH A O   1 
# 
loop_
_pdbx_poly_seq_scheme.asym_id 
_pdbx_poly_seq_scheme.entity_id 
_pdbx_poly_seq_scheme.seq_id 
_pdbx_poly_seq_scheme.mon_id 
_pdbx_poly_seq_scheme.ndb_seq_num 
_pdbx_poly_seq_scheme.pdb_seq_num 
_pdbx_poly_seq_scheme.auth_seq_num 
_pdbx_poly_seq_scheme.pdb_mon_id 
_pdbx_poly_seq_scheme.auth_mon_id 
_pdbx_poly_seq_scheme.pdb_strand_id 
_pdbx_poly_seq_scheme.pdb_ins_code 
_pdbx_poly_seq_scheme.hetero 
A 1 1   TYR 1   104 104 TYR TYR A . n 
A 1 2   ASN 2   105 105 ASN ASN A . n 
A 1 3   VAL 3   106 106 VAL VAL A . n 
A 1 4   PHE 4   107 107 PHE PHE A . n 
A 1 5   PRO 5   108 108 PRO PRO A . n 
A 1 6   ARG 6   109 109 ARG ARG A . n 
A 1 7   THR 7   110 110 THR THR A . n 
A 1 8   LEU 8   111 111 LEU LEU A . n 
A 1 9   LYS 9   112 112 LYS LYS A . n 
A 1 10  TRP 10  113 113 TRP TRP A . n 
A 1 11  SER 11  114 114 SER SER A . n 
A 1 12  LYS 12  115 115 LYS LYS A . n 
A 1 13  MET 13  116 116 MET MET A . n 
A 1 14  ASN 14  117 117 ASN ASN A . n 
A 1 15  LEU 15  118 118 LEU LEU A . n 
A 1 16  THR 16  119 119 THR THR A . n 
A 1 17  TYR 17  120 120 TYR TYR A . n 
A 1 18  ARG 18  121 121 ARG ARG A . n 
A 1 19  ILE 19  122 122 ILE ILE A . n 
A 1 20  VAL 20  123 123 VAL VAL A . n 
A 1 21  ASN 21  124 124 ASN ASN A . n 
A 1 22  TYR 22  125 125 TYR TYR A . n 
A 1 23  THR 23  126 126 THR THR A . n 
A 1 24  PRO 24  127 127 PRO PRO A . n 
A 1 25  ASP 25  128 128 ASP ASP A . n 
A 1 26  MET 26  129 129 MET MET A . n 
A 1 27  THR 27  130 130 THR THR A . n 
A 1 28  HIS 28  131 131 HIS HIS A . n 
A 1 29  SER 29  132 132 SER SER A . n 
A 1 30  GLU 30  133 133 GLU GLU A . n 
A 1 31  VAL 31  134 134 VAL VAL A . n 
A 1 32  GLU 32  135 135 GLU GLU A . n 
A 1 33  LYS 33  136 136 LYS LYS A . n 
A 1 34  ALA 34  137 137 ALA ALA A . n 
A 1 35  PHE 35  138 138 PHE PHE A . n 
A 1 36  LYS 36  139 139 LYS LYS A . n 
A 1 37  LYS 37  140 140 LYS LYS A . n 
A 1 38  ALA 38  141 141 ALA ALA A . n 
A 1 39  PHE 39  142 142 PHE PHE A . n 
A 1 40  LYS 40  143 143 LYS LYS A . n 
A 1 41  VAL 41  144 144 VAL VAL A . n 
A 1 42  TRP 42  145 145 TRP TRP A . n 
A 1 43  SER 43  146 146 SER SER A . n 
A 1 44  ASP 44  147 147 ASP ASP A . n 
A 1 45  VAL 45  148 148 VAL VAL A . n 
A 1 46  THR 46  149 149 THR THR A . n 
A 1 47  PRO 47  150 150 PRO PRO A . n 
A 1 48  LEU 48  151 151 LEU LEU A . n 
A 1 49  ASN 49  152 152 ASN ASN A . n 
A 1 50  PHE 50  153 153 PHE PHE A . n 
A 1 51  THR 51  154 154 THR THR A . n 
A 1 52  ARG 52  155 155 ARG ARG A . n 
A 1 53  LEU 53  156 156 LEU LEU A . n 
A 1 54  HIS 54  157 157 HIS HIS A . n 
A 1 55  ASP 55  158 158 ASP ASP A . n 
A 1 56  GLY 56  159 159 GLY GLY A . n 
A 1 57  ILE 57  160 160 ILE ILE A . n 
A 1 58  ALA 58  161 161 ALA ALA A . n 
A 1 59  ASP 59  162 162 ASP ASP A . n 
A 1 60  ILE 60  163 163 ILE ILE A . n 
A 1 61  MET 61  164 164 MET MET A . n 
A 1 62  ILE 62  165 165 ILE ILE A . n 
A 1 63  SER 63  166 166 SER SER A . n 
A 1 64  PHE 64  167 167 PHE PHE A . n 
A 1 65  GLY 65  168 168 GLY GLY A . n 
A 1 66  ILE 66  169 169 ILE ILE A . n 
A 1 67  LYS 67  170 170 LYS LYS A . n 
A 1 68  GLU 68  171 171 GLU GLU A . n 
A 1 69  HIS 69  172 172 HIS HIS A . n 
A 1 70  GLY 70  173 173 GLY GLY A . n 
A 1 71  ASP 71  174 174 ASP ASP A . n 
A 1 72  PHE 72  175 175 PHE PHE A . n 
A 1 73  TYR 73  176 176 TYR TYR A . n 
A 1 74  PRO 74  177 177 PRO PRO A . n 
A 1 75  PHE 75  178 178 PHE PHE A . n 
A 1 76  ASP 76  179 179 ASP ASP A . n 
A 1 77  GLY 77  180 180 GLY GLY A . n 
A 1 78  PRO 78  181 181 PRO PRO A . n 
A 1 79  SER 79  182 182 SER SER A . n 
A 1 80  GLY 80  183 183 GLY GLY A . n 
A 1 81  LEU 81  184 184 LEU LEU A . n 
A 1 82  LEU 82  185 185 LEU LEU A . n 
A 1 83  ALA 83  186 186 ALA ALA A . n 
A 1 84  HIS 84  187 187 HIS HIS A . n 
A 1 85  ALA 85  188 188 ALA ALA A . n 
A 1 86  PHE 86  189 189 PHE PHE A . n 
A 1 87  PRO 87  190 190 PRO PRO A . n 
A 1 88  PRO 88  191 191 PRO PRO A . n 
A 1 89  GLY 89  192 192 GLY GLY A . n 
A 1 90  PRO 90  193 193 PRO PRO A . n 
A 1 91  ASN 91  194 194 ASN ASN A . n 
A 1 92  TYR 92  195 195 TYR TYR A . n 
A 1 93  GLY 93  196 196 GLY GLY A . n 
A 1 94  GLY 94  197 197 GLY GLY A . n 
A 1 95  ASP 95  198 198 ASP ASP A . n 
A 1 96  ALA 96  199 199 ALA ALA A . n 
A 1 97  HIS 97  200 200 HIS HIS A . n 
A 1 98  PHE 98  201 201 PHE PHE A . n 
A 1 99  ASP 99  202 202 ASP ASP A . n 
A 1 100 ASP 100 203 203 ASP ASP A . n 
A 1 101 ASP 101 204 204 ASP ASP A . n 
A 1 102 GLU 102 205 205 GLU GLU A . n 
A 1 103 THR 103 206 206 THR THR A . n 
A 1 104 TRP 104 207 207 TRP TRP A . n 
A 1 105 THR 105 208 208 THR THR A . n 
A 1 106 SER 106 209 209 SER SER A . n 
A 1 107 SER 107 210 210 SER SER A . n 
A 1 108 SER 108 211 211 SER SER A . n 
A 1 109 LYS 109 212 212 LYS LYS A . n 
A 1 110 GLY 110 213 213 GLY GLY A . n 
A 1 111 TYR 111 214 214 TYR TYR A . n 
A 1 112 ASN 112 215 215 ASN ASN A . n 
A 1 113 LEU 113 216 216 LEU LEU A . n 
A 1 114 PHE 114 217 217 PHE PHE A . n 
A 1 115 LEU 115 218 218 LEU LEU A . n 
A 1 116 VAL 116 219 219 VAL VAL A . n 
A 1 117 ALA 117 220 220 ALA ALA A . n 
A 1 118 ALA 118 221 221 ALA ALA A . n 
A 1 119 HIS 119 222 222 HIS HIS A . n 
A 1 120 GLU 120 223 223 GLU GLU A . n 
A 1 121 PHE 121 224 224 PHE PHE A . n 
A 1 122 GLY 122 225 225 GLY GLY A . n 
A 1 123 HIS 123 226 226 HIS HIS A . n 
A 1 124 SER 124 227 227 SER SER A . n 
A 1 125 LEU 125 228 228 LEU LEU A . n 
A 1 126 GLY 126 229 229 GLY GLY A . n 
A 1 127 LEU 127 230 230 LEU LEU A . n 
A 1 128 ASP 128 231 231 ASP ASP A . n 
A 1 129 HIS 129 232 232 HIS HIS A . n 
A 1 130 SER 130 233 233 SER SER A . n 
A 1 131 LYS 131 234 234 LYS LYS A . n 
A 1 132 ASP 132 235 235 ASP ASP A . n 
A 1 133 PRO 133 236 236 PRO PRO A . n 
A 1 134 GLY 134 237 237 GLY GLY A . n 
A 1 135 ALA 135 238 238 ALA ALA A . n 
A 1 136 LEU 136 239 239 LEU LEU A . n 
A 1 137 MET 137 240 240 MET MET A . n 
A 1 138 PHE 138 241 241 PHE PHE A . n 
A 1 139 PRO 139 242 242 PRO PRO A . n 
A 1 140 ILE 140 243 243 ILE ILE A . n 
A 1 141 TYR 141 244 244 TYR TYR A . n 
A 1 142 THR 142 245 245 THR THR A . n 
A 1 143 TYR 143 246 246 TYR TYR A . n 
A 1 144 THR 144 247 247 THR THR A . n 
A 1 145 GLY 145 248 248 GLY GLY A . n 
A 1 146 LYS 146 249 249 LYS LYS A . n 
A 1 147 SER 147 250 250 SER SER A . n 
A 1 148 HIS 148 251 251 HIS HIS A . n 
A 1 149 PHE 149 252 252 PHE PHE A . n 
A 1 150 MET 150 253 253 MET MET A . n 
A 1 151 LEU 151 254 254 LEU LEU A . n 
A 1 152 PRO 152 255 255 PRO PRO A . n 
A 1 153 ASP 153 256 256 ASP ASP A . n 
A 1 154 ASP 154 257 257 ASP ASP A . n 
A 1 155 ASP 155 258 258 ASP ASP A . n 
A 1 156 VAL 156 259 259 VAL VAL A . n 
A 1 157 GLN 157 260 260 GLN GLN A . n 
A 1 158 GLY 158 261 261 GLY GLY A . n 
A 1 159 ILE 159 262 262 ILE ILE A . n 
A 1 160 GLN 160 263 263 GLN GLN A . n 
A 1 161 SER 161 264 264 SER SER A . n 
A 1 162 LEU 162 265 265 LEU LEU A . n 
A 1 163 TYR 163 266 266 TYR TYR A . n 
A 1 164 GLY 164 267 267 GLY GLY A . n 
A 1 165 PRO 165 268 268 PRO PRO A . n 
A 1 166 GLY 166 269 269 GLY GLY A . n 
A 1 167 ASP 167 270 270 ASP ASP A . n 
A 1 168 GLU 168 271 271 GLU GLU A . n 
A 1 169 ASP 169 272 272 ASP ASP A . n 
# 
loop_
_pdbx_nonpoly_scheme.asym_id 
_pdbx_nonpoly_scheme.entity_id 
_pdbx_nonpoly_scheme.mon_id 
_pdbx_nonpoly_scheme.ndb_seq_num 
_pdbx_nonpoly_scheme.pdb_seq_num 
_pdbx_nonpoly_scheme.auth_seq_num 
_pdbx_nonpoly_scheme.pdb_mon_id 
_pdbx_nonpoly_scheme.auth_mon_id 
_pdbx_nonpoly_scheme.pdb_strand_id 
_pdbx_nonpoly_scheme.pdb_ins_code 
B 2 ZN  1   501 501 ZN  ZN  A . 
C 2 ZN  1   502 502 ZN  ZN  A . 
D 3 CA  1   503 503 CA  CA  A . 
E 3 CA  1   504 504 CA  CA  A . 
F 3 CA  1   505 505 CA  CA  A . 
G 4 E3P 1   1   1   E3P E3P A . 
H 5 PEG 1   273 1   PEG PEG A . 
I 5 PEG 1   2   2   PEG PEG A . 
J 5 PEG 1   3   3   PEG PEG A . 
K 6 HOH 1   4   4   HOH HOH A . 
K 6 HOH 2   5   5   HOH HOH A . 
K 6 HOH 3   6   6   HOH HOH A . 
K 6 HOH 4   7   7   HOH HOH A . 
K 6 HOH 5   8   8   HOH HOH A . 
K 6 HOH 6   9   9   HOH HOH A . 
K 6 HOH 7   10  10  HOH HOH A . 
K 6 HOH 8   11  11  HOH HOH A . 
K 6 HOH 9   12  12  HOH HOH A . 
K 6 HOH 10  13  13  HOH HOH A . 
K 6 HOH 11  14  14  HOH HOH A . 
K 6 HOH 12  15  15  HOH HOH A . 
K 6 HOH 13  16  16  HOH HOH A . 
K 6 HOH 14  17  17  HOH HOH A . 
K 6 HOH 15  18  18  HOH HOH A . 
K 6 HOH 16  19  19  HOH HOH A . 
K 6 HOH 17  20  20  HOH HOH A . 
K 6 HOH 18  21  21  HOH HOH A . 
K 6 HOH 19  22  22  HOH HOH A . 
K 6 HOH 20  23  23  HOH HOH A . 
K 6 HOH 21  24  24  HOH HOH A . 
K 6 HOH 22  25  25  HOH HOH A . 
K 6 HOH 23  26  26  HOH HOH A . 
K 6 HOH 24  27  27  HOH HOH A . 
K 6 HOH 25  28  28  HOH HOH A . 
K 6 HOH 26  29  29  HOH HOH A . 
K 6 HOH 27  30  30  HOH HOH A . 
K 6 HOH 28  31  31  HOH HOH A . 
K 6 HOH 29  32  32  HOH HOH A . 
K 6 HOH 30  33  33  HOH HOH A . 
K 6 HOH 31  34  34  HOH HOH A . 
K 6 HOH 32  35  35  HOH HOH A . 
K 6 HOH 33  36  36  HOH HOH A . 
K 6 HOH 34  37  37  HOH HOH A . 
K 6 HOH 35  38  38  HOH HOH A . 
K 6 HOH 36  39  39  HOH HOH A . 
K 6 HOH 37  40  40  HOH HOH A . 
K 6 HOH 38  41  41  HOH HOH A . 
K 6 HOH 39  42  42  HOH HOH A . 
K 6 HOH 40  43  43  HOH HOH A . 
K 6 HOH 41  44  44  HOH HOH A . 
K 6 HOH 42  45  45  HOH HOH A . 
K 6 HOH 43  46  46  HOH HOH A . 
K 6 HOH 44  47  47  HOH HOH A . 
K 6 HOH 45  48  48  HOH HOH A . 
K 6 HOH 46  49  49  HOH HOH A . 
K 6 HOH 47  50  50  HOH HOH A . 
K 6 HOH 48  51  51  HOH HOH A . 
K 6 HOH 49  52  52  HOH HOH A . 
K 6 HOH 50  53  53  HOH HOH A . 
K 6 HOH 51  54  54  HOH HOH A . 
K 6 HOH 52  55  55  HOH HOH A . 
K 6 HOH 53  56  56  HOH HOH A . 
K 6 HOH 54  57  57  HOH HOH A . 
K 6 HOH 55  58  58  HOH HOH A . 
K 6 HOH 56  59  59  HOH HOH A . 
K 6 HOH 57  60  60  HOH HOH A . 
K 6 HOH 58  61  61  HOH HOH A . 
K 6 HOH 59  62  62  HOH HOH A . 
K 6 HOH 60  63  63  HOH HOH A . 
K 6 HOH 61  64  64  HOH HOH A . 
K 6 HOH 62  65  65  HOH HOH A . 
K 6 HOH 63  66  66  HOH HOH A . 
K 6 HOH 64  67  67  HOH HOH A . 
K 6 HOH 65  68  68  HOH HOH A . 
K 6 HOH 66  69  69  HOH HOH A . 
K 6 HOH 67  70  70  HOH HOH A . 
K 6 HOH 68  71  71  HOH HOH A . 
K 6 HOH 69  72  72  HOH HOH A . 
K 6 HOH 70  73  73  HOH HOH A . 
K 6 HOH 71  74  74  HOH HOH A . 
K 6 HOH 72  75  75  HOH HOH A . 
K 6 HOH 73  76  76  HOH HOH A . 
K 6 HOH 74  77  77  HOH HOH A . 
K 6 HOH 75  78  78  HOH HOH A . 
K 6 HOH 76  79  79  HOH HOH A . 
K 6 HOH 77  80  80  HOH HOH A . 
K 6 HOH 78  81  81  HOH HOH A . 
K 6 HOH 79  82  82  HOH HOH A . 
K 6 HOH 80  83  83  HOH HOH A . 
K 6 HOH 81  84  84  HOH HOH A . 
K 6 HOH 82  85  85  HOH HOH A . 
K 6 HOH 83  86  86  HOH HOH A . 
K 6 HOH 84  87  87  HOH HOH A . 
K 6 HOH 85  88  88  HOH HOH A . 
K 6 HOH 86  89  89  HOH HOH A . 
K 6 HOH 87  90  90  HOH HOH A . 
K 6 HOH 88  91  91  HOH HOH A . 
K 6 HOH 89  92  92  HOH HOH A . 
K 6 HOH 90  93  93  HOH HOH A . 
K 6 HOH 91  94  94  HOH HOH A . 
K 6 HOH 92  95  95  HOH HOH A . 
K 6 HOH 93  96  96  HOH HOH A . 
K 6 HOH 94  97  97  HOH HOH A . 
K 6 HOH 95  98  98  HOH HOH A . 
K 6 HOH 96  99  99  HOH HOH A . 
K 6 HOH 97  100 100 HOH HOH A . 
K 6 HOH 98  101 101 HOH HOH A . 
K 6 HOH 99  102 102 HOH HOH A . 
K 6 HOH 100 103 103 HOH HOH A . 
K 6 HOH 101 274 1   HOH HOH A . 
K 6 HOH 102 275 2   HOH HOH A . 
K 6 HOH 103 276 3   HOH HOH A . 
K 6 HOH 104 277 104 HOH HOH A . 
K 6 HOH 105 278 105 HOH HOH A . 
# 
_pdbx_struct_assembly.id                   1 
_pdbx_struct_assembly.details              author_defined_assembly 
_pdbx_struct_assembly.method_details       ? 
_pdbx_struct_assembly.oligomeric_details   monomeric 
_pdbx_struct_assembly.oligomeric_count     1 
# 
_pdbx_struct_assembly_gen.assembly_id       1 
_pdbx_struct_assembly_gen.oper_expression   1 
_pdbx_struct_assembly_gen.asym_id_list      A,B,C,D,E,F,G,H,I,J,K 
# 
_pdbx_struct_oper_list.id                   1 
_pdbx_struct_oper_list.type                 'identity operation' 
_pdbx_struct_oper_list.name                 1_555 
_pdbx_struct_oper_list.symmetry_operation   x,y,z 
_pdbx_struct_oper_list.matrix[1][1]         1.0000000000 
_pdbx_struct_oper_list.matrix[1][2]         0.0000000000 
_pdbx_struct_oper_list.matrix[1][3]         0.0000000000 
_pdbx_struct_oper_list.vector[1]            0.0000000000 
_pdbx_struct_oper_list.matrix[2][1]         0.0000000000 
_pdbx_struct_oper_list.matrix[2][2]         1.0000000000 
_pdbx_struct_oper_list.matrix[2][3]         0.0000000000 
_pdbx_struct_oper_list.vector[2]            0.0000000000 
_pdbx_struct_oper_list.matrix[3][1]         0.0000000000 
_pdbx_struct_oper_list.matrix[3][2]         0.0000000000 
_pdbx_struct_oper_list.matrix[3][3]         1.0000000000 
_pdbx_struct_oper_list.vector[3]            0.0000000000 
# 
loop_
_pdbx_struct_conn_angle.id 
_pdbx_struct_conn_angle.ptnr1_label_atom_id 
_pdbx_struct_conn_angle.ptnr1_label_alt_id 
_pdbx_struct_conn_angle.ptnr1_label_asym_id 
_pdbx_struct_conn_angle.ptnr1_label_comp_id 
_pdbx_struct_conn_angle.ptnr1_label_seq_id 
_pdbx_struct_conn_angle.ptnr1_auth_atom_id 
_pdbx_struct_conn_angle.ptnr1_auth_asym_id 
_pdbx_struct_conn_angle.ptnr1_auth_comp_id 
_pdbx_struct_conn_angle.ptnr1_auth_seq_id 
_pdbx_struct_conn_angle.ptnr1_PDB_ins_code 
_pdbx_struct_conn_angle.ptnr1_symmetry 
_pdbx_struct_conn_angle.ptnr2_label_atom_id 
_pdbx_struct_conn_angle.ptnr2_label_alt_id 
_pdbx_struct_conn_angle.ptnr2_label_asym_id 
_pdbx_struct_conn_angle.ptnr2_label_comp_id 
_pdbx_struct_conn_angle.ptnr2_label_seq_id 
_pdbx_struct_conn_angle.ptnr2_auth_atom_id 
_pdbx_struct_conn_angle.ptnr2_auth_asym_id 
_pdbx_struct_conn_angle.ptnr2_auth_comp_id 
_pdbx_struct_conn_angle.ptnr2_auth_seq_id 
_pdbx_struct_conn_angle.ptnr2_PDB_ins_code 
_pdbx_struct_conn_angle.ptnr2_symmetry 
_pdbx_struct_conn_angle.ptnr3_label_atom_id 
_pdbx_struct_conn_angle.ptnr3_label_alt_id 
_pdbx_struct_conn_angle.ptnr3_label_asym_id 
_pdbx_struct_conn_angle.ptnr3_label_comp_id 
_pdbx_struct_conn_angle.ptnr3_label_seq_id 
_pdbx_struct_conn_angle.ptnr3_auth_atom_id 
_pdbx_struct_conn_angle.ptnr3_auth_asym_id 
_pdbx_struct_conn_angle.ptnr3_auth_comp_id 
_pdbx_struct_conn_angle.ptnr3_auth_seq_id 
_pdbx_struct_conn_angle.ptnr3_PDB_ins_code 
_pdbx_struct_conn_angle.ptnr3_symmetry 
_pdbx_struct_conn_angle.value 
_pdbx_struct_conn_angle.value_esd 
1  O7  ? G E3P .   ? A E3P 1   ? 1_555 ZN ? B ZN . ? A ZN 501 ? 1_555 O6  ? G E3P .   ? A E3P 1   ? 1_555 53.2  ? 
2  O7  ? G E3P .   ? A E3P 1   ? 1_555 ZN ? B ZN . ? A ZN 501 ? 1_555 NE2 ? A HIS 119 ? A HIS 222 ? 1_555 125.9 ? 
3  O6  ? G E3P .   ? A E3P 1   ? 1_555 ZN ? B ZN . ? A ZN 501 ? 1_555 NE2 ? A HIS 119 ? A HIS 222 ? 1_555 101.1 ? 
4  O7  ? G E3P .   ? A E3P 1   ? 1_555 ZN ? B ZN . ? A ZN 501 ? 1_555 NE2 ? A HIS 123 ? A HIS 226 ? 1_555 123.5 ? 
5  O6  ? G E3P .   ? A E3P 1   ? 1_555 ZN ? B ZN . ? A ZN 501 ? 1_555 NE2 ? A HIS 123 ? A HIS 226 ? 1_555 92.5  ? 
6  NE2 ? A HIS 119 ? A HIS 222 ? 1_555 ZN ? B ZN . ? A ZN 501 ? 1_555 NE2 ? A HIS 123 ? A HIS 226 ? 1_555 101.3 ? 
7  O7  ? G E3P .   ? A E3P 1   ? 1_555 ZN ? B ZN . ? A ZN 501 ? 1_555 NE2 ? A HIS 129 ? A HIS 232 ? 1_555 92.0  ? 
8  O6  ? G E3P .   ? A E3P 1   ? 1_555 ZN ? B ZN . ? A ZN 501 ? 1_555 NE2 ? A HIS 129 ? A HIS 232 ? 1_555 142.3 ? 
9  NE2 ? A HIS 119 ? A HIS 222 ? 1_555 ZN ? B ZN . ? A ZN 501 ? 1_555 NE2 ? A HIS 129 ? A HIS 232 ? 1_555 112.5 ? 
10 NE2 ? A HIS 123 ? A HIS 226 ? 1_555 ZN ? B ZN . ? A ZN 501 ? 1_555 NE2 ? A HIS 129 ? A HIS 232 ? 1_555 97.1  ? 
11 O   ? K HOH .   ? A HOH 14  ? 1_555 CA ? F CA . ? A CA 505 ? 1_555 O   ? K HOH .   ? A HOH 63  ? 1_555 97.2  ? 
12 O   ? K HOH .   ? A HOH 14  ? 1_555 CA ? F CA . ? A CA 505 ? 1_555 O   ? A ASP 59  ? A ASP 162 ? 1_555 87.3  ? 
13 O   ? K HOH .   ? A HOH 63  ? 1_555 CA ? F CA . ? A CA 505 ? 1_555 O   ? A ASP 59  ? A ASP 162 ? 1_555 84.8  ? 
14 O   ? K HOH .   ? A HOH 14  ? 1_555 CA ? F CA . ? A CA 505 ? 1_555 O   ? A ASN 91  ? A ASN 194 ? 1_555 94.1  ? 
15 O   ? K HOH .   ? A HOH 63  ? 1_555 CA ? F CA . ? A CA 505 ? 1_555 O   ? A ASN 91  ? A ASN 194 ? 1_555 74.4  ? 
16 O   ? A ASP 59  ? A ASP 162 ? 1_555 CA ? F CA . ? A CA 505 ? 1_555 O   ? A ASN 91  ? A ASN 194 ? 1_555 159.1 ? 
17 O   ? K HOH .   ? A HOH 14  ? 1_555 CA ? F CA . ? A CA 505 ? 1_555 O   ? A GLY 93  ? A GLY 196 ? 1_555 86.4  ? 
18 O   ? K HOH .   ? A HOH 63  ? 1_555 CA ? F CA . ? A CA 505 ? 1_555 O   ? A GLY 93  ? A GLY 196 ? 1_555 175.2 ? 
19 O   ? A ASP 59  ? A ASP 162 ? 1_555 CA ? F CA . ? A CA 505 ? 1_555 O   ? A GLY 93  ? A GLY 196 ? 1_555 92.2  ? 
20 O   ? A ASN 91  ? A ASN 194 ? 1_555 CA ? F CA . ? A CA 505 ? 1_555 O   ? A GLY 93  ? A GLY 196 ? 1_555 108.6 ? 
21 O   ? K HOH .   ? A HOH 14  ? 1_555 CA ? F CA . ? A CA 505 ? 1_555 OD1 ? A ASP 95  ? A ASP 198 ? 1_555 167.3 ? 
22 O   ? K HOH .   ? A HOH 63  ? 1_555 CA ? F CA . ? A CA 505 ? 1_555 OD1 ? A ASP 95  ? A ASP 198 ? 1_555 95.3  ? 
23 O   ? A ASP 59  ? A ASP 162 ? 1_555 CA ? F CA . ? A CA 505 ? 1_555 OD1 ? A ASP 95  ? A ASP 198 ? 1_555 91.3  ? 
24 O   ? A ASN 91  ? A ASN 194 ? 1_555 CA ? F CA . ? A CA 505 ? 1_555 OD1 ? A ASP 95  ? A ASP 198 ? 1_555 91.6  ? 
25 O   ? A GLY 93  ? A GLY 196 ? 1_555 CA ? F CA . ? A CA 505 ? 1_555 OD1 ? A ASP 95  ? A ASP 198 ? 1_555 81.0  ? 
26 O   ? K HOH .   ? A HOH 65  ? 1_555 CA ? D CA . ? A CA 503 ? 1_555 OD2 ? A ASP 25  ? A ASP 128 ? 1_555 86.9  ? 
27 O   ? K HOH .   ? A HOH 65  ? 1_555 CA ? D CA . ? A CA 503 ? 1_555 OD1 ? A ASP 25  ? A ASP 128 ? 1_555 77.0  ? 
28 OD2 ? A ASP 25  ? A ASP 128 ? 1_555 CA ? D CA . ? A CA 503 ? 1_555 OD1 ? A ASP 25  ? A ASP 128 ? 1_555 45.2  ? 
29 O   ? K HOH .   ? A HOH 65  ? 1_555 CA ? D CA . ? A CA 503 ? 1_555 O   ? A ASP 100 ? A ASP 203 ? 1_555 104.1 ? 
30 OD2 ? A ASP 25  ? A ASP 128 ? 1_555 CA ? D CA . ? A CA 503 ? 1_555 O   ? A ASP 100 ? A ASP 203 ? 1_555 145.6 ? 
31 OD1 ? A ASP 25  ? A ASP 128 ? 1_555 CA ? D CA . ? A CA 503 ? 1_555 O   ? A ASP 100 ? A ASP 203 ? 1_555 168.7 ? 
32 O   ? K HOH .   ? A HOH 65  ? 1_555 CA ? D CA . ? A CA 503 ? 1_555 OD1 ? A ASP 100 ? A ASP 203 ? 1_555 171.8 ? 
33 OD2 ? A ASP 25  ? A ASP 128 ? 1_555 CA ? D CA . ? A CA 503 ? 1_555 OD1 ? A ASP 100 ? A ASP 203 ? 1_555 99.5  ? 
34 OD1 ? A ASP 25  ? A ASP 128 ? 1_555 CA ? D CA . ? A CA 503 ? 1_555 OD1 ? A ASP 100 ? A ASP 203 ? 1_555 111.1 ? 
35 O   ? A ASP 100 ? A ASP 203 ? 1_555 CA ? D CA . ? A CA 503 ? 1_555 OD1 ? A ASP 100 ? A ASP 203 ? 1_555 67.8  ? 
36 O   ? K HOH .   ? A HOH 65  ? 1_555 CA ? D CA . ? A CA 503 ? 1_555 O   ? A GLU 102 ? A GLU 205 ? 1_555 85.1  ? 
37 OD2 ? A ASP 25  ? A ASP 128 ? 1_555 CA ? D CA . ? A CA 503 ? 1_555 O   ? A GLU 102 ? A GLU 205 ? 1_555 71.7  ? 
38 OD1 ? A ASP 25  ? A ASP 128 ? 1_555 CA ? D CA . ? A CA 503 ? 1_555 O   ? A GLU 102 ? A GLU 205 ? 1_555 114.4 ? 
39 O   ? A ASP 100 ? A ASP 203 ? 1_555 CA ? D CA . ? A CA 503 ? 1_555 O   ? A GLU 102 ? A GLU 205 ? 1_555 76.8  ? 
40 OD1 ? A ASP 100 ? A ASP 203 ? 1_555 CA ? D CA . ? A CA 503 ? 1_555 O   ? A GLU 102 ? A GLU 205 ? 1_555 92.0  ? 
41 NE2 ? A HIS 69  ? A HIS 172 ? 1_555 ZN ? C ZN . ? A ZN 502 ? 1_555 OD2 ? A ASP 71  ? A ASP 174 ? 1_555 118.8 ? 
42 NE2 ? A HIS 69  ? A HIS 172 ? 1_555 ZN ? C ZN . ? A ZN 502 ? 1_555 NE2 ? A HIS 84  ? A HIS 187 ? 1_555 121.2 ? 
43 OD2 ? A ASP 71  ? A ASP 174 ? 1_555 ZN ? C ZN . ? A ZN 502 ? 1_555 NE2 ? A HIS 84  ? A HIS 187 ? 1_555 97.6  ? 
44 NE2 ? A HIS 69  ? A HIS 172 ? 1_555 ZN ? C ZN . ? A ZN 502 ? 1_555 ND1 ? A HIS 97  ? A HIS 200 ? 1_555 108.4 ? 
45 OD2 ? A ASP 71  ? A ASP 174 ? 1_555 ZN ? C ZN . ? A ZN 502 ? 1_555 ND1 ? A HIS 97  ? A HIS 200 ? 1_555 100.0 ? 
46 NE2 ? A HIS 84  ? A HIS 187 ? 1_555 ZN ? C ZN . ? A ZN 502 ? 1_555 ND1 ? A HIS 97  ? A HIS 200 ? 1_555 108.5 ? 
47 OD1 ? A ASP 76  ? A ASP 179 ? 1_555 CA ? E CA . ? A CA 504 ? 1_555 O   ? A GLY 77  ? A GLY 180 ? 1_555 80.4  ? 
48 OD1 ? A ASP 76  ? A ASP 179 ? 1_555 CA ? E CA . ? A CA 504 ? 1_555 O   ? A SER 79  ? A SER 182 ? 1_555 85.0  ? 
49 O   ? A GLY 77  ? A GLY 180 ? 1_555 CA ? E CA . ? A CA 504 ? 1_555 O   ? A SER 79  ? A SER 182 ? 1_555 79.1  ? 
50 OD1 ? A ASP 76  ? A ASP 179 ? 1_555 CA ? E CA . ? A CA 504 ? 1_555 O   ? A LEU 81  ? A LEU 184 ? 1_555 101.0 ? 
51 O   ? A GLY 77  ? A GLY 180 ? 1_555 CA ? E CA . ? A CA 504 ? 1_555 O   ? A LEU 81  ? A LEU 184 ? 1_555 172.1 ? 
52 O   ? A SER 79  ? A SER 182 ? 1_555 CA ? E CA . ? A CA 504 ? 1_555 O   ? A LEU 81  ? A LEU 184 ? 1_555 93.3  ? 
53 OD1 ? A ASP 76  ? A ASP 179 ? 1_555 CA ? E CA . ? A CA 504 ? 1_555 OD2 ? A ASP 99  ? A ASP 202 ? 1_555 100.3 ? 
54 O   ? A GLY 77  ? A GLY 180 ? 1_555 CA ? E CA . ? A CA 504 ? 1_555 OD2 ? A ASP 99  ? A ASP 202 ? 1_555 89.6  ? 
55 O   ? A SER 79  ? A SER 182 ? 1_555 CA ? E CA . ? A CA 504 ? 1_555 OD2 ? A ASP 99  ? A ASP 202 ? 1_555 166.6 ? 
56 O   ? A LEU 81  ? A LEU 184 ? 1_555 CA ? E CA . ? A CA 504 ? 1_555 OD2 ? A ASP 99  ? A ASP 202 ? 1_555 97.7  ? 
57 OD1 ? A ASP 76  ? A ASP 179 ? 1_555 CA ? E CA . ? A CA 504 ? 1_555 OE2 ? A GLU 102 ? A GLU 205 ? 1_555 160.5 ? 
58 O   ? A GLY 77  ? A GLY 180 ? 1_555 CA ? E CA . ? A CA 504 ? 1_555 OE2 ? A GLU 102 ? A GLU 205 ? 1_555 90.1  ? 
59 O   ? A SER 79  ? A SER 182 ? 1_555 CA ? E CA . ? A CA 504 ? 1_555 OE2 ? A GLU 102 ? A GLU 205 ? 1_555 76.4  ? 
60 O   ? A LEU 81  ? A LEU 184 ? 1_555 CA ? E CA . ? A CA 504 ? 1_555 OE2 ? A GLU 102 ? A GLU 205 ? 1_555 86.1  ? 
61 OD2 ? A ASP 99  ? A ASP 202 ? 1_555 CA ? E CA . ? A CA 504 ? 1_555 OE2 ? A GLU 102 ? A GLU 205 ? 1_555 96.6  ? 
# 
loop_
_pdbx_audit_revision_history.ordinal 
_pdbx_audit_revision_history.data_content_type 
_pdbx_audit_revision_history.major_revision 
_pdbx_audit_revision_history.minor_revision 
_pdbx_audit_revision_history.revision_date 
1 'Structure model' 1 0 2012-06-20 
2 'Structure model' 1 1 2012-10-17 
3 'Structure model' 1 2 2023-09-13 
# 
_pdbx_audit_revision_details.ordinal             1 
_pdbx_audit_revision_details.revision_ordinal    1 
_pdbx_audit_revision_details.data_content_type   'Structure model' 
_pdbx_audit_revision_details.provider            repository 
_pdbx_audit_revision_details.type                'Initial release' 
_pdbx_audit_revision_details.description         ? 
_pdbx_audit_revision_details.details             ? 
# 
loop_
_pdbx_audit_revision_group.ordinal 
_pdbx_audit_revision_group.revision_ordinal 
_pdbx_audit_revision_group.data_content_type 
_pdbx_audit_revision_group.group 
1 2 'Structure model' 'Database references'    
2 3 'Structure model' 'Data collection'        
3 3 'Structure model' 'Database references'    
4 3 'Structure model' 'Derived calculations'   
5 3 'Structure model' 'Refinement description' 
# 
loop_
_pdbx_audit_revision_category.ordinal 
_pdbx_audit_revision_category.revision_ordinal 
_pdbx_audit_revision_category.data_content_type 
_pdbx_audit_revision_category.category 
1 3 'Structure model' chem_comp_atom                
2 3 'Structure model' chem_comp_bond                
3 3 'Structure model' database_2                    
4 3 'Structure model' pdbx_initial_refinement_model 
5 3 'Structure model' pdbx_struct_conn_angle        
6 3 'Structure model' struct_conn                   
7 3 'Structure model' struct_site                   
# 
loop_
_pdbx_audit_revision_item.ordinal 
_pdbx_audit_revision_item.revision_ordinal 
_pdbx_audit_revision_item.data_content_type 
_pdbx_audit_revision_item.item 
1  3 'Structure model' '_database_2.pdbx_DOI'                        
2  3 'Structure model' '_database_2.pdbx_database_accession'         
3  3 'Structure model' '_pdbx_struct_conn_angle.ptnr1_auth_comp_id'  
4  3 'Structure model' '_pdbx_struct_conn_angle.ptnr1_auth_seq_id'   
5  3 'Structure model' '_pdbx_struct_conn_angle.ptnr1_label_asym_id' 
6  3 'Structure model' '_pdbx_struct_conn_angle.ptnr1_label_atom_id' 
7  3 'Structure model' '_pdbx_struct_conn_angle.ptnr1_label_comp_id' 
8  3 'Structure model' '_pdbx_struct_conn_angle.ptnr1_label_seq_id'  
9  3 'Structure model' '_pdbx_struct_conn_angle.ptnr2_auth_comp_id'  
10 3 'Structure model' '_pdbx_struct_conn_angle.ptnr2_auth_seq_id'   
11 3 'Structure model' '_pdbx_struct_conn_angle.ptnr2_label_asym_id' 
12 3 'Structure model' '_pdbx_struct_conn_angle.ptnr2_label_atom_id' 
13 3 'Structure model' '_pdbx_struct_conn_angle.ptnr2_label_comp_id' 
14 3 'Structure model' '_pdbx_struct_conn_angle.ptnr3_auth_comp_id'  
15 3 'Structure model' '_pdbx_struct_conn_angle.ptnr3_auth_seq_id'   
16 3 'Structure model' '_pdbx_struct_conn_angle.ptnr3_label_asym_id' 
17 3 'Structure model' '_pdbx_struct_conn_angle.ptnr3_label_atom_id' 
18 3 'Structure model' '_pdbx_struct_conn_angle.ptnr3_label_comp_id' 
19 3 'Structure model' '_pdbx_struct_conn_angle.ptnr3_label_seq_id'  
20 3 'Structure model' '_pdbx_struct_conn_angle.value'               
21 3 'Structure model' '_struct_conn.pdbx_dist_value'                
22 3 'Structure model' '_struct_conn.ptnr1_auth_comp_id'             
23 3 'Structure model' '_struct_conn.ptnr1_auth_seq_id'              
24 3 'Structure model' '_struct_conn.ptnr1_label_asym_id'            
25 3 'Structure model' '_struct_conn.ptnr1_label_atom_id'            
26 3 'Structure model' '_struct_conn.ptnr1_label_comp_id'            
27 3 'Structure model' '_struct_conn.ptnr1_label_seq_id'             
28 3 'Structure model' '_struct_conn.ptnr2_auth_comp_id'             
29 3 'Structure model' '_struct_conn.ptnr2_auth_seq_id'              
30 3 'Structure model' '_struct_conn.ptnr2_label_asym_id'            
31 3 'Structure model' '_struct_conn.ptnr2_label_atom_id'            
32 3 'Structure model' '_struct_conn.ptnr2_label_comp_id'            
33 3 'Structure model' '_struct_site.pdbx_auth_asym_id'              
34 3 'Structure model' '_struct_site.pdbx_auth_comp_id'              
35 3 'Structure model' '_struct_site.pdbx_auth_seq_id'               
# 
loop_
_software.name 
_software.classification 
_software.version 
_software.citation_id 
_software.pdbx_ordinal 
DNA    'data collection' .                 ? 1 
PHASER phasing           .                 ? 2 
PHENIX refinement        '(phenix.refine)' ? 3 
XDS    'data reduction'  .                 ? 4 
XSCALE 'data scaling'    .                 ? 5 
# 
loop_
_pdbx_validate_torsion.id 
_pdbx_validate_torsion.PDB_model_num 
_pdbx_validate_torsion.auth_comp_id 
_pdbx_validate_torsion.auth_asym_id 
_pdbx_validate_torsion.auth_seq_id 
_pdbx_validate_torsion.PDB_ins_code 
_pdbx_validate_torsion.label_alt_id 
_pdbx_validate_torsion.phi 
_pdbx_validate_torsion.psi 
1 1 ARG A 109 ? ? 80.70   -5.96   
2 1 LYS A 170 ? ? 37.91   -135.97 
3 1 ASP A 174 ? ? -110.06 -164.53 
4 1 SER A 182 ? ? 66.17   -173.01 
5 1 ASN A 194 ? ? 47.86   -102.51 
6 1 ASN A 194 ? ? 47.86   -104.45 
7 1 SER A 210 ? ? -129.36 -145.50 
8 1 GLU A 271 ? ? -114.24 -162.24 
# 
loop_
_chem_comp_atom.comp_id 
_chem_comp_atom.atom_id 
_chem_comp_atom.type_symbol 
_chem_comp_atom.pdbx_aromatic_flag 
_chem_comp_atom.pdbx_stereo_config 
_chem_comp_atom.pdbx_ordinal 
ALA N    N  N N 1   
ALA CA   C  N S 2   
ALA C    C  N N 3   
ALA O    O  N N 4   
ALA CB   C  N N 5   
ALA OXT  O  N N 6   
ALA H    H  N N 7   
ALA H2   H  N N 8   
ALA HA   H  N N 9   
ALA HB1  H  N N 10  
ALA HB2  H  N N 11  
ALA HB3  H  N N 12  
ALA HXT  H  N N 13  
ARG N    N  N N 14  
ARG CA   C  N S 15  
ARG C    C  N N 16  
ARG O    O  N N 17  
ARG CB   C  N N 18  
ARG CG   C  N N 19  
ARG CD   C  N N 20  
ARG NE   N  N N 21  
ARG CZ   C  N N 22  
ARG NH1  N  N N 23  
ARG NH2  N  N N 24  
ARG OXT  O  N N 25  
ARG H    H  N N 26  
ARG H2   H  N N 27  
ARG HA   H  N N 28  
ARG HB2  H  N N 29  
ARG HB3  H  N N 30  
ARG HG2  H  N N 31  
ARG HG3  H  N N 32  
ARG HD2  H  N N 33  
ARG HD3  H  N N 34  
ARG HE   H  N N 35  
ARG HH11 H  N N 36  
ARG HH12 H  N N 37  
ARG HH21 H  N N 38  
ARG HH22 H  N N 39  
ARG HXT  H  N N 40  
ASN N    N  N N 41  
ASN CA   C  N S 42  
ASN C    C  N N 43  
ASN O    O  N N 44  
ASN CB   C  N N 45  
ASN CG   C  N N 46  
ASN OD1  O  N N 47  
ASN ND2  N  N N 48  
ASN OXT  O  N N 49  
ASN H    H  N N 50  
ASN H2   H  N N 51  
ASN HA   H  N N 52  
ASN HB2  H  N N 53  
ASN HB3  H  N N 54  
ASN HD21 H  N N 55  
ASN HD22 H  N N 56  
ASN HXT  H  N N 57  
ASP N    N  N N 58  
ASP CA   C  N S 59  
ASP C    C  N N 60  
ASP O    O  N N 61  
ASP CB   C  N N 62  
ASP CG   C  N N 63  
ASP OD1  O  N N 64  
ASP OD2  O  N N 65  
ASP OXT  O  N N 66  
ASP H    H  N N 67  
ASP H2   H  N N 68  
ASP HA   H  N N 69  
ASP HB2  H  N N 70  
ASP HB3  H  N N 71  
ASP HD2  H  N N 72  
ASP HXT  H  N N 73  
CA  CA   CA N N 74  
E3P C1   C  N N 75  
E3P N1   N  N N 76  
E3P C2   C  N N 77  
E3P O2   O  N N 78  
E3P C3   C  N N 79  
E3P N3   N  N N 80  
E3P C4   C  N S 81  
E3P C5   C  N N 82  
E3P O5   O  N N 83  
E3P C6   C  N N 84  
E3P O6   O  N N 85  
E3P C7   C  N N 86  
E3P O7   O  N N 87  
E3P C8   C  N N 88  
E3P C9   C  Y N 89  
E3P C10  C  Y N 90  
E3P C11  C  Y N 91  
E3P C12  C  Y N 92  
E3P C13  C  Y N 93  
E3P C14  C  Y N 94  
E3P C15  C  Y N 95  
E3P C16  C  Y N 96  
E3P C17  C  Y N 97  
E3P C19  C  Y N 98  
E3P C35  C  Y N 99  
E3P C36  C  Y N 100 
E3P C37  C  Y N 101 
E3P C38  C  Y N 102 
E3P C39  C  Y N 103 
E3P C40  C  Y N 104 
E3P C41  C  Y N 105 
E3P C42  C  Y N 106 
E3P HN1  H  N N 107 
E3P H2   H  N N 108 
E3P H2A  H  N N 109 
E3P H3   H  N N 110 
E3P H3A  H  N N 111 
E3P HN3  H  N N 112 
E3P HN3A H  N N 113 
E3P H4   H  N N 114 
E3P H7   H  N N 115 
E3P H7A  H  N N 116 
E3P HO7  H  N N 117 
E3P H8   H  N N 118 
E3P H8A  H  N N 119 
E3P H10  H  N N 120 
E3P H11  H  N N 121 
E3P H13  H  N N 122 
E3P H14  H  N N 123 
E3P H16  H  N N 124 
E3P H17  H  N N 125 
E3P H35  H  N N 126 
E3P H36  H  N N 127 
E3P H38  H  N N 128 
E3P H39  H  N N 129 
E3P H40  H  N N 130 
E3P H41  H  N N 131 
E3P H42  H  N N 132 
GLN N    N  N N 133 
GLN CA   C  N S 134 
GLN C    C  N N 135 
GLN O    O  N N 136 
GLN CB   C  N N 137 
GLN CG   C  N N 138 
GLN CD   C  N N 139 
GLN OE1  O  N N 140 
GLN NE2  N  N N 141 
GLN OXT  O  N N 142 
GLN H    H  N N 143 
GLN H2   H  N N 144 
GLN HA   H  N N 145 
GLN HB2  H  N N 146 
GLN HB3  H  N N 147 
GLN HG2  H  N N 148 
GLN HG3  H  N N 149 
GLN HE21 H  N N 150 
GLN HE22 H  N N 151 
GLN HXT  H  N N 152 
GLU N    N  N N 153 
GLU CA   C  N S 154 
GLU C    C  N N 155 
GLU O    O  N N 156 
GLU CB   C  N N 157 
GLU CG   C  N N 158 
GLU CD   C  N N 159 
GLU OE1  O  N N 160 
GLU OE2  O  N N 161 
GLU OXT  O  N N 162 
GLU H    H  N N 163 
GLU H2   H  N N 164 
GLU HA   H  N N 165 
GLU HB2  H  N N 166 
GLU HB3  H  N N 167 
GLU HG2  H  N N 168 
GLU HG3  H  N N 169 
GLU HE2  H  N N 170 
GLU HXT  H  N N 171 
GLY N    N  N N 172 
GLY CA   C  N N 173 
GLY C    C  N N 174 
GLY O    O  N N 175 
GLY OXT  O  N N 176 
GLY H    H  N N 177 
GLY H2   H  N N 178 
GLY HA2  H  N N 179 
GLY HA3  H  N N 180 
GLY HXT  H  N N 181 
HIS N    N  N N 182 
HIS CA   C  N S 183 
HIS C    C  N N 184 
HIS O    O  N N 185 
HIS CB   C  N N 186 
HIS CG   C  Y N 187 
HIS ND1  N  Y N 188 
HIS CD2  C  Y N 189 
HIS CE1  C  Y N 190 
HIS NE2  N  Y N 191 
HIS OXT  O  N N 192 
HIS H    H  N N 193 
HIS H2   H  N N 194 
HIS HA   H  N N 195 
HIS HB2  H  N N 196 
HIS HB3  H  N N 197 
HIS HD1  H  N N 198 
HIS HD2  H  N N 199 
HIS HE1  H  N N 200 
HIS HE2  H  N N 201 
HIS HXT  H  N N 202 
HOH O    O  N N 203 
HOH H1   H  N N 204 
HOH H2   H  N N 205 
ILE N    N  N N 206 
ILE CA   C  N S 207 
ILE C    C  N N 208 
ILE O    O  N N 209 
ILE CB   C  N S 210 
ILE CG1  C  N N 211 
ILE CG2  C  N N 212 
ILE CD1  C  N N 213 
ILE OXT  O  N N 214 
ILE H    H  N N 215 
ILE H2   H  N N 216 
ILE HA   H  N N 217 
ILE HB   H  N N 218 
ILE HG12 H  N N 219 
ILE HG13 H  N N 220 
ILE HG21 H  N N 221 
ILE HG22 H  N N 222 
ILE HG23 H  N N 223 
ILE HD11 H  N N 224 
ILE HD12 H  N N 225 
ILE HD13 H  N N 226 
ILE HXT  H  N N 227 
LEU N    N  N N 228 
LEU CA   C  N S 229 
LEU C    C  N N 230 
LEU O    O  N N 231 
LEU CB   C  N N 232 
LEU CG   C  N N 233 
LEU CD1  C  N N 234 
LEU CD2  C  N N 235 
LEU OXT  O  N N 236 
LEU H    H  N N 237 
LEU H2   H  N N 238 
LEU HA   H  N N 239 
LEU HB2  H  N N 240 
LEU HB3  H  N N 241 
LEU HG   H  N N 242 
LEU HD11 H  N N 243 
LEU HD12 H  N N 244 
LEU HD13 H  N N 245 
LEU HD21 H  N N 246 
LEU HD22 H  N N 247 
LEU HD23 H  N N 248 
LEU HXT  H  N N 249 
LYS N    N  N N 250 
LYS CA   C  N S 251 
LYS C    C  N N 252 
LYS O    O  N N 253 
LYS CB   C  N N 254 
LYS CG   C  N N 255 
LYS CD   C  N N 256 
LYS CE   C  N N 257 
LYS NZ   N  N N 258 
LYS OXT  O  N N 259 
LYS H    H  N N 260 
LYS H2   H  N N 261 
LYS HA   H  N N 262 
LYS HB2  H  N N 263 
LYS HB3  H  N N 264 
LYS HG2  H  N N 265 
LYS HG3  H  N N 266 
LYS HD2  H  N N 267 
LYS HD3  H  N N 268 
LYS HE2  H  N N 269 
LYS HE3  H  N N 270 
LYS HZ1  H  N N 271 
LYS HZ2  H  N N 272 
LYS HZ3  H  N N 273 
LYS HXT  H  N N 274 
MET N    N  N N 275 
MET CA   C  N S 276 
MET C    C  N N 277 
MET O    O  N N 278 
MET CB   C  N N 279 
MET CG   C  N N 280 
MET SD   S  N N 281 
MET CE   C  N N 282 
MET OXT  O  N N 283 
MET H    H  N N 284 
MET H2   H  N N 285 
MET HA   H  N N 286 
MET HB2  H  N N 287 
MET HB3  H  N N 288 
MET HG2  H  N N 289 
MET HG3  H  N N 290 
MET HE1  H  N N 291 
MET HE2  H  N N 292 
MET HE3  H  N N 293 
MET HXT  H  N N 294 
PEG C1   C  N N 295 
PEG O1   O  N N 296 
PEG C2   C  N N 297 
PEG O2   O  N N 298 
PEG C3   C  N N 299 
PEG C4   C  N N 300 
PEG O4   O  N N 301 
PEG H11  H  N N 302 
PEG H12  H  N N 303 
PEG HO1  H  N N 304 
PEG H21  H  N N 305 
PEG H22  H  N N 306 
PEG H31  H  N N 307 
PEG H32  H  N N 308 
PEG H41  H  N N 309 
PEG H42  H  N N 310 
PEG HO4  H  N N 311 
PHE N    N  N N 312 
PHE CA   C  N S 313 
PHE C    C  N N 314 
PHE O    O  N N 315 
PHE CB   C  N N 316 
PHE CG   C  Y N 317 
PHE CD1  C  Y N 318 
PHE CD2  C  Y N 319 
PHE CE1  C  Y N 320 
PHE CE2  C  Y N 321 
PHE CZ   C  Y N 322 
PHE OXT  O  N N 323 
PHE H    H  N N 324 
PHE H2   H  N N 325 
PHE HA   H  N N 326 
PHE HB2  H  N N 327 
PHE HB3  H  N N 328 
PHE HD1  H  N N 329 
PHE HD2  H  N N 330 
PHE HE1  H  N N 331 
PHE HE2  H  N N 332 
PHE HZ   H  N N 333 
PHE HXT  H  N N 334 
PRO N    N  N N 335 
PRO CA   C  N S 336 
PRO C    C  N N 337 
PRO O    O  N N 338 
PRO CB   C  N N 339 
PRO CG   C  N N 340 
PRO CD   C  N N 341 
PRO OXT  O  N N 342 
PRO H    H  N N 343 
PRO HA   H  N N 344 
PRO HB2  H  N N 345 
PRO HB3  H  N N 346 
PRO HG2  H  N N 347 
PRO HG3  H  N N 348 
PRO HD2  H  N N 349 
PRO HD3  H  N N 350 
PRO HXT  H  N N 351 
SER N    N  N N 352 
SER CA   C  N S 353 
SER C    C  N N 354 
SER O    O  N N 355 
SER CB   C  N N 356 
SER OG   O  N N 357 
SER OXT  O  N N 358 
SER H    H  N N 359 
SER H2   H  N N 360 
SER HA   H  N N 361 
SER HB2  H  N N 362 
SER HB3  H  N N 363 
SER HG   H  N N 364 
SER HXT  H  N N 365 
THR N    N  N N 366 
THR CA   C  N S 367 
THR C    C  N N 368 
THR O    O  N N 369 
THR CB   C  N R 370 
THR OG1  O  N N 371 
THR CG2  C  N N 372 
THR OXT  O  N N 373 
THR H    H  N N 374 
THR H2   H  N N 375 
THR HA   H  N N 376 
THR HB   H  N N 377 
THR HG1  H  N N 378 
THR HG21 H  N N 379 
THR HG22 H  N N 380 
THR HG23 H  N N 381 
THR HXT  H  N N 382 
TRP N    N  N N 383 
TRP CA   C  N S 384 
TRP C    C  N N 385 
TRP O    O  N N 386 
TRP CB   C  N N 387 
TRP CG   C  Y N 388 
TRP CD1  C  Y N 389 
TRP CD2  C  Y N 390 
TRP NE1  N  Y N 391 
TRP CE2  C  Y N 392 
TRP CE3  C  Y N 393 
TRP CZ2  C  Y N 394 
TRP CZ3  C  Y N 395 
TRP CH2  C  Y N 396 
TRP OXT  O  N N 397 
TRP H    H  N N 398 
TRP H2   H  N N 399 
TRP HA   H  N N 400 
TRP HB2  H  N N 401 
TRP HB3  H  N N 402 
TRP HD1  H  N N 403 
TRP HE1  H  N N 404 
TRP HE3  H  N N 405 
TRP HZ2  H  N N 406 
TRP HZ3  H  N N 407 
TRP HH2  H  N N 408 
TRP HXT  H  N N 409 
TYR N    N  N N 410 
TYR CA   C  N S 411 
TYR C    C  N N 412 
TYR O    O  N N 413 
TYR CB   C  N N 414 
TYR CG   C  Y N 415 
TYR CD1  C  Y N 416 
TYR CD2  C  Y N 417 
TYR CE1  C  Y N 418 
TYR CE2  C  Y N 419 
TYR CZ   C  Y N 420 
TYR OH   O  N N 421 
TYR OXT  O  N N 422 
TYR H    H  N N 423 
TYR H2   H  N N 424 
TYR HA   H  N N 425 
TYR HB2  H  N N 426 
TYR HB3  H  N N 427 
TYR HD1  H  N N 428 
TYR HD2  H  N N 429 
TYR HE1  H  N N 430 
TYR HE2  H  N N 431 
TYR HH   H  N N 432 
TYR HXT  H  N N 433 
VAL N    N  N N 434 
VAL CA   C  N S 435 
VAL C    C  N N 436 
VAL O    O  N N 437 
VAL CB   C  N N 438 
VAL CG1  C  N N 439 
VAL CG2  C  N N 440 
VAL OXT  O  N N 441 
VAL H    H  N N 442 
VAL H2   H  N N 443 
VAL HA   H  N N 444 
VAL HB   H  N N 445 
VAL HG11 H  N N 446 
VAL HG12 H  N N 447 
VAL HG13 H  N N 448 
VAL HG21 H  N N 449 
VAL HG22 H  N N 450 
VAL HG23 H  N N 451 
VAL HXT  H  N N 452 
ZN  ZN   ZN N N 453 
# 
loop_
_chem_comp_bond.comp_id 
_chem_comp_bond.atom_id_1 
_chem_comp_bond.atom_id_2 
_chem_comp_bond.value_order 
_chem_comp_bond.pdbx_aromatic_flag 
_chem_comp_bond.pdbx_stereo_config 
_chem_comp_bond.pdbx_ordinal 
ALA N   CA   sing N N 1   
ALA N   H    sing N N 2   
ALA N   H2   sing N N 3   
ALA CA  C    sing N N 4   
ALA CA  CB   sing N N 5   
ALA CA  HA   sing N N 6   
ALA C   O    doub N N 7   
ALA C   OXT  sing N N 8   
ALA CB  HB1  sing N N 9   
ALA CB  HB2  sing N N 10  
ALA CB  HB3  sing N N 11  
ALA OXT HXT  sing N N 12  
ARG N   CA   sing N N 13  
ARG N   H    sing N N 14  
ARG N   H2   sing N N 15  
ARG CA  C    sing N N 16  
ARG CA  CB   sing N N 17  
ARG CA  HA   sing N N 18  
ARG C   O    doub N N 19  
ARG C   OXT  sing N N 20  
ARG CB  CG   sing N N 21  
ARG CB  HB2  sing N N 22  
ARG CB  HB3  sing N N 23  
ARG CG  CD   sing N N 24  
ARG CG  HG2  sing N N 25  
ARG CG  HG3  sing N N 26  
ARG CD  NE   sing N N 27  
ARG CD  HD2  sing N N 28  
ARG CD  HD3  sing N N 29  
ARG NE  CZ   sing N N 30  
ARG NE  HE   sing N N 31  
ARG CZ  NH1  sing N N 32  
ARG CZ  NH2  doub N N 33  
ARG NH1 HH11 sing N N 34  
ARG NH1 HH12 sing N N 35  
ARG NH2 HH21 sing N N 36  
ARG NH2 HH22 sing N N 37  
ARG OXT HXT  sing N N 38  
ASN N   CA   sing N N 39  
ASN N   H    sing N N 40  
ASN N   H2   sing N N 41  
ASN CA  C    sing N N 42  
ASN CA  CB   sing N N 43  
ASN CA  HA   sing N N 44  
ASN C   O    doub N N 45  
ASN C   OXT  sing N N 46  
ASN CB  CG   sing N N 47  
ASN CB  HB2  sing N N 48  
ASN CB  HB3  sing N N 49  
ASN CG  OD1  doub N N 50  
ASN CG  ND2  sing N N 51  
ASN ND2 HD21 sing N N 52  
ASN ND2 HD22 sing N N 53  
ASN OXT HXT  sing N N 54  
ASP N   CA   sing N N 55  
ASP N   H    sing N N 56  
ASP N   H2   sing N N 57  
ASP CA  C    sing N N 58  
ASP CA  CB   sing N N 59  
ASP CA  HA   sing N N 60  
ASP C   O    doub N N 61  
ASP C   OXT  sing N N 62  
ASP CB  CG   sing N N 63  
ASP CB  HB2  sing N N 64  
ASP CB  HB3  sing N N 65  
ASP CG  OD1  doub N N 66  
ASP CG  OD2  sing N N 67  
ASP OD2 HD2  sing N N 68  
ASP OXT HXT  sing N N 69  
E3P C2  C1   sing N N 70  
E3P C1  O6   doub N N 71  
E3P C1  O7   sing N N 72  
E3P C6  N1   sing N N 73  
E3P C4  N1   sing N N 74  
E3P N1  HN1  sing N N 75  
E3P C3  C2   sing N N 76  
E3P C2  H2   sing N N 77  
E3P C2  H2A  sing N N 78  
E3P O2  C6   doub N N 79  
E3P C4  C3   sing N N 80  
E3P C3  H3   sing N N 81  
E3P C3  H3A  sing N N 82  
E3P N3  C5   sing N N 83  
E3P N3  HN3  sing N N 84  
E3P N3  HN3A sing N N 85  
E3P C5  C4   sing N N 86  
E3P C4  H4   sing N N 87  
E3P C5  O5   doub N N 88  
E3P C6  C7   sing N N 89  
E3P C7  C8   sing N N 90  
E3P C7  H7   sing N N 91  
E3P C7  H7A  sing N N 92  
E3P O7  HO7  sing N N 93  
E3P C8  C9   sing N N 94  
E3P C8  H8   sing N N 95  
E3P C8  H8A  sing N N 96  
E3P C10 C9   doub Y N 97  
E3P C9  C14  sing Y N 98  
E3P C10 C11  sing Y N 99  
E3P C10 H10  sing N N 100 
E3P C11 C12  doub Y N 101 
E3P C11 H11  sing N N 102 
E3P C12 C13  sing Y N 103 
E3P C12 C19  sing N N 104 
E3P C14 C13  doub Y N 105 
E3P C13 H13  sing N N 106 
E3P C14 H14  sing N N 107 
E3P C36 C15  doub Y N 108 
E3P C15 C16  sing Y N 109 
E3P C15 C37  sing N N 110 
E3P C17 C16  doub Y N 111 
E3P C16 H16  sing N N 112 
E3P C19 C17  sing Y N 113 
E3P C17 H17  sing N N 114 
E3P C35 C19  doub Y N 115 
E3P C35 C36  sing Y N 116 
E3P C35 H35  sing N N 117 
E3P C36 H36  sing N N 118 
E3P C38 C37  doub Y N 119 
E3P C37 C42  sing Y N 120 
E3P C38 C39  sing Y N 121 
E3P C38 H38  sing N N 122 
E3P C39 C40  doub Y N 123 
E3P C39 H39  sing N N 124 
E3P C40 C41  sing Y N 125 
E3P C40 H40  sing N N 126 
E3P C42 C41  doub Y N 127 
E3P C41 H41  sing N N 128 
E3P C42 H42  sing N N 129 
GLN N   CA   sing N N 130 
GLN N   H    sing N N 131 
GLN N   H2   sing N N 132 
GLN CA  C    sing N N 133 
GLN CA  CB   sing N N 134 
GLN CA  HA   sing N N 135 
GLN C   O    doub N N 136 
GLN C   OXT  sing N N 137 
GLN CB  CG   sing N N 138 
GLN CB  HB2  sing N N 139 
GLN CB  HB3  sing N N 140 
GLN CG  CD   sing N N 141 
GLN CG  HG2  sing N N 142 
GLN CG  HG3  sing N N 143 
GLN CD  OE1  doub N N 144 
GLN CD  NE2  sing N N 145 
GLN NE2 HE21 sing N N 146 
GLN NE2 HE22 sing N N 147 
GLN OXT HXT  sing N N 148 
GLU N   CA   sing N N 149 
GLU N   H    sing N N 150 
GLU N   H2   sing N N 151 
GLU CA  C    sing N N 152 
GLU CA  CB   sing N N 153 
GLU CA  HA   sing N N 154 
GLU C   O    doub N N 155 
GLU C   OXT  sing N N 156 
GLU CB  CG   sing N N 157 
GLU CB  HB2  sing N N 158 
GLU CB  HB3  sing N N 159 
GLU CG  CD   sing N N 160 
GLU CG  HG2  sing N N 161 
GLU CG  HG3  sing N N 162 
GLU CD  OE1  doub N N 163 
GLU CD  OE2  sing N N 164 
GLU OE2 HE2  sing N N 165 
GLU OXT HXT  sing N N 166 
GLY N   CA   sing N N 167 
GLY N   H    sing N N 168 
GLY N   H2   sing N N 169 
GLY CA  C    sing N N 170 
GLY CA  HA2  sing N N 171 
GLY CA  HA3  sing N N 172 
GLY C   O    doub N N 173 
GLY C   OXT  sing N N 174 
GLY OXT HXT  sing N N 175 
HIS N   CA   sing N N 176 
HIS N   H    sing N N 177 
HIS N   H2   sing N N 178 
HIS CA  C    sing N N 179 
HIS CA  CB   sing N N 180 
HIS CA  HA   sing N N 181 
HIS C   O    doub N N 182 
HIS C   OXT  sing N N 183 
HIS CB  CG   sing N N 184 
HIS CB  HB2  sing N N 185 
HIS CB  HB3  sing N N 186 
HIS CG  ND1  sing Y N 187 
HIS CG  CD2  doub Y N 188 
HIS ND1 CE1  doub Y N 189 
HIS ND1 HD1  sing N N 190 
HIS CD2 NE2  sing Y N 191 
HIS CD2 HD2  sing N N 192 
HIS CE1 NE2  sing Y N 193 
HIS CE1 HE1  sing N N 194 
HIS NE2 HE2  sing N N 195 
HIS OXT HXT  sing N N 196 
HOH O   H1   sing N N 197 
HOH O   H2   sing N N 198 
ILE N   CA   sing N N 199 
ILE N   H    sing N N 200 
ILE N   H2   sing N N 201 
ILE CA  C    sing N N 202 
ILE CA  CB   sing N N 203 
ILE CA  HA   sing N N 204 
ILE C   O    doub N N 205 
ILE C   OXT  sing N N 206 
ILE CB  CG1  sing N N 207 
ILE CB  CG2  sing N N 208 
ILE CB  HB   sing N N 209 
ILE CG1 CD1  sing N N 210 
ILE CG1 HG12 sing N N 211 
ILE CG1 HG13 sing N N 212 
ILE CG2 HG21 sing N N 213 
ILE CG2 HG22 sing N N 214 
ILE CG2 HG23 sing N N 215 
ILE CD1 HD11 sing N N 216 
ILE CD1 HD12 sing N N 217 
ILE CD1 HD13 sing N N 218 
ILE OXT HXT  sing N N 219 
LEU N   CA   sing N N 220 
LEU N   H    sing N N 221 
LEU N   H2   sing N N 222 
LEU CA  C    sing N N 223 
LEU CA  CB   sing N N 224 
LEU CA  HA   sing N N 225 
LEU C   O    doub N N 226 
LEU C   OXT  sing N N 227 
LEU CB  CG   sing N N 228 
LEU CB  HB2  sing N N 229 
LEU CB  HB3  sing N N 230 
LEU CG  CD1  sing N N 231 
LEU CG  CD2  sing N N 232 
LEU CG  HG   sing N N 233 
LEU CD1 HD11 sing N N 234 
LEU CD1 HD12 sing N N 235 
LEU CD1 HD13 sing N N 236 
LEU CD2 HD21 sing N N 237 
LEU CD2 HD22 sing N N 238 
LEU CD2 HD23 sing N N 239 
LEU OXT HXT  sing N N 240 
LYS N   CA   sing N N 241 
LYS N   H    sing N N 242 
LYS N   H2   sing N N 243 
LYS CA  C    sing N N 244 
LYS CA  CB   sing N N 245 
LYS CA  HA   sing N N 246 
LYS C   O    doub N N 247 
LYS C   OXT  sing N N 248 
LYS CB  CG   sing N N 249 
LYS CB  HB2  sing N N 250 
LYS CB  HB3  sing N N 251 
LYS CG  CD   sing N N 252 
LYS CG  HG2  sing N N 253 
LYS CG  HG3  sing N N 254 
LYS CD  CE   sing N N 255 
LYS CD  HD2  sing N N 256 
LYS CD  HD3  sing N N 257 
LYS CE  NZ   sing N N 258 
LYS CE  HE2  sing N N 259 
LYS CE  HE3  sing N N 260 
LYS NZ  HZ1  sing N N 261 
LYS NZ  HZ2  sing N N 262 
LYS NZ  HZ3  sing N N 263 
LYS OXT HXT  sing N N 264 
MET N   CA   sing N N 265 
MET N   H    sing N N 266 
MET N   H2   sing N N 267 
MET CA  C    sing N N 268 
MET CA  CB   sing N N 269 
MET CA  HA   sing N N 270 
MET C   O    doub N N 271 
MET C   OXT  sing N N 272 
MET CB  CG   sing N N 273 
MET CB  HB2  sing N N 274 
MET CB  HB3  sing N N 275 
MET CG  SD   sing N N 276 
MET CG  HG2  sing N N 277 
MET CG  HG3  sing N N 278 
MET SD  CE   sing N N 279 
MET CE  HE1  sing N N 280 
MET CE  HE2  sing N N 281 
MET CE  HE3  sing N N 282 
MET OXT HXT  sing N N 283 
PEG C1  O1   sing N N 284 
PEG C1  C2   sing N N 285 
PEG C1  H11  sing N N 286 
PEG C1  H12  sing N N 287 
PEG O1  HO1  sing N N 288 
PEG C2  O2   sing N N 289 
PEG C2  H21  sing N N 290 
PEG C2  H22  sing N N 291 
PEG O2  C3   sing N N 292 
PEG C3  C4   sing N N 293 
PEG C3  H31  sing N N 294 
PEG C3  H32  sing N N 295 
PEG C4  O4   sing N N 296 
PEG C4  H41  sing N N 297 
PEG C4  H42  sing N N 298 
PEG O4  HO4  sing N N 299 
PHE N   CA   sing N N 300 
PHE N   H    sing N N 301 
PHE N   H2   sing N N 302 
PHE CA  C    sing N N 303 
PHE CA  CB   sing N N 304 
PHE CA  HA   sing N N 305 
PHE C   O    doub N N 306 
PHE C   OXT  sing N N 307 
PHE CB  CG   sing N N 308 
PHE CB  HB2  sing N N 309 
PHE CB  HB3  sing N N 310 
PHE CG  CD1  doub Y N 311 
PHE CG  CD2  sing Y N 312 
PHE CD1 CE1  sing Y N 313 
PHE CD1 HD1  sing N N 314 
PHE CD2 CE2  doub Y N 315 
PHE CD2 HD2  sing N N 316 
PHE CE1 CZ   doub Y N 317 
PHE CE1 HE1  sing N N 318 
PHE CE2 CZ   sing Y N 319 
PHE CE2 HE2  sing N N 320 
PHE CZ  HZ   sing N N 321 
PHE OXT HXT  sing N N 322 
PRO N   CA   sing N N 323 
PRO N   CD   sing N N 324 
PRO N   H    sing N N 325 
PRO CA  C    sing N N 326 
PRO CA  CB   sing N N 327 
PRO CA  HA   sing N N 328 
PRO C   O    doub N N 329 
PRO C   OXT  sing N N 330 
PRO CB  CG   sing N N 331 
PRO CB  HB2  sing N N 332 
PRO CB  HB3  sing N N 333 
PRO CG  CD   sing N N 334 
PRO CG  HG2  sing N N 335 
PRO CG  HG3  sing N N 336 
PRO CD  HD2  sing N N 337 
PRO CD  HD3  sing N N 338 
PRO OXT HXT  sing N N 339 
SER N   CA   sing N N 340 
SER N   H    sing N N 341 
SER N   H2   sing N N 342 
SER CA  C    sing N N 343 
SER CA  CB   sing N N 344 
SER CA  HA   sing N N 345 
SER C   O    doub N N 346 
SER C   OXT  sing N N 347 
SER CB  OG   sing N N 348 
SER CB  HB2  sing N N 349 
SER CB  HB3  sing N N 350 
SER OG  HG   sing N N 351 
SER OXT HXT  sing N N 352 
THR N   CA   sing N N 353 
THR N   H    sing N N 354 
THR N   H2   sing N N 355 
THR CA  C    sing N N 356 
THR CA  CB   sing N N 357 
THR CA  HA   sing N N 358 
THR C   O    doub N N 359 
THR C   OXT  sing N N 360 
THR CB  OG1  sing N N 361 
THR CB  CG2  sing N N 362 
THR CB  HB   sing N N 363 
THR OG1 HG1  sing N N 364 
THR CG2 HG21 sing N N 365 
THR CG2 HG22 sing N N 366 
THR CG2 HG23 sing N N 367 
THR OXT HXT  sing N N 368 
TRP N   CA   sing N N 369 
TRP N   H    sing N N 370 
TRP N   H2   sing N N 371 
TRP CA  C    sing N N 372 
TRP CA  CB   sing N N 373 
TRP CA  HA   sing N N 374 
TRP C   O    doub N N 375 
TRP C   OXT  sing N N 376 
TRP CB  CG   sing N N 377 
TRP CB  HB2  sing N N 378 
TRP CB  HB3  sing N N 379 
TRP CG  CD1  doub Y N 380 
TRP CG  CD2  sing Y N 381 
TRP CD1 NE1  sing Y N 382 
TRP CD1 HD1  sing N N 383 
TRP CD2 CE2  doub Y N 384 
TRP CD2 CE3  sing Y N 385 
TRP NE1 CE2  sing Y N 386 
TRP NE1 HE1  sing N N 387 
TRP CE2 CZ2  sing Y N 388 
TRP CE3 CZ3  doub Y N 389 
TRP CE3 HE3  sing N N 390 
TRP CZ2 CH2  doub Y N 391 
TRP CZ2 HZ2  sing N N 392 
TRP CZ3 CH2  sing Y N 393 
TRP CZ3 HZ3  sing N N 394 
TRP CH2 HH2  sing N N 395 
TRP OXT HXT  sing N N 396 
TYR N   CA   sing N N 397 
TYR N   H    sing N N 398 
TYR N   H2   sing N N 399 
TYR CA  C    sing N N 400 
TYR CA  CB   sing N N 401 
TYR CA  HA   sing N N 402 
TYR C   O    doub N N 403 
TYR C   OXT  sing N N 404 
TYR CB  CG   sing N N 405 
TYR CB  HB2  sing N N 406 
TYR CB  HB3  sing N N 407 
TYR CG  CD1  doub Y N 408 
TYR CG  CD2  sing Y N 409 
TYR CD1 CE1  sing Y N 410 
TYR CD1 HD1  sing N N 411 
TYR CD2 CE2  doub Y N 412 
TYR CD2 HD2  sing N N 413 
TYR CE1 CZ   doub Y N 414 
TYR CE1 HE1  sing N N 415 
TYR CE2 CZ   sing Y N 416 
TYR CE2 HE2  sing N N 417 
TYR CZ  OH   sing N N 418 
TYR OH  HH   sing N N 419 
TYR OXT HXT  sing N N 420 
VAL N   CA   sing N N 421 
VAL N   H    sing N N 422 
VAL N   H2   sing N N 423 
VAL CA  C    sing N N 424 
VAL CA  CB   sing N N 425 
VAL CA  HA   sing N N 426 
VAL C   O    doub N N 427 
VAL C   OXT  sing N N 428 
VAL CB  CG1  sing N N 429 
VAL CB  CG2  sing N N 430 
VAL CB  HB   sing N N 431 
VAL CG1 HG11 sing N N 432 
VAL CG1 HG12 sing N N 433 
VAL CG1 HG13 sing N N 434 
VAL CG2 HG21 sing N N 435 
VAL CG2 HG22 sing N N 436 
VAL CG2 HG23 sing N N 437 
VAL OXT HXT  sing N N 438 
# 
loop_
_pdbx_entity_nonpoly.entity_id 
_pdbx_entity_nonpoly.name 
_pdbx_entity_nonpoly.comp_id 
2 'ZINC ION'                                                         ZN  
3 'CALCIUM ION'                                                      CA  
4 "N~2~-[3-(1,1':4',1''-terphenyl-4-yl)propanoyl]-L-alpha-glutamine" E3P 
5 'DI(HYDROXYETHYL)ETHER'                                            PEG 
6 water                                                              HOH 
# 
_pdbx_initial_refinement_model.id               1 
_pdbx_initial_refinement_model.entity_id_list   ? 
_pdbx_initial_refinement_model.type             'experimental model' 
_pdbx_initial_refinement_model.source_name      PDB 
_pdbx_initial_refinement_model.accession_code   3QJ2 
_pdbx_initial_refinement_model.details          '3QJ2 catalytic domain only (Chain A)' 
# 
